data_4U5X
# 
_entry.id   4U5X 
# 
_audit_conform.dict_name       mmcif_pdbx.dic 
_audit_conform.dict_version    5.380 
_audit_conform.dict_location   http://mmcif.pdb.org/dictionaries/ascii/mmcif_pdbx.dic 
# 
loop_
_database_2.database_id 
_database_2.database_code 
_database_2.pdbx_database_accession 
_database_2.pdbx_DOI 
PDB   4U5X         pdb_00004u5x 10.2210/pdb4u5x/pdb 
WWPDB D_1000201112 ?            ?                   
# 
_pdbx_database_status.status_code                     REL 
_pdbx_database_status.status_code_sf                  REL 
_pdbx_database_status.status_code_mr                  ? 
_pdbx_database_status.entry_id                        4U5X 
_pdbx_database_status.recvd_initial_deposition_date   2014-07-25 
_pdbx_database_status.SG_entry                        N 
_pdbx_database_status.deposit_site                    RCSB 
_pdbx_database_status.process_site                    PDBJ 
_pdbx_database_status.status_code_cs                  ? 
_pdbx_database_status.methods_development_category    ? 
_pdbx_database_status.pdb_format_compatible           Y 
_pdbx_database_status.status_code_nmr_data            ? 
# 
loop_
_audit_author.name 
_audit_author.pdbx_ordinal 
'Ohki, I.'      1 
'Kosami, K.'    2 
'Fujiwara, T.'  3 
'Nakagawa, A.'  4 
'Shimamoto, K.' 5 
'Kojima, C.'    6 
# 
_citation.abstract                  ? 
_citation.abstract_id_CAS           ? 
_citation.book_id_ISBN              ? 
_citation.book_publisher            ? 
_citation.book_publisher_city       ? 
_citation.book_title                ? 
_citation.coordinate_linkage        ? 
_citation.country                   US 
_citation.database_id_Medline       ? 
_citation.details                   ? 
_citation.id                        primary 
_citation.journal_abbrev            J.Biol.Chem. 
_citation.journal_id_ASTM           JBCHA3 
_citation.journal_id_CSD            0071 
_citation.journal_id_ISSN           1083-351X 
_citation.journal_full              ? 
_citation.journal_issue             ? 
_citation.journal_volume            289 
_citation.language                  ? 
_citation.page_first                28569 
_citation.page_last                 28578 
_citation.title                     
'The Crystal Structure of the Plant Small GTPase OsRac1 Reveals Its Mode of Binding to NADPH Oxidase' 
_citation.year                      2014 
_citation.database_id_CSD           ? 
_citation.pdbx_database_id_DOI      10.1074/jbc.M114.603282 
_citation.pdbx_database_id_PubMed   25128531 
_citation.unpublished_flag          ? 
# 
loop_
_citation_author.citation_id 
_citation_author.name 
_citation_author.ordinal 
_citation_author.identifier_ORCID 
primary 'Kosami, K.'    1  ? 
primary 'Ohki, I.'      2  ? 
primary 'Nagano, M.'    3  ? 
primary 'Furuita, K.'   4  ? 
primary 'Sugiki, T.'    5  ? 
primary 'Kawano, Y.'    6  ? 
primary 'Kawasaki, T.'  7  ? 
primary 'Fujiwara, T.'  8  ? 
primary 'Nakagawa, A.'  9  ? 
primary 'Shimamoto, K.' 10 ? 
primary 'Kojima, C.'    11 ? 
# 
_cell.entry_id           4U5X 
_cell.length_a           36.755 
_cell.length_b           59.087 
_cell.length_c           64.393 
_cell.angle_alpha        90.00 
_cell.angle_beta         90.00 
_cell.angle_gamma        90.00 
_cell.Z_PDB              4 
_cell.pdbx_unique_axis   ? 
# 
_symmetry.entry_id                         4U5X 
_symmetry.cell_setting                     ? 
_symmetry.Int_Tables_number                19 
_symmetry.space_group_name_Hall            ? 
_symmetry.space_group_name_H-M             'P 21 21 21' 
_symmetry.pdbx_full_space_group_name_H-M   ? 
# 
loop_
_entity.id 
_entity.type 
_entity.src_method 
_entity.pdbx_description 
_entity.formula_weight 
_entity.pdbx_number_of_molecules 
_entity.pdbx_ec 
_entity.pdbx_mutation 
_entity.pdbx_fragment 
_entity.details 
1 polymer     man 'Rac-like GTP-binding protein 1'              19687.576 1  ? 'C32S, Q68L' 'UNP residues 8-183' ? 
2 non-polymer syn 'PHOSPHOAMINOPHOSPHONIC ACID-GUANYLATE ESTER' 522.196   1  ? ?            ?                    ? 
3 non-polymer syn 'MAGNESIUM ION'                               24.305    1  ? ?            ?                    ? 
4 non-polymer syn GLYCEROL                                      92.094    3  ? ?            ?                    ? 
5 water       nat water                                         18.015    90 ? ?            ?                    ? 
# 
_entity_name_com.entity_id   1 
_entity_name_com.name        OsRac1 
# 
_entity_poly.entity_id                      1 
_entity_poly.type                           'polypeptide(L)' 
_entity_poly.nstd_linkage                   no 
_entity_poly.nstd_monomer                   no 
_entity_poly.pdbx_seq_one_letter_code       
;GSTRFIKCVTVGDGAVGKTCMLICYTSNKFPTDYIPTVFDNFSANVSVDGSVVNLGLWDTAGLEDYSRLRPLSYRGADVF
ILSFSLISRASYENVQKKWMPELRRFAPGVPVVLVGTKLDLREDRAYLADHPASSIITTEQGEELRKLIGAVAYIECSSK
TQRNIKAVFDTAIKVVLQ
;
_entity_poly.pdbx_seq_one_letter_code_can   
;GSTRFIKCVTVGDGAVGKTCMLICYTSNKFPTDYIPTVFDNFSANVSVDGSVVNLGLWDTAGLEDYSRLRPLSYRGADVF
ILSFSLISRASYENVQKKWMPELRRFAPGVPVVLVGTKLDLREDRAYLADHPASSIITTEQGEELRKLIGAVAYIECSSK
TQRNIKAVFDTAIKVVLQ
;
_entity_poly.pdbx_strand_id                 A 
_entity_poly.pdbx_target_identifier         ? 
# 
loop_
_entity_poly_seq.entity_id 
_entity_poly_seq.num 
_entity_poly_seq.mon_id 
_entity_poly_seq.hetero 
1 1   GLY n 
1 2   SER n 
1 3   THR n 
1 4   ARG n 
1 5   PHE n 
1 6   ILE n 
1 7   LYS n 
1 8   CYS n 
1 9   VAL n 
1 10  THR n 
1 11  VAL n 
1 12  GLY n 
1 13  ASP n 
1 14  GLY n 
1 15  ALA n 
1 16  VAL n 
1 17  GLY n 
1 18  LYS n 
1 19  THR n 
1 20  CYS n 
1 21  MET n 
1 22  LEU n 
1 23  ILE n 
1 24  CYS n 
1 25  TYR n 
1 26  THR n 
1 27  SER n 
1 28  ASN n 
1 29  LYS n 
1 30  PHE n 
1 31  PRO n 
1 32  THR n 
1 33  ASP n 
1 34  TYR n 
1 35  ILE n 
1 36  PRO n 
1 37  THR n 
1 38  VAL n 
1 39  PHE n 
1 40  ASP n 
1 41  ASN n 
1 42  PHE n 
1 43  SER n 
1 44  ALA n 
1 45  ASN n 
1 46  VAL n 
1 47  SER n 
1 48  VAL n 
1 49  ASP n 
1 50  GLY n 
1 51  SER n 
1 52  VAL n 
1 53  VAL n 
1 54  ASN n 
1 55  LEU n 
1 56  GLY n 
1 57  LEU n 
1 58  TRP n 
1 59  ASP n 
1 60  THR n 
1 61  ALA n 
1 62  GLY n 
1 63  LEU n 
1 64  GLU n 
1 65  ASP n 
1 66  TYR n 
1 67  SER n 
1 68  ARG n 
1 69  LEU n 
1 70  ARG n 
1 71  PRO n 
1 72  LEU n 
1 73  SER n 
1 74  TYR n 
1 75  ARG n 
1 76  GLY n 
1 77  ALA n 
1 78  ASP n 
1 79  VAL n 
1 80  PHE n 
1 81  ILE n 
1 82  LEU n 
1 83  SER n 
1 84  PHE n 
1 85  SER n 
1 86  LEU n 
1 87  ILE n 
1 88  SER n 
1 89  ARG n 
1 90  ALA n 
1 91  SER n 
1 92  TYR n 
1 93  GLU n 
1 94  ASN n 
1 95  VAL n 
1 96  GLN n 
1 97  LYS n 
1 98  LYS n 
1 99  TRP n 
1 100 MET n 
1 101 PRO n 
1 102 GLU n 
1 103 LEU n 
1 104 ARG n 
1 105 ARG n 
1 106 PHE n 
1 107 ALA n 
1 108 PRO n 
1 109 GLY n 
1 110 VAL n 
1 111 PRO n 
1 112 VAL n 
1 113 VAL n 
1 114 LEU n 
1 115 VAL n 
1 116 GLY n 
1 117 THR n 
1 118 LYS n 
1 119 LEU n 
1 120 ASP n 
1 121 LEU n 
1 122 ARG n 
1 123 GLU n 
1 124 ASP n 
1 125 ARG n 
1 126 ALA n 
1 127 TYR n 
1 128 LEU n 
1 129 ALA n 
1 130 ASP n 
1 131 HIS n 
1 132 PRO n 
1 133 ALA n 
1 134 SER n 
1 135 SER n 
1 136 ILE n 
1 137 ILE n 
1 138 THR n 
1 139 THR n 
1 140 GLU n 
1 141 GLN n 
1 142 GLY n 
1 143 GLU n 
1 144 GLU n 
1 145 LEU n 
1 146 ARG n 
1 147 LYS n 
1 148 LEU n 
1 149 ILE n 
1 150 GLY n 
1 151 ALA n 
1 152 VAL n 
1 153 ALA n 
1 154 TYR n 
1 155 ILE n 
1 156 GLU n 
1 157 CYS n 
1 158 SER n 
1 159 SER n 
1 160 LYS n 
1 161 THR n 
1 162 GLN n 
1 163 ARG n 
1 164 ASN n 
1 165 ILE n 
1 166 LYS n 
1 167 ALA n 
1 168 VAL n 
1 169 PHE n 
1 170 ASP n 
1 171 THR n 
1 172 ALA n 
1 173 ILE n 
1 174 LYS n 
1 175 VAL n 
1 176 VAL n 
1 177 LEU n 
1 178 GLN n 
# 
_entity_src_gen.entity_id                          1 
_entity_src_gen.pdbx_src_id                        1 
_entity_src_gen.pdbx_alt_source_flag               sample 
_entity_src_gen.pdbx_seq_type                      'Biological sequence' 
_entity_src_gen.pdbx_beg_seq_num                   1 
_entity_src_gen.pdbx_end_seq_num                   178 
_entity_src_gen.gene_src_common_name               Rice 
_entity_src_gen.gene_src_genus                     ? 
_entity_src_gen.pdbx_gene_src_gene                 'RAC1, Os01g0229400, LOC_Os01g12900' 
_entity_src_gen.gene_src_species                   ? 
_entity_src_gen.gene_src_strain                    ? 
_entity_src_gen.gene_src_tissue                    ? 
_entity_src_gen.gene_src_tissue_fraction           ? 
_entity_src_gen.gene_src_details                   ? 
_entity_src_gen.pdbx_gene_src_fragment             ? 
_entity_src_gen.pdbx_gene_src_scientific_name      'Oryza sativa subsp. japonica' 
_entity_src_gen.pdbx_gene_src_ncbi_taxonomy_id     39947 
_entity_src_gen.pdbx_gene_src_variant              ? 
_entity_src_gen.pdbx_gene_src_cell_line            ? 
_entity_src_gen.pdbx_gene_src_atcc                 ? 
_entity_src_gen.pdbx_gene_src_organ                ? 
_entity_src_gen.pdbx_gene_src_organelle            ? 
_entity_src_gen.pdbx_gene_src_cell                 ? 
_entity_src_gen.pdbx_gene_src_cellular_location    ? 
_entity_src_gen.host_org_common_name               ? 
_entity_src_gen.pdbx_host_org_scientific_name      'Escherichia coli BL21' 
_entity_src_gen.pdbx_host_org_ncbi_taxonomy_id     511693 
_entity_src_gen.host_org_genus                     ? 
_entity_src_gen.pdbx_host_org_gene                 ? 
_entity_src_gen.pdbx_host_org_organ                ? 
_entity_src_gen.host_org_species                   ? 
_entity_src_gen.pdbx_host_org_tissue               ? 
_entity_src_gen.pdbx_host_org_tissue_fraction      ? 
_entity_src_gen.pdbx_host_org_strain               ? 
_entity_src_gen.pdbx_host_org_variant              ? 
_entity_src_gen.pdbx_host_org_cell_line            ? 
_entity_src_gen.pdbx_host_org_atcc                 ? 
_entity_src_gen.pdbx_host_org_culture_collection   ? 
_entity_src_gen.pdbx_host_org_cell                 ? 
_entity_src_gen.pdbx_host_org_organelle            ? 
_entity_src_gen.pdbx_host_org_cellular_location    ? 
_entity_src_gen.pdbx_host_org_vector_type          plasmid 
_entity_src_gen.pdbx_host_org_vector               ? 
_entity_src_gen.host_org_details                   ? 
_entity_src_gen.expression_system_id               ? 
_entity_src_gen.plasmid_name                       pGEX-6P3 
_entity_src_gen.plasmid_details                    ? 
_entity_src_gen.pdbx_description                   ? 
# 
_struct_ref.id                         1 
_struct_ref.db_name                    UNP 
_struct_ref.db_code                    RAC1_ORYSJ 
_struct_ref.pdbx_db_accession          Q9SSX0 
_struct_ref.entity_id                  1 
_struct_ref.pdbx_seq_one_letter_code   
;TRFIKCVTVGDGAVGKTCMLICYTCNKFPTDYIPTVFDNFSANVSVDGSVVNLGLWDTAGQEDYSRLRPLSYRGADVFIL
SFSLISRASYENVQKKWMPELRRFAPGVPVVLVGTKLDLREDRAYLADHPASSIITTEQGEELRKLIGAVAYIECSSKTQ
RNIKAVFDTAIKVVLQ
;
_struct_ref.pdbx_align_begin           8 
_struct_ref.pdbx_db_isoform            ? 
# 
_struct_ref_seq.align_id                      1 
_struct_ref_seq.ref_id                        1 
_struct_ref_seq.pdbx_PDB_id_code              4U5X 
_struct_ref_seq.pdbx_strand_id                A 
_struct_ref_seq.seq_align_beg                 3 
_struct_ref_seq.pdbx_seq_align_beg_ins_code   ? 
_struct_ref_seq.seq_align_end                 178 
_struct_ref_seq.pdbx_seq_align_end_ins_code   ? 
_struct_ref_seq.pdbx_db_accession             Q9SSX0 
_struct_ref_seq.db_align_beg                  8 
_struct_ref_seq.pdbx_db_align_beg_ins_code    ? 
_struct_ref_seq.db_align_end                  183 
_struct_ref_seq.pdbx_db_align_end_ins_code    ? 
_struct_ref_seq.pdbx_auth_seq_align_beg       8 
_struct_ref_seq.pdbx_auth_seq_align_end       183 
# 
loop_
_struct_ref_seq_dif.align_id 
_struct_ref_seq_dif.pdbx_pdb_id_code 
_struct_ref_seq_dif.mon_id 
_struct_ref_seq_dif.pdbx_pdb_strand_id 
_struct_ref_seq_dif.seq_num 
_struct_ref_seq_dif.pdbx_pdb_ins_code 
_struct_ref_seq_dif.pdbx_seq_db_name 
_struct_ref_seq_dif.pdbx_seq_db_accession_code 
_struct_ref_seq_dif.db_mon_id 
_struct_ref_seq_dif.pdbx_seq_db_seq_num 
_struct_ref_seq_dif.details 
_struct_ref_seq_dif.pdbx_auth_seq_num 
_struct_ref_seq_dif.pdbx_ordinal 
1 4U5X GLY A 1  ? UNP Q9SSX0 ?   ?  'expression tag'      6  1 
1 4U5X SER A 2  ? UNP Q9SSX0 ?   ?  'expression tag'      7  2 
1 4U5X SER A 27 ? UNP Q9SSX0 CYS 32 'engineered mutation' 32 3 
1 4U5X LEU A 63 ? UNP Q9SSX0 GLN 68 'engineered mutation' 68 4 
# 
loop_
_chem_comp.id 
_chem_comp.type 
_chem_comp.mon_nstd_flag 
_chem_comp.name 
_chem_comp.pdbx_synonyms 
_chem_comp.formula 
_chem_comp.formula_weight 
ALA 'L-peptide linking' y ALANINE                                       ?                               'C3 H7 N O2'        89.093 
ARG 'L-peptide linking' y ARGININE                                      ?                               'C6 H15 N4 O2 1'    
175.209 
ASN 'L-peptide linking' y ASPARAGINE                                    ?                               'C4 H8 N2 O3'       
132.118 
ASP 'L-peptide linking' y 'ASPARTIC ACID'                               ?                               'C4 H7 N O4'        
133.103 
CYS 'L-peptide linking' y CYSTEINE                                      ?                               'C3 H7 N O2 S'      
121.158 
GLN 'L-peptide linking' y GLUTAMINE                                     ?                               'C5 H10 N2 O3'      
146.144 
GLU 'L-peptide linking' y 'GLUTAMIC ACID'                               ?                               'C5 H9 N O4'        
147.129 
GLY 'peptide linking'   y GLYCINE                                       ?                               'C2 H5 N O2'        75.067 
GNP non-polymer         . 'PHOSPHOAMINOPHOSPHONIC ACID-GUANYLATE ESTER' ?                               'C10 H17 N6 O13 P3' 
522.196 
GOL non-polymer         . GLYCEROL                                      'GLYCERIN; PROPANE-1,2,3-TRIOL' 'C3 H8 O3'          92.094 
HIS 'L-peptide linking' y HISTIDINE                                     ?                               'C6 H10 N3 O2 1'    
156.162 
HOH non-polymer         . WATER                                         ?                               'H2 O'              18.015 
ILE 'L-peptide linking' y ISOLEUCINE                                    ?                               'C6 H13 N O2'       
131.173 
LEU 'L-peptide linking' y LEUCINE                                       ?                               'C6 H13 N O2'       
131.173 
LYS 'L-peptide linking' y LYSINE                                        ?                               'C6 H15 N2 O2 1'    
147.195 
MET 'L-peptide linking' y METHIONINE                                    ?                               'C5 H11 N O2 S'     
149.211 
MG  non-polymer         . 'MAGNESIUM ION'                               ?                               'Mg 2'              24.305 
PHE 'L-peptide linking' y PHENYLALANINE                                 ?                               'C9 H11 N O2'       
165.189 
PRO 'L-peptide linking' y PROLINE                                       ?                               'C5 H9 N O2'        
115.130 
SER 'L-peptide linking' y SERINE                                        ?                               'C3 H7 N O3'        
105.093 
THR 'L-peptide linking' y THREONINE                                     ?                               'C4 H9 N O3'        
119.119 
TRP 'L-peptide linking' y TRYPTOPHAN                                    ?                               'C11 H12 N2 O2'     
204.225 
TYR 'L-peptide linking' y TYROSINE                                      ?                               'C9 H11 N O3'       
181.189 
VAL 'L-peptide linking' y VALINE                                        ?                               'C5 H11 N O2'       
117.146 
# 
_exptl.absorpt_coefficient_mu     ? 
_exptl.absorpt_correction_T_max   ? 
_exptl.absorpt_correction_T_min   ? 
_exptl.absorpt_correction_type    ? 
_exptl.absorpt_process_details    ? 
_exptl.entry_id                   4U5X 
_exptl.crystals_number            ? 
_exptl.details                    ? 
_exptl.method                     'X-RAY DIFFRACTION' 
_exptl.method_details             ? 
# 
_exptl_crystal.colour                      ? 
_exptl_crystal.density_diffrn              ? 
_exptl_crystal.density_Matthews            1.78 
_exptl_crystal.density_method              ? 
_exptl_crystal.density_percent_sol         30.74 
_exptl_crystal.description                 ? 
_exptl_crystal.F_000                       ? 
_exptl_crystal.id                          1 
_exptl_crystal.preparation                 ? 
_exptl_crystal.size_max                    ? 
_exptl_crystal.size_mid                    ? 
_exptl_crystal.size_min                    ? 
_exptl_crystal.size_rad                    ? 
_exptl_crystal.colour_lustre               ? 
_exptl_crystal.colour_modifier             ? 
_exptl_crystal.colour_primary              ? 
_exptl_crystal.density_meas                ? 
_exptl_crystal.density_meas_esd            ? 
_exptl_crystal.density_meas_gt             ? 
_exptl_crystal.density_meas_lt             ? 
_exptl_crystal.density_meas_temp           ? 
_exptl_crystal.density_meas_temp_esd       ? 
_exptl_crystal.density_meas_temp_gt        ? 
_exptl_crystal.density_meas_temp_lt        ? 
_exptl_crystal.pdbx_crystal_image_url      ? 
_exptl_crystal.pdbx_crystal_image_format   ? 
_exptl_crystal.pdbx_mosaicity              ? 
_exptl_crystal.pdbx_mosaicity_esd          ? 
# 
_exptl_crystal_grow.apparatus       ? 
_exptl_crystal_grow.atmosphere      ? 
_exptl_crystal_grow.crystal_id      1 
_exptl_crystal_grow.details         ? 
_exptl_crystal_grow.method          'VAPOR DIFFUSION, SITTING DROP' 
_exptl_crystal_grow.method_ref      ? 
_exptl_crystal_grow.pH              6.0 
_exptl_crystal_grow.pressure        ? 
_exptl_crystal_grow.pressure_esd    ? 
_exptl_crystal_grow.seeding         ? 
_exptl_crystal_grow.seeding_ref     ? 
_exptl_crystal_grow.temp            293 
_exptl_crystal_grow.temp_details    ? 
_exptl_crystal_grow.temp_esd        ? 
_exptl_crystal_grow.time            ? 
_exptl_crystal_grow.pdbx_details    'PEG 6000, MES buffer' 
_exptl_crystal_grow.pdbx_pH_range   ? 
# 
_diffrn.ambient_environment    ? 
_diffrn.ambient_temp           100 
_diffrn.ambient_temp_details   ? 
_diffrn.ambient_temp_esd       ? 
_diffrn.crystal_id             1 
_diffrn.crystal_support        ? 
_diffrn.crystal_treatment      ? 
_diffrn.details                ? 
_diffrn.id                     1 
_diffrn.ambient_pressure       ? 
_diffrn.ambient_pressure_esd   ? 
_diffrn.ambient_pressure_gt    ? 
_diffrn.ambient_pressure_lt    ? 
_diffrn.ambient_temp_gt        ? 
_diffrn.ambient_temp_lt        ? 
# 
_diffrn_detector.details                      ? 
_diffrn_detector.detector                     CCD 
_diffrn_detector.diffrn_id                    1 
_diffrn_detector.type                         'RAYONIX MX225HE' 
_diffrn_detector.area_resol_mean              ? 
_diffrn_detector.dtime                        ? 
_diffrn_detector.pdbx_frames_total            ? 
_diffrn_detector.pdbx_collection_time_total   ? 
_diffrn_detector.pdbx_collection_date         2010-12-14 
# 
_diffrn_radiation.collimation                      ? 
_diffrn_radiation.diffrn_id                        1 
_diffrn_radiation.filter_edge                      ? 
_diffrn_radiation.inhomogeneity                    ? 
_diffrn_radiation.monochromator                    ? 
_diffrn_radiation.polarisn_norm                    ? 
_diffrn_radiation.polarisn_ratio                   ? 
_diffrn_radiation.probe                            ? 
_diffrn_radiation.type                             ? 
_diffrn_radiation.xray_symbol                      ? 
_diffrn_radiation.wavelength_id                    1 
_diffrn_radiation.pdbx_monochromatic_or_laue_m_l   M 
_diffrn_radiation.pdbx_wavelength_list             ? 
_diffrn_radiation.pdbx_wavelength                  ? 
_diffrn_radiation.pdbx_diffrn_protocol             'SINGLE WAVELENGTH' 
_diffrn_radiation.pdbx_analyzer                    ? 
_diffrn_radiation.pdbx_scattering_type             x-ray 
# 
_diffrn_radiation_wavelength.id           1 
_diffrn_radiation_wavelength.wavelength   0.9 
_diffrn_radiation_wavelength.wt           1.0 
# 
_diffrn_source.current                     ? 
_diffrn_source.details                     ? 
_diffrn_source.diffrn_id                   1 
_diffrn_source.power                       ? 
_diffrn_source.size                        ? 
_diffrn_source.source                      SYNCHROTRON 
_diffrn_source.target                      ? 
_diffrn_source.type                        'SPRING-8 BEAMLINE BL44XU' 
_diffrn_source.voltage                     ? 
_diffrn_source.take-off_angle              ? 
_diffrn_source.pdbx_wavelength_list        0.9 
_diffrn_source.pdbx_wavelength             ? 
_diffrn_source.pdbx_synchrotron_beamline   BL44XU 
_diffrn_source.pdbx_synchrotron_site       SPring-8 
# 
_reflns.B_iso_Wilson_estimate            ? 
_reflns.entry_id                         4U5X 
_reflns.data_reduction_details           ? 
_reflns.data_reduction_method            ? 
_reflns.d_resolution_high                1.9 
_reflns.d_resolution_low                 50.0 
_reflns.details                          ? 
_reflns.limit_h_max                      ? 
_reflns.limit_h_min                      ? 
_reflns.limit_k_max                      ? 
_reflns.limit_k_min                      ? 
_reflns.limit_l_max                      ? 
_reflns.limit_l_min                      ? 
_reflns.number_all                       ? 
_reflns.number_obs                       11521 
_reflns.observed_criterion               ? 
_reflns.observed_criterion_F_max         ? 
_reflns.observed_criterion_F_min         ? 
_reflns.observed_criterion_I_max         ? 
_reflns.observed_criterion_I_min         ? 
_reflns.observed_criterion_sigma_F       ? 
_reflns.observed_criterion_sigma_I       ? 
_reflns.percent_possible_obs             99.8 
_reflns.R_free_details                   ? 
_reflns.Rmerge_F_all                     ? 
_reflns.Rmerge_F_obs                     ? 
_reflns.Friedel_coverage                 ? 
_reflns.number_gt                        ? 
_reflns.threshold_expression             ? 
_reflns.pdbx_redundancy                  8.2 
_reflns.pdbx_Rmerge_I_obs                0.095 
_reflns.pdbx_Rmerge_I_all                ? 
_reflns.pdbx_Rsym_value                  ? 
_reflns.pdbx_netI_over_av_sigmaI         ? 
_reflns.pdbx_netI_over_sigmaI            19.7 
_reflns.pdbx_res_netI_over_av_sigmaI_2   ? 
_reflns.pdbx_res_netI_over_sigmaI_2      ? 
_reflns.pdbx_chi_squared                 ? 
_reflns.pdbx_scaling_rejects             ? 
_reflns.pdbx_d_res_high_opt              ? 
_reflns.pdbx_d_res_low_opt               ? 
_reflns.pdbx_d_res_opt_method            ? 
_reflns.phase_calculation_details        ? 
_reflns.pdbx_Rrim_I_all                  ? 
_reflns.pdbx_Rpim_I_all                  ? 
_reflns.pdbx_d_opt                       ? 
_reflns.pdbx_number_measured_all         ? 
_reflns.pdbx_diffrn_id                   1 
_reflns.pdbx_ordinal                     1 
_reflns.pdbx_CC_half                     ? 
_reflns.pdbx_R_split                     ? 
# 
_reflns_shell.d_res_high                  1.90 
_reflns_shell.d_res_low                   1.97 
_reflns_shell.meanI_over_sigI_all         ? 
_reflns_shell.meanI_over_sigI_obs         7.7 
_reflns_shell.number_measured_all         ? 
_reflns_shell.number_measured_obs         ? 
_reflns_shell.number_possible             ? 
_reflns_shell.number_unique_all           ? 
_reflns_shell.number_unique_obs           ? 
_reflns_shell.percent_possible_all        100.0 
_reflns_shell.percent_possible_obs        ? 
_reflns_shell.Rmerge_F_all                ? 
_reflns_shell.Rmerge_F_obs                ? 
_reflns_shell.Rmerge_I_all                ? 
_reflns_shell.Rmerge_I_obs                0.284 
_reflns_shell.meanI_over_sigI_gt          ? 
_reflns_shell.meanI_over_uI_all           ? 
_reflns_shell.meanI_over_uI_gt            ? 
_reflns_shell.number_measured_gt          ? 
_reflns_shell.number_unique_gt            ? 
_reflns_shell.percent_possible_gt         ? 
_reflns_shell.Rmerge_F_gt                 ? 
_reflns_shell.Rmerge_I_gt                 ? 
_reflns_shell.pdbx_redundancy             8.3 
_reflns_shell.pdbx_Rsym_value             ? 
_reflns_shell.pdbx_chi_squared            ? 
_reflns_shell.pdbx_netI_over_sigmaI_all   ? 
_reflns_shell.pdbx_netI_over_sigmaI_obs   ? 
_reflns_shell.pdbx_Rrim_I_all             ? 
_reflns_shell.pdbx_Rpim_I_all             ? 
_reflns_shell.pdbx_rejects                ? 
_reflns_shell.pdbx_ordinal                1 
_reflns_shell.pdbx_diffrn_id              1 
_reflns_shell.pdbx_CC_half                ? 
_reflns_shell.pdbx_R_split                ? 
# 
_refine.aniso_B[1][1]                            1.87 
_refine.aniso_B[1][2]                            0.00 
_refine.aniso_B[1][3]                            0.00 
_refine.aniso_B[2][2]                            -0.66 
_refine.aniso_B[2][3]                            0.00 
_refine.aniso_B[3][3]                            -1.21 
_refine.B_iso_max                                ? 
_refine.B_iso_mean                               16.078 
_refine.B_iso_min                                ? 
_refine.correlation_coeff_Fo_to_Fc               0.961 
_refine.correlation_coeff_Fo_to_Fc_free          0.935 
_refine.details                                  'HYDROGENS HAVE BEEN USED IF PRESENT IN THE INPUT' 
_refine.diff_density_max                         ? 
_refine.diff_density_max_esd                     ? 
_refine.diff_density_min                         ? 
_refine.diff_density_min_esd                     ? 
_refine.diff_density_rms                         ? 
_refine.diff_density_rms_esd                     ? 
_refine.entry_id                                 4U5X 
_refine.pdbx_refine_id                           'X-RAY DIFFRACTION' 
_refine.ls_abs_structure_details                 ? 
_refine.ls_abs_structure_Flack                   ? 
_refine.ls_abs_structure_Flack_esd               ? 
_refine.ls_abs_structure_Rogers                  ? 
_refine.ls_abs_structure_Rogers_esd              ? 
_refine.ls_d_res_high                            1.90 
_refine.ls_d_res_low                             43.54 
_refine.ls_extinction_coef                       ? 
_refine.ls_extinction_coef_esd                   ? 
_refine.ls_extinction_expression                 ? 
_refine.ls_extinction_method                     ? 
_refine.ls_goodness_of_fit_all                   ? 
_refine.ls_goodness_of_fit_all_esd               ? 
_refine.ls_goodness_of_fit_obs                   ? 
_refine.ls_goodness_of_fit_obs_esd               ? 
_refine.ls_hydrogen_treatment                    ? 
_refine.ls_matrix_type                           ? 
_refine.ls_number_constraints                    ? 
_refine.ls_number_parameters                     ? 
_refine.ls_number_reflns_all                     ? 
_refine.ls_number_reflns_obs                     10901 
_refine.ls_number_reflns_R_free                  550 
_refine.ls_number_reflns_R_work                  ? 
_refine.ls_number_restraints                     ? 
_refine.ls_percent_reflns_obs                    99.57 
_refine.ls_percent_reflns_R_free                 4.8 
_refine.ls_R_factor_all                          ? 
_refine.ls_R_factor_obs                          0.15872 
_refine.ls_R_factor_R_free                       0.20250 
_refine.ls_R_factor_R_free_error                 ? 
_refine.ls_R_factor_R_free_error_details         ? 
_refine.ls_R_factor_R_work                       0.15651 
_refine.ls_R_Fsqd_factor_obs                     ? 
_refine.ls_R_I_factor_obs                        ? 
_refine.ls_redundancy_reflns_all                 ? 
_refine.ls_redundancy_reflns_obs                 ? 
_refine.ls_restrained_S_all                      ? 
_refine.ls_restrained_S_obs                      ? 
_refine.ls_shift_over_esd_max                    ? 
_refine.ls_shift_over_esd_mean                   ? 
_refine.ls_structure_factor_coef                 ? 
_refine.ls_weighting_details                     ? 
_refine.ls_weighting_scheme                      ? 
_refine.ls_wR_factor_all                         ? 
_refine.ls_wR_factor_obs                         ? 
_refine.ls_wR_factor_R_free                      ? 
_refine.ls_wR_factor_R_work                      ? 
_refine.occupancy_max                            ? 
_refine.occupancy_min                            ? 
_refine.solvent_model_details                    MASK 
_refine.solvent_model_param_bsol                 ? 
_refine.solvent_model_param_ksol                 ? 
_refine.ls_R_factor_gt                           ? 
_refine.ls_goodness_of_fit_gt                    ? 
_refine.ls_goodness_of_fit_ref                   ? 
_refine.ls_shift_over_su_max                     ? 
_refine.ls_shift_over_su_max_lt                  ? 
_refine.ls_shift_over_su_mean                    ? 
_refine.ls_shift_over_su_mean_lt                 ? 
_refine.pdbx_ls_sigma_I                          ? 
_refine.pdbx_ls_sigma_F                          ? 
_refine.pdbx_ls_sigma_Fsqd                       ? 
_refine.pdbx_data_cutoff_high_absF               ? 
_refine.pdbx_data_cutoff_high_rms_absF           ? 
_refine.pdbx_data_cutoff_low_absF                ? 
_refine.pdbx_isotropic_thermal_model             ? 
_refine.pdbx_ls_cross_valid_method               THROUGHOUT 
_refine.pdbx_method_to_determine_struct          'MOLECULAR REPLACEMENT' 
_refine.pdbx_starting_model                      2J0V 
_refine.pdbx_stereochemistry_target_values       'MAXIMUM LIKELIHOOD' 
_refine.pdbx_R_Free_selection_details            RANDOM 
_refine.pdbx_stereochem_target_val_spec_case     ? 
_refine.pdbx_overall_ESU_R                       0.171 
_refine.pdbx_overall_ESU_R_Free                  0.147 
_refine.pdbx_solvent_vdw_probe_radii             1.20 
_refine.pdbx_solvent_ion_probe_radii             0.80 
_refine.pdbx_solvent_shrinkage_radii             0.80 
_refine.pdbx_real_space_R                        ? 
_refine.pdbx_density_correlation                 ? 
_refine.pdbx_pd_number_of_powder_patterns        ? 
_refine.pdbx_pd_number_of_points                 ? 
_refine.pdbx_pd_meas_number_of_points            ? 
_refine.pdbx_pd_proc_ls_prof_R_factor            ? 
_refine.pdbx_pd_proc_ls_prof_wR_factor           ? 
_refine.pdbx_pd_Marquardt_correlation_coeff      ? 
_refine.pdbx_pd_Fsqrd_R_factor                   ? 
_refine.pdbx_pd_ls_matrix_band_width             ? 
_refine.pdbx_overall_phase_error                 ? 
_refine.pdbx_overall_SU_R_free_Cruickshank_DPI   ? 
_refine.pdbx_overall_SU_R_free_Blow_DPI          ? 
_refine.pdbx_overall_SU_R_Blow_DPI               ? 
_refine.pdbx_TLS_residual_ADP_flag               ? 
_refine.pdbx_diffrn_id                           1 
_refine.overall_SU_B                             3.257 
_refine.overall_SU_ML                            0.096 
_refine.overall_SU_R_Cruickshank_DPI             ? 
_refine.overall_SU_R_free                        ? 
_refine.overall_FOM_free_R_set                   ? 
_refine.overall_FOM_work_R_set                   ? 
# 
_refine_hist.pdbx_refine_id                   'X-RAY DIFFRACTION' 
_refine_hist.cycle_id                         1 
_refine_hist.pdbx_number_atoms_protein        1384 
_refine_hist.pdbx_number_atoms_nucleic_acid   0 
_refine_hist.pdbx_number_atoms_ligand         51 
_refine_hist.number_atoms_solvent             90 
_refine_hist.number_atoms_total               1525 
_refine_hist.d_res_high                       1.90 
_refine_hist.d_res_low                        43.54 
# 
loop_
_refine_ls_restr.pdbx_refine_id 
_refine_ls_restr.criterion 
_refine_ls_restr.dev_ideal 
_refine_ls_restr.dev_ideal_target 
_refine_ls_restr.number 
_refine_ls_restr.rejects 
_refine_ls_restr.type 
_refine_ls_restr.weight 
_refine_ls_restr.pdbx_restraint_function 
'X-RAY DIFFRACTION' ? 0.019  0.020  1459 ? r_bond_refined_d             ? ? 
'X-RAY DIFFRACTION' ? ?      ?      ?    ? r_bond_other_d               ? ? 
'X-RAY DIFFRACTION' ? 2.202  2.005  1982 ? r_angle_refined_deg          ? ? 
'X-RAY DIFFRACTION' ? ?      ?      ?    ? r_angle_other_deg            ? ? 
'X-RAY DIFFRACTION' ? 5.994  5.000  177  ? r_dihedral_angle_1_deg       ? ? 
'X-RAY DIFFRACTION' ? 28.508 23.103 58   ? r_dihedral_angle_2_deg       ? ? 
'X-RAY DIFFRACTION' ? 14.262 15.000 241  ? r_dihedral_angle_3_deg       ? ? 
'X-RAY DIFFRACTION' ? 16.414 15.000 11   ? r_dihedral_angle_4_deg       ? ? 
'X-RAY DIFFRACTION' ? 0.144  0.200  230  ? r_chiral_restr               ? ? 
'X-RAY DIFFRACTION' ? 0.010  0.021  1061 ? r_gen_planes_refined         ? ? 
'X-RAY DIFFRACTION' ? ?      ?      ?    ? r_gen_planes_other           ? ? 
'X-RAY DIFFRACTION' ? ?      ?      ?    ? r_nbd_refined                ? ? 
'X-RAY DIFFRACTION' ? ?      ?      ?    ? r_nbd_other                  ? ? 
'X-RAY DIFFRACTION' ? ?      ?      ?    ? r_nbtor_refined              ? ? 
'X-RAY DIFFRACTION' ? ?      ?      ?    ? r_nbtor_other                ? ? 
'X-RAY DIFFRACTION' ? ?      ?      ?    ? r_xyhbond_nbd_refined        ? ? 
'X-RAY DIFFRACTION' ? ?      ?      ?    ? r_xyhbond_nbd_other          ? ? 
'X-RAY DIFFRACTION' ? ?      ?      ?    ? r_metal_ion_refined          ? ? 
'X-RAY DIFFRACTION' ? ?      ?      ?    ? r_metal_ion_other            ? ? 
'X-RAY DIFFRACTION' ? ?      ?      ?    ? r_symmetry_vdw_refined       ? ? 
'X-RAY DIFFRACTION' ? ?      ?      ?    ? r_symmetry_vdw_other         ? ? 
'X-RAY DIFFRACTION' ? ?      ?      ?    ? r_symmetry_hbond_refined     ? ? 
'X-RAY DIFFRACTION' ? ?      ?      ?    ? r_symmetry_hbond_other       ? ? 
'X-RAY DIFFRACTION' ? ?      ?      ?    ? r_symmetry_metal_ion_refined ? ? 
'X-RAY DIFFRACTION' ? ?      ?      ?    ? r_symmetry_metal_ion_other   ? ? 
'X-RAY DIFFRACTION' ? ?      ?      ?    ? r_mcbond_it                  ? ? 
'X-RAY DIFFRACTION' ? ?      ?      ?    ? r_mcbond_other               ? ? 
'X-RAY DIFFRACTION' ? ?      ?      ?    ? r_mcangle_it                 ? ? 
'X-RAY DIFFRACTION' ? ?      ?      ?    ? r_mcangle_other              ? ? 
'X-RAY DIFFRACTION' ? ?      ?      ?    ? r_scbond_it                  ? ? 
'X-RAY DIFFRACTION' ? ?      ?      ?    ? r_scbond_other               ? ? 
'X-RAY DIFFRACTION' ? ?      ?      ?    ? r_scangle_it                 ? ? 
'X-RAY DIFFRACTION' ? ?      ?      ?    ? r_scangle_other              ? ? 
'X-RAY DIFFRACTION' ? ?      ?      ?    ? r_long_range_B_refined       ? ? 
'X-RAY DIFFRACTION' ? ?      ?      ?    ? r_long_range_B_other         ? ? 
'X-RAY DIFFRACTION' ? ?      ?      ?    ? r_rigid_bond_restr           ? ? 
'X-RAY DIFFRACTION' ? ?      ?      ?    ? r_sphericity_free            ? ? 
'X-RAY DIFFRACTION' ? ?      ?      ?    ? r_sphericity_bonded          ? ? 
# 
_refine_ls_shell.pdbx_refine_id                   'X-RAY DIFFRACTION' 
_refine_ls_shell.d_res_high                       1.903 
_refine_ls_shell.d_res_low                        1.952 
_refine_ls_shell.number_reflns_all                ? 
_refine_ls_shell.number_reflns_obs                ? 
_refine_ls_shell.number_reflns_R_free             28 
_refine_ls_shell.number_reflns_R_work             683 
_refine_ls_shell.percent_reflns_obs               96.87 
_refine_ls_shell.percent_reflns_R_free            ? 
_refine_ls_shell.R_factor_all                     ? 
_refine_ls_shell.R_factor_obs                     ? 
_refine_ls_shell.R_factor_R_free                  0.241 
_refine_ls_shell.R_factor_R_free_error            ? 
_refine_ls_shell.R_factor_R_work                  0.173 
_refine_ls_shell.redundancy_reflns_all            ? 
_refine_ls_shell.redundancy_reflns_obs            ? 
_refine_ls_shell.wR_factor_all                    ? 
_refine_ls_shell.wR_factor_obs                    ? 
_refine_ls_shell.wR_factor_R_free                 ? 
_refine_ls_shell.wR_factor_R_work                 ? 
_refine_ls_shell.pdbx_total_number_of_bins_used   20 
_refine_ls_shell.pdbx_phase_error                 ? 
# 
_struct.entry_id                     4U5X 
_struct.title                        'Structure of plant small GTPase OsRac1 complexed with the non-hydrolyzable GTP analog GMPPNP' 
_struct.pdbx_model_details           ? 
_struct.pdbx_formula_weight          ? 
_struct.pdbx_formula_weight_method   ? 
_struct.pdbx_model_type_details      ? 
_struct.pdbx_CASP_flag               ? 
# 
_struct_keywords.entry_id        4U5X 
_struct_keywords.text            'Small GTPase, Rac, Plant, GTP-BINDING PROTEIN' 
_struct_keywords.pdbx_keywords   'GTP-BINDING PROTEIN' 
# 
loop_
_struct_asym.id 
_struct_asym.pdbx_blank_PDB_chainid_flag 
_struct_asym.pdbx_modified 
_struct_asym.entity_id 
_struct_asym.details 
A N N 1 ? 
B N N 2 ? 
C N N 3 ? 
D N N 4 ? 
E N N 4 ? 
F N N 4 ? 
G N N 5 ? 
# 
loop_
_struct_conf.conf_type_id 
_struct_conf.id 
_struct_conf.pdbx_PDB_helix_id 
_struct_conf.beg_label_comp_id 
_struct_conf.beg_label_asym_id 
_struct_conf.beg_label_seq_id 
_struct_conf.pdbx_beg_PDB_ins_code 
_struct_conf.end_label_comp_id 
_struct_conf.end_label_asym_id 
_struct_conf.end_label_seq_id 
_struct_conf.pdbx_end_PDB_ins_code 
_struct_conf.beg_auth_comp_id 
_struct_conf.beg_auth_asym_id 
_struct_conf.beg_auth_seq_id 
_struct_conf.end_auth_comp_id 
_struct_conf.end_auth_asym_id 
_struct_conf.end_auth_seq_id 
_struct_conf.pdbx_PDB_helix_class 
_struct_conf.details 
_struct_conf.pdbx_PDB_helix_length 
HELX_P HELX_P1  AA1 GLY A 17  ? ASN A 28  ? GLY A 22  ASN A 33  1 ? 12 
HELX_P HELX_P2  AA2 LEU A 63  ? SER A 67  ? LEU A 68  SER A 72  5 ? 5  
HELX_P HELX_P3  AA3 LEU A 69  ? ARG A 75  ? LEU A 74  ARG A 80  1 ? 7  
HELX_P HELX_P4  AA4 SER A 88  ? LYS A 98  ? SER A 93  LYS A 103 1 ? 11 
HELX_P HELX_P5  AA5 LYS A 98  ? ALA A 107 ? LYS A 103 ALA A 112 1 ? 10 
HELX_P HELX_P6  AA6 LYS A 118 ? GLU A 123 ? LYS A 123 GLU A 128 1 ? 6  
HELX_P HELX_P7  AA7 ASP A 124 ? ASP A 130 ? ASP A 129 ASP A 135 1 ? 7  
HELX_P HELX_P8  AA8 PRO A 132 ? ILE A 136 ? PRO A 137 ILE A 141 5 ? 5  
HELX_P HELX_P9  AA9 THR A 138 ? GLY A 150 ? THR A 143 GLY A 155 1 ? 13 
HELX_P HELX_P10 AB1 ASN A 164 ? GLN A 178 ? ASN A 169 GLN A 183 1 ? 15 
# 
_struct_conf_type.id          HELX_P 
_struct_conf_type.criteria    ? 
_struct_conf_type.reference   ? 
# 
loop_
_struct_conn.id 
_struct_conn.conn_type_id 
_struct_conn.pdbx_leaving_atom_flag 
_struct_conn.pdbx_PDB_id 
_struct_conn.ptnr1_label_asym_id 
_struct_conn.ptnr1_label_comp_id 
_struct_conn.ptnr1_label_seq_id 
_struct_conn.ptnr1_label_atom_id 
_struct_conn.pdbx_ptnr1_label_alt_id 
_struct_conn.pdbx_ptnr1_PDB_ins_code 
_struct_conn.pdbx_ptnr1_standard_comp_id 
_struct_conn.ptnr1_symmetry 
_struct_conn.ptnr2_label_asym_id 
_struct_conn.ptnr2_label_comp_id 
_struct_conn.ptnr2_label_seq_id 
_struct_conn.ptnr2_label_atom_id 
_struct_conn.pdbx_ptnr2_label_alt_id 
_struct_conn.pdbx_ptnr2_PDB_ins_code 
_struct_conn.ptnr1_auth_asym_id 
_struct_conn.ptnr1_auth_comp_id 
_struct_conn.ptnr1_auth_seq_id 
_struct_conn.ptnr2_auth_asym_id 
_struct_conn.ptnr2_auth_comp_id 
_struct_conn.ptnr2_auth_seq_id 
_struct_conn.ptnr2_symmetry 
_struct_conn.pdbx_ptnr3_label_atom_id 
_struct_conn.pdbx_ptnr3_label_seq_id 
_struct_conn.pdbx_ptnr3_label_comp_id 
_struct_conn.pdbx_ptnr3_label_asym_id 
_struct_conn.pdbx_ptnr3_label_alt_id 
_struct_conn.pdbx_ptnr3_PDB_ins_code 
_struct_conn.details 
_struct_conn.pdbx_dist_value 
_struct_conn.pdbx_value_order 
_struct_conn.pdbx_role 
metalc1 metalc ? ? A THR 19 OG1 ? ? ? 1_555 C MG  . MG ? ? A THR 24  A MG  202 1_555 ? ? ? ? ? ? ? 2.035 ? ? 
metalc2 metalc ? ? A THR 37 O   ? ? ? 1_555 C MG  . MG ? ? A THR 42  A MG  202 1_555 ? ? ? ? ? ? ? 2.151 ? ? 
metalc3 metalc ? ? B GNP .  O2G ? ? ? 1_555 C MG  . MG ? ? A GNP 201 A MG  202 1_555 ? ? ? ? ? ? ? 1.969 ? ? 
metalc4 metalc ? ? B GNP .  O2B ? ? ? 1_555 C MG  . MG ? ? A GNP 201 A MG  202 1_555 ? ? ? ? ? ? ? 2.000 ? ? 
metalc5 metalc ? ? C MG  .  MG  ? ? ? 1_555 G HOH . O  ? ? A MG  202 A HOH 376 1_555 ? ? ? ? ? ? ? 2.059 ? ? 
metalc6 metalc ? ? C MG  .  MG  ? ? ? 1_555 G HOH . O  ? ? A MG  202 A HOH 378 1_555 ? ? ? ? ? ? ? 2.053 ? ? 
# 
_struct_conn_type.id          metalc 
_struct_conn_type.criteria    ? 
_struct_conn_type.reference   ? 
# 
_struct_sheet.id               AA1 
_struct_sheet.type             ? 
_struct_sheet.number_strands   6 
_struct_sheet.details          ? 
# 
loop_
_struct_sheet_order.sheet_id 
_struct_sheet_order.range_id_1 
_struct_sheet_order.range_id_2 
_struct_sheet_order.offset 
_struct_sheet_order.sense 
AA1 1 2 ? anti-parallel 
AA1 2 3 ? parallel      
AA1 3 4 ? parallel      
AA1 4 5 ? parallel      
AA1 5 6 ? parallel      
# 
loop_
_struct_sheet_range.sheet_id 
_struct_sheet_range.id 
_struct_sheet_range.beg_label_comp_id 
_struct_sheet_range.beg_label_asym_id 
_struct_sheet_range.beg_label_seq_id 
_struct_sheet_range.pdbx_beg_PDB_ins_code 
_struct_sheet_range.end_label_comp_id 
_struct_sheet_range.end_label_asym_id 
_struct_sheet_range.end_label_seq_id 
_struct_sheet_range.pdbx_end_PDB_ins_code 
_struct_sheet_range.beg_auth_comp_id 
_struct_sheet_range.beg_auth_asym_id 
_struct_sheet_range.beg_auth_seq_id 
_struct_sheet_range.end_auth_comp_id 
_struct_sheet_range.end_auth_asym_id 
_struct_sheet_range.end_auth_seq_id 
AA1 1 ASN A 41  ? VAL A 48  ? ASN A 46  VAL A 53  
AA1 2 SER A 51  ? TRP A 58  ? SER A 56  TRP A 63  
AA1 3 ARG A 4   ? GLY A 12  ? ARG A 9   GLY A 17  
AA1 4 VAL A 79  ? SER A 85  ? VAL A 84  SER A 90  
AA1 5 VAL A 112 ? THR A 117 ? VAL A 117 THR A 122 
AA1 6 ALA A 153 ? GLU A 156 ? ALA A 158 GLU A 161 
# 
loop_
_pdbx_struct_sheet_hbond.sheet_id 
_pdbx_struct_sheet_hbond.range_id_1 
_pdbx_struct_sheet_hbond.range_id_2 
_pdbx_struct_sheet_hbond.range_1_label_atom_id 
_pdbx_struct_sheet_hbond.range_1_label_comp_id 
_pdbx_struct_sheet_hbond.range_1_label_asym_id 
_pdbx_struct_sheet_hbond.range_1_label_seq_id 
_pdbx_struct_sheet_hbond.range_1_PDB_ins_code 
_pdbx_struct_sheet_hbond.range_1_auth_atom_id 
_pdbx_struct_sheet_hbond.range_1_auth_comp_id 
_pdbx_struct_sheet_hbond.range_1_auth_asym_id 
_pdbx_struct_sheet_hbond.range_1_auth_seq_id 
_pdbx_struct_sheet_hbond.range_2_label_atom_id 
_pdbx_struct_sheet_hbond.range_2_label_comp_id 
_pdbx_struct_sheet_hbond.range_2_label_asym_id 
_pdbx_struct_sheet_hbond.range_2_label_seq_id 
_pdbx_struct_sheet_hbond.range_2_PDB_ins_code 
_pdbx_struct_sheet_hbond.range_2_auth_atom_id 
_pdbx_struct_sheet_hbond.range_2_auth_comp_id 
_pdbx_struct_sheet_hbond.range_2_auth_asym_id 
_pdbx_struct_sheet_hbond.range_2_auth_seq_id 
AA1 1 2 N ASN A 41  ? N ASN A 46  O LEU A 57  ? O LEU A 62  
AA1 2 3 O GLY A 56  ? O GLY A 61  N ILE A 6   ? N ILE A 11  
AA1 3 4 N VAL A 11  ? N VAL A 16  O ILE A 81  ? O ILE A 86  
AA1 4 5 N PHE A 80  ? N PHE A 85  O VAL A 113 ? O VAL A 118 
AA1 5 6 N LEU A 114 ? N LEU A 119 O ALA A 153 ? O ALA A 158 
# 
loop_
_struct_site.id 
_struct_site.pdbx_evidence_code 
_struct_site.pdbx_auth_asym_id 
_struct_site.pdbx_auth_comp_id 
_struct_site.pdbx_auth_seq_id 
_struct_site.pdbx_auth_ins_code 
_struct_site.pdbx_num_residues 
_struct_site.details 
AC1 Software A GNP 201 ? 30 'binding site for residue GNP A 201' 
AC2 Software A MG  202 ? 5  'binding site for residue MG A 202'  
AC3 Software A GOL 203 ? 8  'binding site for residue GOL A 203' 
AC4 Software A GOL 204 ? 8  'binding site for residue GOL A 204' 
AC5 Software A GOL 205 ? 5  'binding site for residue GOL A 205' 
# 
loop_
_struct_site_gen.id 
_struct_site_gen.site_id 
_struct_site_gen.pdbx_num_res 
_struct_site_gen.label_comp_id 
_struct_site_gen.label_asym_id 
_struct_site_gen.label_seq_id 
_struct_site_gen.pdbx_auth_ins_code 
_struct_site_gen.auth_comp_id 
_struct_site_gen.auth_asym_id 
_struct_site_gen.auth_seq_id 
_struct_site_gen.label_atom_id 
_struct_site_gen.label_alt_id 
_struct_site_gen.symmetry 
_struct_site_gen.details 
1  AC1 30 GLY A 14  ? GLY A 19  . ? 1_555 ? 
2  AC1 30 ALA A 15  ? ALA A 20  . ? 1_555 ? 
3  AC1 30 VAL A 16  ? VAL A 21  . ? 1_555 ? 
4  AC1 30 GLY A 17  ? GLY A 22  . ? 1_555 ? 
5  AC1 30 LYS A 18  ? LYS A 23  . ? 1_555 ? 
6  AC1 30 THR A 19  ? THR A 24  . ? 1_555 ? 
7  AC1 30 CYS A 20  ? CYS A 25  . ? 1_555 ? 
8  AC1 30 PHE A 30  ? PHE A 35  . ? 1_555 ? 
9  AC1 30 ILE A 35  ? ILE A 40  . ? 1_555 ? 
10 AC1 30 THR A 37  ? THR A 42  . ? 1_555 ? 
11 AC1 30 GLY A 62  ? GLY A 67  . ? 1_555 ? 
12 AC1 30 GLY A 109 ? GLY A 114 . ? 2_555 ? 
13 AC1 30 PRO A 111 ? PRO A 116 . ? 2_555 ? 
14 AC1 30 LYS A 118 ? LYS A 123 . ? 1_555 ? 
15 AC1 30 ASP A 120 ? ASP A 125 . ? 1_555 ? 
16 AC1 30 LEU A 121 ? LEU A 126 . ? 1_555 ? 
17 AC1 30 SER A 158 ? SER A 163 . ? 1_555 ? 
18 AC1 30 SER A 159 ? SER A 164 . ? 1_555 ? 
19 AC1 30 LYS A 160 ? LYS A 165 . ? 1_555 ? 
20 AC1 30 GLN A 178 ? GLN A 183 . ? 2_555 ? 
21 AC1 30 MG  C .   ? MG  A 202 . ? 1_555 ? 
22 AC1 30 HOH G .   ? HOH A 304 . ? 1_555 ? 
23 AC1 30 HOH G .   ? HOH A 312 . ? 2_555 ? 
24 AC1 30 HOH G .   ? HOH A 319 . ? 1_555 ? 
25 AC1 30 HOH G .   ? HOH A 332 . ? 1_555 ? 
26 AC1 30 HOH G .   ? HOH A 333 . ? 1_555 ? 
27 AC1 30 HOH G .   ? HOH A 350 . ? 1_555 ? 
28 AC1 30 HOH G .   ? HOH A 368 . ? 1_555 ? 
29 AC1 30 HOH G .   ? HOH A 376 . ? 1_555 ? 
30 AC1 30 HOH G .   ? HOH A 378 . ? 1_555 ? 
31 AC2 5  THR A 19  ? THR A 24  . ? 1_555 ? 
32 AC2 5  THR A 37  ? THR A 42  . ? 1_555 ? 
33 AC2 5  GNP B .   ? GNP A 201 . ? 1_555 ? 
34 AC2 5  HOH G .   ? HOH A 376 . ? 1_555 ? 
35 AC2 5  HOH G .   ? HOH A 378 . ? 1_555 ? 
36 AC3 8  ARG A 75  ? ARG A 80  . ? 2_555 ? 
37 AC3 8  GLY A 76  ? GLY A 81  . ? 2_555 ? 
38 AC3 8  ALA A 77  ? ALA A 82  . ? 2_555 ? 
39 AC3 8  ALA A 107 ? ALA A 112 . ? 2_555 ? 
40 AC3 8  LEU A 121 ? LEU A 126 . ? 1_555 ? 
41 AC3 8  ASP A 124 ? ASP A 129 . ? 1_555 ? 
42 AC3 8  LYS A 160 ? LYS A 165 . ? 1_555 ? 
43 AC3 8  HOH G .   ? HOH A 313 . ? 1_555 ? 
44 AC4 8  PHE A 5   ? PHE A 10  . ? 1_555 ? 
45 AC4 8  ASP A 78  ? ASP A 83  . ? 1_555 ? 
46 AC4 8  ILE A 87  ? ILE A 92  . ? 2_554 ? 
47 AC4 8  TYR A 127 ? TYR A 132 . ? 2_554 ? 
48 AC4 8  VAL A 176 ? VAL A 181 . ? 1_555 ? 
49 AC4 8  HOH G .   ? HOH A 321 . ? 1_555 ? 
50 AC4 8  HOH G .   ? HOH A 338 . ? 2_554 ? 
51 AC4 8  HOH G .   ? HOH A 358 . ? 2_554 ? 
52 AC5 5  VAL A 38  ? VAL A 43  . ? 4_445 ? 
53 AC5 5  ALA A 44  ? ALA A 49  . ? 1_555 ? 
54 AC5 5  ASN A 54  ? ASN A 59  . ? 1_555 ? 
55 AC5 5  TYR A 66  ? TYR A 71  . ? 4_445 ? 
56 AC5 5  HOH G .   ? HOH A 320 . ? 1_555 ? 
# 
_atom_sites.entry_id                    4U5X 
_atom_sites.fract_transf_matrix[1][1]   0.00304682 
_atom_sites.fract_transf_matrix[1][2]   0.02082135 
_atom_sites.fract_transf_matrix[1][3]   -0.01724555 
_atom_sites.fract_transf_matrix[2][1]   -0.00259120 
_atom_sites.fract_transf_matrix[2][2]   0.01089141 
_atom_sites.fract_transf_matrix[2][3]   0.01269191 
_atom_sites.fract_transf_matrix[3][1]   0.01524803 
_atom_sites.fract_transf_matrix[3][2]   0.00020293 
_atom_sites.fract_transf_matrix[3][3]   0.00293892 
_atom_sites.fract_transf_vector[1]      0.209600 
_atom_sites.fract_transf_vector[2]      0.016035 
_atom_sites.fract_transf_vector[3]      0.025167 
# 
loop_
_atom_type.symbol 
C  
MG 
N  
O  
P  
S  
# 
loop_
_atom_site.group_PDB 
_atom_site.id 
_atom_site.type_symbol 
_atom_site.label_atom_id 
_atom_site.label_alt_id 
_atom_site.label_comp_id 
_atom_site.label_asym_id 
_atom_site.label_entity_id 
_atom_site.label_seq_id 
_atom_site.pdbx_PDB_ins_code 
_atom_site.Cartn_x 
_atom_site.Cartn_y 
_atom_site.Cartn_z 
_atom_site.occupancy 
_atom_site.B_iso_or_equiv 
_atom_site.pdbx_formal_charge 
_atom_site.auth_seq_id 
_atom_site.auth_comp_id 
_atom_site.auth_asym_id 
_atom_site.auth_atom_id 
_atom_site.pdbx_PDB_model_num 
ATOM   1    N  N     . GLY A 1 1   ? -16.708 -19.386 -12.575 1.00 30.06 ? 6   GLY A N     1 
ATOM   2    C  CA    . GLY A 1 1   ? -18.047 -19.166 -13.198 1.00 32.34 ? 6   GLY A CA    1 
ATOM   3    C  C     . GLY A 1 1   ? -18.313 -17.739 -12.751 1.00 33.99 ? 6   GLY A C     1 
ATOM   4    O  O     . GLY A 1 1   ? -18.104 -16.777 -13.514 1.00 37.35 ? 6   GLY A O     1 
ATOM   5    N  N     . SER A 1 2   ? -18.655 -17.594 -11.473 1.00 32.84 ? 7   SER A N     1 
ATOM   6    C  CA    . SER A 1 2   ? -18.849 -16.259 -10.920 1.00 31.22 ? 7   SER A CA    1 
ATOM   7    C  C     . SER A 1 2   ? -17.784 -15.678 -9.972  1.00 27.07 ? 7   SER A C     1 
ATOM   8    O  O     . SER A 1 2   ? -18.024 -14.559 -9.474  1.00 22.45 ? 7   SER A O     1 
ATOM   9    C  CB    . SER A 1 2   ? -20.226 -16.154 -10.262 1.00 29.61 ? 7   SER A CB    1 
ATOM   10   O  OG    . SER A 1 2   ? -20.223 -16.854 -9.024  1.00 31.17 ? 7   SER A OG    1 
ATOM   11   N  N     . THR A 1 3   ? -16.648 -16.348 -9.676  1.00 24.53 ? 8   THR A N     1 
ATOM   12   C  CA    . THR A 1 3   ? -15.773 -15.752 -8.604  1.00 23.16 ? 8   THR A CA    1 
ATOM   13   C  C     . THR A 1 3   ? -15.204 -14.434 -9.076  1.00 20.35 ? 8   THR A C     1 
ATOM   14   O  O     . THR A 1 3   ? -14.776 -14.329 -10.216 1.00 21.15 ? 8   THR A O     1 
ATOM   15   C  CB    . THR A 1 3   ? -14.598 -16.626 -8.070  1.00 27.08 ? 8   THR A CB    1 
ATOM   16   O  OG1   . THR A 1 3   ? -15.078 -17.934 -7.789  1.00 28.94 ? 8   THR A OG1   1 
ATOM   17   C  CG2   . THR A 1 3   ? -14.036 -16.012 -6.711  1.00 28.29 ? 8   THR A CG2   1 
ATOM   18   N  N     . ARG A 1 4   ? -15.255 -13.416 -8.219  1.00 20.41 ? 9   ARG A N     1 
ATOM   19   C  CA    . ARG A 1 4   ? -14.854 -12.058 -8.611  1.00 18.35 ? 9   ARG A CA    1 
ATOM   20   C  C     . ARG A 1 4   ? -13.349 -12.046 -8.680  1.00 16.64 ? 9   ARG A C     1 
ATOM   21   O  O     . ARG A 1 4   ? -12.687 -12.608 -7.823  1.00 16.74 ? 9   ARG A O     1 
ATOM   22   C  CB    . ARG A 1 4   ? -15.279 -11.063 -7.559  1.00 21.25 ? 9   ARG A CB    1 
ATOM   23   C  CG    . ARG A 1 4   ? -16.759 -11.111 -7.202  1.00 25.99 ? 9   ARG A CG    1 
ATOM   24   C  CD    . ARG A 1 4   ? -16.885 -10.567 -5.799  1.00 30.36 ? 9   ARG A CD    1 
ATOM   25   N  NE    . ARG A 1 4   ? -18.235 -10.325 -5.292  1.00 31.04 ? 9   ARG A NE    1 
ATOM   26   C  CZ    . ARG A 1 4   ? -18.858 -11.128 -4.437  1.00 36.13 ? 9   ARG A CZ    1 
ATOM   27   N  NH1   . ARG A 1 4   ? -18.270 -12.266 -4.055  1.00 39.12 ? 9   ARG A NH1   1 
ATOM   28   N  NH2   . ARG A 1 4   ? -20.081 -10.808 -3.974  1.00 35.16 ? 9   ARG A NH2   1 
ATOM   29   N  N     . PHE A 1 5   ? -12.826 -11.455 -9.718  1.00 15.10 ? 10  PHE A N     1 
ATOM   30   C  CA    . PHE A 1 5   ? -11.408 -11.178 -9.769  1.00 14.03 ? 10  PHE A CA    1 
ATOM   31   C  C     . PHE A 1 5   ? -11.175 -9.677  -9.491  1.00 12.60 ? 10  PHE A C     1 
ATOM   32   O  O     . PHE A 1 5   ? -11.823 -8.837  -10.082 1.00 10.94 ? 10  PHE A O     1 
ATOM   33   C  CB    . PHE A 1 5   ? -10.831 -11.582 -11.090 1.00 13.27 ? 10  PHE A CB    1 
ATOM   34   C  CG    . PHE A 1 5   ? -9.380  -11.290 -11.204 1.00 14.99 ? 10  PHE A CG    1 
ATOM   35   C  CD1   . PHE A 1 5   ? -8.434  -12.213 -10.753 1.00 16.13 ? 10  PHE A CD1   1 
ATOM   36   C  CD2   . PHE A 1 5   ? -8.943  -10.077 -11.749 1.00 15.39 ? 10  PHE A CD2   1 
ATOM   37   C  CE1   . PHE A 1 5   ? -7.071  -11.918 -10.864 1.00 16.44 ? 10  PHE A CE1   1 
ATOM   38   C  CE2   . PHE A 1 5   ? -7.583  -9.778  -11.864 1.00 18.35 ? 10  PHE A CE2   1 
ATOM   39   C  CZ    . PHE A 1 5   ? -6.642  -10.716 -11.414 1.00 16.57 ? 10  PHE A CZ    1 
ATOM   40   N  N     . ILE A 1 6   ? -10.276 -9.378  -8.547  1.00 10.57 ? 11  ILE A N     1 
ATOM   41   C  CA    . ILE A 1 6   ? -9.996  -7.985  -8.171  1.00 10.00 ? 11  ILE A CA    1 
ATOM   42   C  C     . ILE A 1 6   ? -8.591  -7.634  -8.624  1.00 9.42  ? 11  ILE A C     1 
ATOM   43   O  O     . ILE A 1 6   ? -7.626  -8.271  -8.206  1.00 9.44  ? 11  ILE A O     1 
ATOM   44   C  CB    . ILE A 1 6   ? -10.105 -7.795  -6.646  1.00 10.48 ? 11  ILE A CB    1 
ATOM   45   C  CG1   . ILE A 1 6   ? -11.548 -8.017  -6.213  1.00 10.93 ? 11  ILE A CG1   1 
ATOM   46   C  CG2   . ILE A 1 6   ? -9.654  -6.375  -6.263  1.00 9.70  ? 11  ILE A CG2   1 
ATOM   47   C  CD1   . ILE A 1 6   ? -11.768 -8.190  -4.713  1.00 12.67 ? 11  ILE A CD1   1 
ATOM   48   N  N     . LYS A 1 7   ? -8.468  -6.623  -9.472  1.00 8.81  ? 12  LYS A N     1 
ATOM   49   C  CA    . LYS A 1 7   ? -7.136  -6.069  -9.825  1.00 8.51  ? 12  LYS A CA    1 
ATOM   50   C  C     . LYS A 1 7   ? -6.822  -4.960  -8.842  1.00 9.22  ? 12  LYS A C     1 
ATOM   51   O  O     . LYS A 1 7   ? -7.485  -3.888  -8.834  1.00 8.97  ? 12  LYS A O     1 
ATOM   52   C  CB    . LYS A 1 7   ? -7.155  -5.451  -11.225 1.00 8.63  ? 12  LYS A CB    1 
ATOM   53   C  CG    . LYS A 1 7   ? -5.790  -4.825  -11.598 1.00 7.96  ? 12  LYS A CG    1 
ATOM   54   C  CD    . LYS A 1 7   ? -5.769  -4.426  -13.082 1.00 8.53  ? 12  LYS A CD    1 
ATOM   55   C  CE    . LYS A 1 7   ? -4.412  -3.784  -13.396 1.00 7.80  ? 12  LYS A CE    1 
ATOM   56   N  NZ    . LYS A 1 7   ? -4.378  -3.424  -14.861 1.00 9.09  ? 12  LYS A NZ    1 
ATOM   57   N  N     . CYS A 1 8   ? -5.772  -5.182  -8.069  1.00 9.57  ? 13  CYS A N     1 
ATOM   58   C  CA    . CYS A 1 8   ? -5.357  -4.238  -7.064  1.00 9.48  ? 13  CYS A CA    1 
ATOM   59   C  C     . CYS A 1 8   ? -3.934  -3.799  -7.418  1.00 9.75  ? 13  CYS A C     1 
ATOM   60   O  O     . CYS A 1 8   ? -3.032  -4.674  -7.561  1.00 10.16 ? 13  CYS A O     1 
ATOM   61   C  CB    . CYS A 1 8   ? -5.378  -4.944  -5.692  1.00 9.70  ? 13  CYS A CB    1 
ATOM   62   S  SG    . CYS A 1 8   ? -4.591  -4.035  -4.320  1.00 12.95 ? 13  CYS A SG    1 
ATOM   63   N  N     . VAL A 1 9   ? -3.723  -2.490  -7.549  1.00 8.79  ? 14  VAL A N     1 
ATOM   64   C  CA    . VAL A 1 9   ? -2.406  -1.960  -7.955  1.00 8.83  ? 14  VAL A CA    1 
ATOM   65   C  C     . VAL A 1 9   ? -1.807  -1.273  -6.715  1.00 9.16  ? 14  VAL A C     1 
ATOM   66   O  O     . VAL A 1 9   ? -2.469  -0.438  -6.068  1.00 8.75  ? 14  VAL A O     1 
ATOM   67   C  CB    . VAL A 1 9   ? -2.511  -0.971  -9.125  1.00 8.37  ? 14  VAL A CB    1 
ATOM   68   C  CG1   . VAL A 1 9   ? -1.147  -0.428  -9.490  1.00 9.06  ? 14  VAL A CG1   1 
ATOM   69   C  CG2   . VAL A 1 9   ? -3.138  -1.645  -10.347 1.00 9.04  ? 14  VAL A CG2   1 
ATOM   70   N  N     . THR A 1 10  ? -0.560  -1.596  -6.397  1.00 8.79  ? 15  THR A N     1 
ATOM   71   C  CA    . THR A 1 10  ? 0.099   -0.919  -5.240  1.00 10.62 ? 15  THR A CA    1 
ATOM   72   C  C     . THR A 1 10  ? 1.071   0.136   -5.742  1.00 10.54 ? 15  THR A C     1 
ATOM   73   O  O     . THR A 1 10  ? 1.875   -0.186  -6.648  1.00 11.07 ? 15  THR A O     1 
ATOM   74   C  CB    . THR A 1 10  ? 0.836   -1.939  -4.385  1.00 12.89 ? 15  THR A CB    1 
ATOM   75   O  OG1   . THR A 1 10  ? -0.155  -2.847  -3.918  1.00 17.40 ? 15  THR A OG1   1 
ATOM   76   C  CG2   . THR A 1 10  ? 1.500   -1.271  -3.183  1.00 12.24 ? 15  THR A CG2   1 
ATOM   77   N  N     . VAL A 1 11  ? 0.996   1.366   -5.197  1.00 8.88  ? 16  VAL A N     1 
ATOM   78   C  CA    . VAL A 1 11  ? 1.770   2.476   -5.715  1.00 9.30  ? 16  VAL A CA    1 
ATOM   79   C  C     . VAL A 1 11  ? 2.362   3.228   -4.520  1.00 8.19  ? 16  VAL A C     1 
ATOM   80   O  O     . VAL A 1 11  ? 1.916   3.039   -3.387  1.00 7.46  ? 16  VAL A O     1 
ATOM   81   C  CB    . VAL A 1 11  ? 0.945   3.461   -6.598  1.00 9.87  ? 16  VAL A CB    1 
ATOM   82   C  CG1   . VAL A 1 11  ? 0.242   2.751   -7.775  1.00 11.00 ? 16  VAL A CG1   1 
ATOM   83   C  CG2   . VAL A 1 11  ? -0.152  4.115   -5.801  1.00 9.83  ? 16  VAL A CG2   1 
ATOM   84   N  N     . GLY A 1 12  ? 3.353   4.057   -4.751  1.00 8.08  ? 17  GLY A N     1 
ATOM   85   C  CA    . GLY A 1 12  ? 3.834   4.910   -3.648  1.00 7.68  ? 17  GLY A CA    1 
ATOM   86   C  C     . GLY A 1 12  ? 5.321   5.087   -3.881  1.00 8.28  ? 17  GLY A C     1 
ATOM   87   O  O     . GLY A 1 12  ? 5.891   4.437   -4.777  1.00 8.67  ? 17  GLY A O     1 
ATOM   88   N  N     . ASP A 1 13  ? 5.953   5.953   -3.093  1.00 7.96  ? 18  ASP A N     1 
ATOM   89   C  CA    . ASP A 1 13  ? 7.373   6.367   -3.355  1.00 7.96  ? 18  ASP A CA    1 
ATOM   90   C  C     . ASP A 1 13  ? 8.317   5.208   -3.360  1.00 8.20  ? 18  ASP A C     1 
ATOM   91   O  O     . ASP A 1 13  ? 8.053   4.188   -2.758  1.00 7.44  ? 18  ASP A O     1 
ATOM   92   C  CB    . ASP A 1 13  ? 7.863   7.333   -2.279  1.00 8.74  ? 18  ASP A CB    1 
ATOM   93   C  CG    . ASP A 1 13  ? 7.450   8.757   -2.518  1.00 9.16  ? 18  ASP A CG    1 
ATOM   94   O  OD1   . ASP A 1 13  ? 6.759   9.034   -3.497  1.00 9.83  ? 18  ASP A OD1   1 
ATOM   95   O  OD2   . ASP A 1 13  ? 7.882   9.636   -1.715  1.00 11.42 ? 18  ASP A OD2   1 
ATOM   96   N  N     . GLY A 1 14  ? 9.461   5.386   -4.027  1.00 8.64  ? 19  GLY A N     1 
ATOM   97   C  CA    . GLY A 1 14  ? 10.585  4.416   -3.996  1.00 8.35  ? 19  GLY A CA    1 
ATOM   98   C  C     . GLY A 1 14  ? 10.919  4.025   -2.543  1.00 8.55  ? 19  GLY A C     1 
ATOM   99   O  O     . GLY A 1 14  ? 10.876  4.883   -1.658  1.00 9.60  ? 19  GLY A O     1 
ATOM   100  N  N     . ALA A 1 15  ? 11.137  2.743   -2.284  1.00 8.13  ? 20  ALA A N     1 
ATOM   101  C  CA    . ALA A 1 15  ? 11.736  2.270   -1.008  1.00 8.46  ? 20  ALA A CA    1 
ATOM   102  C  C     . ALA A 1 15  ? 10.770  2.319   0.220   1.00 8.80  ? 20  ALA A C     1 
ATOM   103  O  O     . ALA A 1 15  ? 11.153  2.021   1.330   1.00 9.49  ? 20  ALA A O     1 
ATOM   104  C  CB    . ALA A 1 15  ? 13.087  2.991   -0.747  1.00 8.59  ? 20  ALA A CB    1 
ATOM   105  N  N     . VAL A 1 16  ? 9.483   2.605   0.000   1.00 8.27  ? 21  VAL A N     1 
ATOM   106  C  CA    . VAL A 1 16  ? 8.509   2.574   1.116   1.00 8.04  ? 21  VAL A CA    1 
ATOM   107  C  C     . VAL A 1 16  ? 8.127   1.194   1.589   1.00 8.05  ? 21  VAL A C     1 
ATOM   108  O  O     . VAL A 1 16  ? 7.649   1.090   2.706   1.00 8.33  ? 21  VAL A O     1 
ATOM   109  C  CB    . VAL A 1 16  ? 7.227   3.404   0.884   1.00 8.11  ? 21  VAL A CB    1 
ATOM   110  C  CG1   . VAL A 1 16  ? 7.648   4.831   0.547   1.00 7.44  ? 21  VAL A CG1   1 
ATOM   111  C  CG2   . VAL A 1 16  ? 6.320   2.736   -0.171  1.00 8.67  ? 21  VAL A CG2   1 
ATOM   112  N  N     . GLY A 1 17  ? 8.421   0.152   0.797   1.00 7.33  ? 22  GLY A N     1 
ATOM   113  C  CA    . GLY A 1 17  ? 8.195   -1.240  1.225   1.00 7.20  ? 22  GLY A CA    1 
ATOM   114  C  C     . GLY A 1 17  ? 7.018   -1.885  0.487   1.00 6.67  ? 22  GLY A C     1 
ATOM   115  O  O     . GLY A 1 17  ? 6.419   -2.862  1.031   1.00 6.61  ? 22  GLY A O     1 
ATOM   116  N  N     . LYS A 1 18  ? 6.701   -1.413  -0.723  1.00 6.71  ? 23  LYS A N     1 
ATOM   117  C  CA    . LYS A 1 18  ? 5.509   -1.984  -1.488  1.00 7.11  ? 23  LYS A CA    1 
ATOM   118  C  C     . LYS A 1 18  ? 5.735   -3.487  -1.806  1.00 7.22  ? 23  LYS A C     1 
ATOM   119  O  O     . LYS A 1 18  ? 4.874   -4.362  -1.582  1.00 7.15  ? 23  LYS A O     1 
ATOM   120  C  CB    . LYS A 1 18  ? 5.387   -1.246  -2.803  1.00 7.88  ? 23  LYS A CB    1 
ATOM   121  C  CG    . LYS A 1 18  ? 4.987   0.249   -2.652  1.00 7.97  ? 23  LYS A CG    1 
ATOM   122  C  CD    . LYS A 1 18  ? 4.910   1.011   -3.964  1.00 8.83  ? 23  LYS A CD    1 
ATOM   123  C  CE    . LYS A 1 18  ? 6.213   1.047   -4.785  1.00 8.68  ? 23  LYS A CE    1 
ATOM   124  N  NZ    . LYS A 1 18  ? 7.264   1.887   -4.116  1.00 9.24  ? 23  LYS A NZ    1 
ATOM   125  N  N     . THR A 1 19  ? 6.941   -3.777  -2.310  1.00 6.64  ? 24  THR A N     1 
ATOM   126  C  CA    . THR A 1 19  ? 7.258   -5.114  -2.735  1.00 6.75  ? 24  THR A CA    1 
ATOM   127  C  C     . THR A 1 19  ? 7.329   -6.063  -1.522  1.00 7.05  ? 24  THR A C     1 
ATOM   128  O  O     . THR A 1 19  ? 6.764   -7.171  -1.558  1.00 7.06  ? 24  THR A O     1 
ATOM   129  C  CB    . THR A 1 19  ? 8.545   -5.130  -3.599  1.00 6.35  ? 24  THR A CB    1 
ATOM   130  O  OG1   . THR A 1 19  ? 8.288   -4.334  -4.778  1.00 5.51  ? 24  THR A OG1   1 
ATOM   131  C  CG2   . THR A 1 19  ? 8.881   -6.567  -4.021  1.00 6.62  ? 24  THR A CG2   1 
ATOM   132  N  N     . CYS A 1 20  ? 7.999   -5.649  -0.459  1.00 7.28  ? 25  CYS A N     1 
ATOM   133  C  CA    . CYS A 1 20  ? 8.051   -6.494  0.715   1.00 8.26  ? 25  CYS A CA    1 
ATOM   134  C  C     . CYS A 1 20  ? 6.637   -6.831  1.249   1.00 8.74  ? 25  CYS A C     1 
ATOM   135  O  O     . CYS A 1 20  ? 6.383   -7.921  1.729   1.00 8.23  ? 25  CYS A O     1 
ATOM   136  C  CB    . CYS A 1 20  ? 8.888   -5.894  1.839   1.00 8.06  ? 25  CYS A CB    1 
ATOM   137  S  SG    . CYS A 1 20  ? 10.672  -5.925  1.457   1.00 9.66  ? 25  CYS A SG    1 
ATOM   138  N  N     . MET A 1 21  ? 5.745   -5.867  1.204   1.00 8.86  ? 26  MET A N     1 
ATOM   139  C  CA    . MET A 1 21  ? 4.405   -6.120  1.678   1.00 9.31  ? 26  MET A CA    1 
ATOM   140  C  C     . MET A 1 21  ? 3.716   -7.150  0.772   1.00 9.45  ? 26  MET A C     1 
ATOM   141  O  O     . MET A 1 21  ? 3.044   -8.037  1.283   1.00 9.59  ? 26  MET A O     1 
ATOM   142  C  CB    . MET A 1 21  ? 3.648   -4.775  1.708   1.00 10.95 ? 26  MET A CB    1 
ATOM   143  C  CG    . MET A 1 21  ? 2.299   -4.794  2.369   1.00 14.45 ? 26  MET A CG    1 
ATOM   144  S  SD    . MET A 1 21  ? 1.754   -3.048  2.278   1.00 19.68 ? 26  MET A SD    1 
ATOM   145  C  CE    . MET A 1 21  ? 1.101   -3.155  0.658   1.00 15.21 ? 26  MET A CE    1 
ATOM   146  N  N     . LEU A 1 22  ? 3.829   -7.036  -0.562  1.00 8.98  ? 27  LEU A N     1 
ATOM   147  C  CA    . LEU A 1 22  ? 3.216   -8.067  -1.446  1.00 9.11  ? 27  LEU A CA    1 
ATOM   148  C  C     . LEU A 1 22  ? 3.782   -9.440  -1.179  1.00 9.51  ? 27  LEU A C     1 
ATOM   149  O  O     . LEU A 1 22  ? 3.060   -10.425 -1.220  1.00 10.13 ? 27  LEU A O     1 
ATOM   150  C  CB    . LEU A 1 22  ? 3.458   -7.739  -2.907  1.00 9.53  ? 27  LEU A CB    1 
ATOM   151  C  CG    . LEU A 1 22  ? 2.809   -6.429  -3.413  1.00 10.91 ? 27  LEU A CG    1 
ATOM   152  C  CD1   . LEU A 1 22  ? 2.787   -6.235  -4.941  1.00 11.97 ? 27  LEU A CD1   1 
ATOM   153  C  CD2   . LEU A 1 22  ? 1.391   -6.398  -2.935  1.00 11.75 ? 27  LEU A CD2   1 
ATOM   154  N  N     . ILE A 1 23  ? 5.075   -9.516  -0.910  1.00 9.14  ? 28  ILE A N     1 
ATOM   155  C  CA    . ILE A 1 23  ? 5.716   -10.811 -0.727  1.00 9.71  ? 28  ILE A CA    1 
ATOM   156  C  C     . ILE A 1 23  ? 5.298   -11.386 0.624   1.00 10.26 ? 28  ILE A C     1 
ATOM   157  O  O     . ILE A 1 23  ? 4.928   -12.567 0.688   1.00 11.35 ? 28  ILE A O     1 
ATOM   158  C  CB    . ILE A 1 23  ? 7.263   -10.726 -0.784  1.00 8.88  ? 28  ILE A CB    1 
ATOM   159  C  CG1   . ILE A 1 23  ? 7.694   -10.320 -2.188  1.00 9.53  ? 28  ILE A CG1   1 
ATOM   160  C  CG2   . ILE A 1 23  ? 7.914   -12.082 -0.344  1.00 8.69  ? 28  ILE A CG2   1 
ATOM   161  C  CD1   . ILE A 1 23  ? 9.142   -9.924  -2.234  1.00 9.47  ? 28  ILE A CD1   1 
ATOM   162  N  N     . CYS A 1 24  ? 5.341   -10.546 1.659   1.00 10.50 ? 29  CYS A N     1 
ATOM   163  C  CA    . CYS A 1 24  ? 4.941   -10.896 3.005   1.00 12.16 ? 29  CYS A CA    1 
ATOM   164  C  C     . CYS A 1 24  ? 3.474   -11.412 3.093   1.00 12.20 ? 29  CYS A C     1 
ATOM   165  O  O     . CYS A 1 24  ? 3.176   -12.329 3.827   1.00 10.84 ? 29  CYS A O     1 
ATOM   166  C  CB    . CYS A 1 24  ? 5.139   -9.703  3.963   1.00 13.18 ? 29  CYS A CB    1 
ATOM   167  S  SG    . CYS A 1 24  ? 4.851   -10.226 5.648   1.00 22.36 ? 29  CYS A SG    1 
ATOM   168  N  N     . TYR A 1 25  ? 2.594   -10.811 2.323   1.00 13.18 ? 30  TYR A N     1 
ATOM   169  C  CA    . TYR A 1 25  ? 1.212   -11.241 2.300   1.00 12.84 ? 30  TYR A CA    1 
ATOM   170  C  C     . TYR A 1 25  ? 1.012   -12.705 1.984   1.00 13.64 ? 30  TYR A C     1 
ATOM   171  O  O     . TYR A 1 25  ? 0.178   -13.293 2.620   1.00 12.59 ? 30  TYR A O     1 
ATOM   172  C  CB    . TYR A 1 25  ? 0.491   -10.423 1.263   1.00 14.51 ? 30  TYR A CB    1 
ATOM   173  C  CG    . TYR A 1 25  ? -0.940  -10.789 1.071   1.00 15.08 ? 30  TYR A CG    1 
ATOM   174  C  CD1   . TYR A 1 25  ? -1.822  -10.815 2.189   1.00 15.36 ? 30  TYR A CD1   1 
ATOM   175  C  CD2   . TYR A 1 25  ? -1.429  -11.117 -0.216  1.00 15.16 ? 30  TYR A CD2   1 
ATOM   176  C  CE1   . TYR A 1 25  ? -3.172  -11.126 2.000   1.00 16.58 ? 30  TYR A CE1   1 
ATOM   177  C  CE2   . TYR A 1 25  ? -2.765  -11.412 -0.405  1.00 15.92 ? 30  TYR A CE2   1 
ATOM   178  C  CZ    . TYR A 1 25  ? -3.617  -11.409 0.706   1.00 16.97 ? 30  TYR A CZ    1 
ATOM   179  O  OH    . TYR A 1 25  ? -4.956  -11.723 0.548   1.00 19.31 ? 30  TYR A OH    1 
ATOM   180  N  N     . THR A 1 26  ? 1.727   -13.285 0.989   1.00 13.96 ? 31  THR A N     1 
ATOM   181  C  CA    . THR A 1 26  ? 1.595   -14.749 0.690   1.00 15.11 ? 31  THR A CA    1 
ATOM   182  C  C     . THR A 1 26  ? 2.567   -15.642 1.477   1.00 16.29 ? 31  THR A C     1 
ATOM   183  O  O     . THR A 1 26  ? 2.248   -16.809 1.775   1.00 19.28 ? 31  THR A O     1 
ATOM   184  C  CB    . THR A 1 26  ? 1.666   -15.056 -0.844  1.00 14.07 ? 31  THR A CB    1 
ATOM   185  O  OG1   . THR A 1 26  ? 2.781   -14.361 -1.413  1.00 13.34 ? 31  THR A OG1   1 
ATOM   186  C  CG2   . THR A 1 26  ? 0.345   -14.578 -1.554  1.00 13.46 ? 31  THR A CG2   1 
ATOM   187  N  N     . SER A 1 27  ? 3.738   -15.106 1.806   1.00 14.87 ? 32  SER A N     1 
ATOM   188  C  CA    . SER A 1 27  ? 4.790   -15.950 2.390   1.00 15.38 ? 32  SER A CA    1 
ATOM   189  C  C     . SER A 1 27  ? 4.765   -15.905 3.910   1.00 15.71 ? 32  SER A C     1 
ATOM   190  O  O     . SER A 1 27  ? 5.341   -16.775 4.567   1.00 14.13 ? 32  SER A O     1 
ATOM   191  C  CB    . SER A 1 27  ? 6.174   -15.551 1.879   1.00 15.34 ? 32  SER A CB    1 
ATOM   192  O  OG    . SER A 1 27  ? 6.464   -14.265 2.368   1.00 17.10 ? 32  SER A OG    1 
ATOM   193  N  N     . ASN A 1 28  ? 4.079   -14.905 4.474   1.00 16.17 ? 33  ASN A N     1 
ATOM   194  C  CA    . ASN A 1 28  ? 3.934   -14.748 5.946   1.00 17.40 ? 33  ASN A CA    1 
ATOM   195  C  C     . ASN A 1 28  ? 5.309   -14.560 6.593   1.00 17.47 ? 33  ASN A C     1 
ATOM   196  O  O     . ASN A 1 28  ? 5.493   -14.968 7.735   1.00 18.08 ? 33  ASN A O     1 
ATOM   197  C  CB    . ASN A 1 28  ? 3.280   -15.951 6.682   1.00 18.21 ? 33  ASN A CB    1 
ATOM   198  C  CG    . ASN A 1 28  ? 1.816   -16.192 6.321   1.00 21.09 ? 33  ASN A CG    1 
ATOM   199  O  OD1   . ASN A 1 28  ? 1.117   -15.317 5.880   1.00 22.57 ? 33  ASN A OD1   1 
ATOM   200  N  ND2   . ASN A 1 28  ? 1.354   -17.393 6.564   1.00 20.92 ? 33  ASN A ND2   1 
ATOM   201  N  N     . LYS A 1 29  ? 6.277   -13.967 5.897   1.00 15.77 ? 34  LYS A N     1 
ATOM   202  C  CA    . LYS A 1 29  ? 7.534   -13.656 6.576   1.00 14.61 ? 34  LYS A CA    1 
ATOM   203  C  C     . LYS A 1 29  ? 8.217   -12.512 5.862   1.00 13.84 ? 34  LYS A C     1 
ATOM   204  O  O     . LYS A 1 29  ? 7.964   -12.246 4.707   1.00 13.77 ? 34  LYS A O     1 
ATOM   205  C  CB    . LYS A 1 29  ? 8.458   -14.847 6.609   1.00 15.20 ? 34  LYS A CB    1 
ATOM   206  C  CG    . LYS A 1 29  ? 8.779   -15.388 5.231   1.00 14.38 ? 34  LYS A CG    1 
ATOM   207  C  CD    . LYS A 1 29  ? 9.417   -16.790 5.384   1.00 15.67 ? 34  LYS A CD    1 
ATOM   208  C  CE    . LYS A 1 29  ? 9.558   -17.377 3.976   1.00 16.35 ? 34  LYS A CE    1 
ATOM   209  N  NZ    . LYS A 1 29  ? 10.512  -18.530 3.925   1.00 16.18 ? 34  LYS A NZ    1 
ATOM   210  N  N     . PHE A 1 30  ? 9.111   -11.866 6.562   1.00 13.09 ? 35  PHE A N     1 
ATOM   211  C  CA    . PHE A 1 30  ? 9.781   -10.724 6.004   1.00 12.95 ? 35  PHE A CA    1 
ATOM   212  C  C     . PHE A 1 30  ? 10.882  -11.196 5.048   1.00 14.05 ? 35  PHE A C     1 
ATOM   213  O  O     . PHE A 1 30  ? 11.735  -11.958 5.467   1.00 12.61 ? 35  PHE A O     1 
ATOM   214  C  CB    . PHE A 1 30  ? 10.394  -9.915  7.148   1.00 12.35 ? 35  PHE A CB    1 
ATOM   215  C  CG    . PHE A 1 30  ? 11.078  -8.651  6.702   1.00 13.01 ? 35  PHE A CG    1 
ATOM   216  C  CD1   . PHE A 1 30  ? 10.408  -7.701  5.879   1.00 12.63 ? 35  PHE A CD1   1 
ATOM   217  C  CD2   . PHE A 1 30  ? 12.376  -8.395  7.110   1.00 13.38 ? 35  PHE A CD2   1 
ATOM   218  C  CE1   . PHE A 1 30  ? 11.067  -6.538  5.476   1.00 13.74 ? 35  PHE A CE1   1 
ATOM   219  C  CE2   . PHE A 1 30  ? 13.029  -7.239  6.700   1.00 14.68 ? 35  PHE A CE2   1 
ATOM   220  C  CZ    . PHE A 1 30  ? 12.354  -6.292  5.912   1.00 14.08 ? 35  PHE A CZ    1 
ATOM   221  N  N     . PRO A 1 31  ? 10.864  -10.756 3.775   1.00 13.90 ? 36  PRO A N     1 
ATOM   222  C  CA    . PRO A 1 31  ? 11.986  -11.055 2.885   1.00 14.18 ? 36  PRO A CA    1 
ATOM   223  C  C     . PRO A 1 31  ? 13.157  -10.143 3.213   1.00 15.19 ? 36  PRO A C     1 
ATOM   224  O  O     . PRO A 1 31  ? 13.046  -8.921  3.124   1.00 14.86 ? 36  PRO A O     1 
ATOM   225  C  CB    . PRO A 1 31  ? 11.436  -10.741 1.501   1.00 14.22 ? 36  PRO A CB    1 
ATOM   226  C  CG    . PRO A 1 31  ? 10.376  -9.738  1.719   1.00 13.48 ? 36  PRO A CG    1 
ATOM   227  C  CD    . PRO A 1 31  ? 9.832   -9.948  3.106   1.00 13.81 ? 36  PRO A CD    1 
ATOM   228  N  N     . THR A 1 32  ? 14.273  -10.717 3.606   1.00 15.52 ? 37  THR A N     1 
ATOM   229  C  CA    . THR A 1 32  ? 15.341  -9.895  4.142   1.00 18.67 ? 37  THR A CA    1 
ATOM   230  C  C     . THR A 1 32  ? 16.455  -9.541  3.154   1.00 19.37 ? 37  THR A C     1 
ATOM   231  O  O     . THR A 1 32  ? 17.364  -8.738  3.502   1.00 21.79 ? 37  THR A O     1 
ATOM   232  C  CB    . THR A 1 32  ? 16.019  -10.601 5.307   1.00 19.22 ? 37  THR A CB    1 
ATOM   233  O  OG1   . THR A 1 32  ? 16.525  -11.857 4.831   1.00 18.21 ? 37  THR A OG1   1 
ATOM   234  C  CG2   . THR A 1 32  ? 15.032  -10.853 6.397   1.00 20.21 ? 37  THR A CG2   1 
ATOM   235  N  N     . ASP A 1 33  ? 16.435  -10.159 1.970   1.00 17.06 ? 38  ASP A N     1 
ATOM   236  C  CA    . ASP A 1 33  ? 17.349  -9.808  0.889   1.00 16.59 ? 38  ASP A CA    1 
ATOM   237  C  C     . ASP A 1 33  ? 16.843  -10.287 -0.474  1.00 14.10 ? 38  ASP A C     1 
ATOM   238  O  O     . ASP A 1 33  ? 15.837  -10.997 -0.540  1.00 13.06 ? 38  ASP A O     1 
ATOM   239  C  CB    . ASP A 1 33  ? 18.731  -10.401 1.142   1.00 23.20 ? 38  ASP A CB    1 
ATOM   240  C  CG    . ASP A 1 33  ? 18.699  -11.916 1.473   1.00 29.07 ? 38  ASP A CG    1 
ATOM   241  O  OD1   . ASP A 1 33  ? 17.668  -12.657 1.237   1.00 29.80 ? 38  ASP A OD1   1 
ATOM   242  O  OD2   . ASP A 1 33  ? 19.775  -12.375 1.992   1.00 35.86 ? 38  ASP A OD2   1 
ATOM   243  N  N     . TYR A 1 34  ? 17.564  -9.928  -1.539  1.00 12.35 ? 39  TYR A N     1 
ATOM   244  C  CA    . TYR A 1 34  ? 17.229  -10.214 -2.940  1.00 12.35 ? 39  TYR A CA    1 
ATOM   245  C  C     . TYR A 1 34  ? 15.822  -9.701  -3.290  1.00 12.84 ? 39  TYR A C     1 
ATOM   246  O  O     . TYR A 1 34  ? 15.020  -10.384 -3.952  1.00 11.18 ? 39  TYR A O     1 
ATOM   247  C  CB    . TYR A 1 34  ? 17.371  -11.723 -3.240  1.00 12.50 ? 39  TYR A CB    1 
ATOM   248  C  CG    . TYR A 1 34  ? 18.751  -12.181 -2.904  1.00 12.43 ? 39  TYR A CG    1 
ATOM   249  C  CD1   . TYR A 1 34  ? 19.822  -11.783 -3.691  1.00 12.81 ? 39  TYR A CD1   1 
ATOM   250  C  CD2   . TYR A 1 34  ? 18.987  -12.932 -1.750  1.00 12.75 ? 39  TYR A CD2   1 
ATOM   251  C  CE1   . TYR A 1 34  ? 21.133  -12.163 -3.361  1.00 14.22 ? 39  TYR A CE1   1 
ATOM   252  C  CE2   . TYR A 1 34  ? 20.279  -13.349 -1.428  1.00 12.68 ? 39  TYR A CE2   1 
ATOM   253  C  CZ    . TYR A 1 34  ? 21.346  -12.935 -2.227  1.00 13.33 ? 39  TYR A CZ    1 
ATOM   254  O  OH    . TYR A 1 34  ? 22.638  -13.336 -1.868  1.00 14.71 ? 39  TYR A OH    1 
ATOM   255  N  N     . ILE A 1 35  ? 15.548  -8.476  -2.874  1.00 12.18 ? 40  ILE A N     1 
ATOM   256  C  CA    . ILE A 1 35  ? 14.246  -7.920  -3.133  1.00 11.29 ? 40  ILE A CA    1 
ATOM   257  C  C     . ILE A 1 35  ? 14.264  -7.347  -4.529  1.00 11.57 ? 40  ILE A C     1 
ATOM   258  O  O     . ILE A 1 35  ? 15.032  -6.433  -4.798  1.00 10.60 ? 40  ILE A O     1 
ATOM   259  C  CB    . ILE A 1 35  ? 13.880  -6.757  -2.139  1.00 11.53 ? 40  ILE A CB    1 
ATOM   260  C  CG1   . ILE A 1 35  ? 13.990  -7.171  -0.653  1.00 11.58 ? 40  ILE A CG1   1 
ATOM   261  C  CG2   . ILE A 1 35  ? 12.459  -6.339  -2.355  1.00 11.28 ? 40  ILE A CG2   1 
ATOM   262  C  CD1   . ILE A 1 35  ? 13.297  -8.481  -0.337  1.00 11.59 ? 40  ILE A CD1   1 
ATOM   263  N  N     . PRO A 1 36  ? 13.399  -7.875  -5.437  1.00 11.64 ? 41  PRO A N     1 
ATOM   264  C  CA    . PRO A 1 36  ? 13.325  -7.325  -6.775  1.00 10.87 ? 41  PRO A CA    1 
ATOM   265  C  C     . PRO A 1 36  ? 12.557  -6.009  -6.736  1.00 10.64 ? 41  PRO A C     1 
ATOM   266  O  O     . PRO A 1 36  ? 11.796  -5.721  -5.813  1.00 10.82 ? 41  PRO A O     1 
ATOM   267  C  CB    . PRO A 1 36  ? 12.516  -8.359  -7.554  1.00 11.46 ? 41  PRO A CB    1 
ATOM   268  C  CG    . PRO A 1 36  ? 11.676  -9.097  -6.490  1.00 11.87 ? 41  PRO A CG    1 
ATOM   269  C  CD    . PRO A 1 36  ? 12.391  -8.929  -5.163  1.00 11.15 ? 41  PRO A CD    1 
ATOM   270  N  N     . THR A 1 37  ? 12.737  -5.188  -7.751  1.00 10.81 ? 42  THR A N     1 
ATOM   271  C  CA    . THR A 1 37  ? 11.974  -3.952  -7.811  1.00 11.34 ? 42  THR A CA    1 
ATOM   272  C  C     . THR A 1 37  ? 10.471  -4.232  -7.828  1.00 11.43 ? 42  THR A C     1 
ATOM   273  O  O     . THR A 1 37  ? 9.720   -3.557  -7.107  1.00 11.59 ? 42  THR A O     1 
ATOM   274  C  CB    . THR A 1 37  ? 12.448  -3.103  -8.991  1.00 12.04 ? 42  THR A CB    1 
ATOM   275  O  OG1   . THR A 1 37  ? 13.774  -2.729  -8.673  1.00 12.94 ? 42  THR A OG1   1 
ATOM   276  C  CG2   . THR A 1 37  ? 11.632  -1.812  -9.102  1.00 11.68 ? 42  THR A CG2   1 
ATOM   277  N  N     . VAL A 1 38  ? 10.046  -5.199  -8.626  1.00 10.88 ? 43  VAL A N     1 
ATOM   278  C  CA    . VAL A 1 38  ? 8.617   -5.564  -8.674  1.00 11.56 ? 43  VAL A CA    1 
ATOM   279  C  C     . VAL A 1 38  ? 8.439   -7.064  -8.444  1.00 10.71 ? 43  VAL A C     1 
ATOM   280  O  O     . VAL A 1 38  ? 9.234   -7.861  -8.911  1.00 10.71 ? 43  VAL A O     1 
ATOM   281  C  CB    . VAL A 1 38  ? 7.862   -5.029  -9.925  1.00 13.04 ? 43  VAL A CB    1 
ATOM   282  C  CG1   . VAL A 1 38  ? 7.899   -3.488  -9.951  1.00 14.19 ? 43  VAL A CG1   1 
ATOM   283  C  CG2   . VAL A 1 38  ? 8.493   -5.548  -11.193 1.00 14.17 ? 43  VAL A CG2   1 
ATOM   284  N  N     . PHE A 1 39  ? 7.409   -7.442  -7.683  1.00 9.86  ? 44  PHE A N     1 
ATOM   285  C  CA    . PHE A 1 39  ? 7.040   -8.832  -7.506  1.00 9.68  ? 44  PHE A CA    1 
ATOM   286  C  C     . PHE A 1 39  ? 5.511   -8.811  -7.511  1.00 10.73 ? 44  PHE A C     1 
ATOM   287  O  O     . PHE A 1 39  ? 4.871   -8.589  -6.441  1.00 9.44  ? 44  PHE A O     1 
ATOM   288  C  CB    . PHE A 1 39  ? 7.515   -9.317  -6.113  1.00 9.33  ? 44  PHE A CB    1 
ATOM   289  C  CG    . PHE A 1 39  ? 7.450   -10.815 -5.898  1.00 9.74  ? 44  PHE A CG    1 
ATOM   290  C  CD1   . PHE A 1 39  ? 8.519   -11.625 -6.296  1.00 9.59  ? 44  PHE A CD1   1 
ATOM   291  C  CD2   . PHE A 1 39  ? 6.332   -11.404 -5.307  1.00 9.19  ? 44  PHE A CD2   1 
ATOM   292  C  CE1   . PHE A 1 39  ? 8.504   -13.012 -6.084  1.00 9.58  ? 44  PHE A CE1   1 
ATOM   293  C  CE2   . PHE A 1 39  ? 6.278   -12.755 -5.130  1.00 9.60  ? 44  PHE A CE2   1 
ATOM   294  C  CZ    . PHE A 1 39  ? 7.373   -13.573 -5.509  1.00 9.87  ? 44  PHE A CZ    1 
ATOM   295  N  N     . ASP A 1 40  ? 4.915   -9.093  -8.673  1.00 10.49 ? 45  ASP A N     1 
ATOM   296  C  CA    . ASP A 1 40  ? 3.463   -9.318  -8.710  1.00 10.86 ? 45  ASP A CA    1 
ATOM   297  C  C     . ASP A 1 40  ? 3.008   -10.541 -7.941  1.00 10.33 ? 45  ASP A C     1 
ATOM   298  O  O     . ASP A 1 40  ? 3.746   -11.468 -7.715  1.00 10.86 ? 45  ASP A O     1 
ATOM   299  C  CB    . ASP A 1 40  ? 3.033   -9.547  -10.158 1.00 12.35 ? 45  ASP A CB    1 
ATOM   300  C  CG    . ASP A 1 40  ? 3.151   -8.281  -11.016 1.00 14.19 ? 45  ASP A CG    1 
ATOM   301  O  OD1   . ASP A 1 40  ? 3.216   -7.147  -10.546 1.00 13.27 ? 45  ASP A OD1   1 
ATOM   302  O  OD2   . ASP A 1 40  ? 3.160   -8.438  -12.227 1.00 16.59 ? 45  ASP A OD2   1 
ATOM   303  N  N     . ASN A 1 41  ? 1.761   -10.564 -7.518  1.00 9.94  ? 46  ASN A N     1 
ATOM   304  C  CA    . ASN A 1 41  ? 1.325   -11.632 -6.701  1.00 10.35 ? 46  ASN A CA    1 
ATOM   305  C  C     . ASN A 1 41  ? -0.147  -11.888 -6.868  1.00 11.06 ? 46  ASN A C     1 
ATOM   306  O  O     . ASN A 1 41  ? -0.836  -11.160 -7.589  1.00 10.19 ? 46  ASN A O     1 
ATOM   307  C  CB    . ASN A 1 41  ? 1.688   -11.346 -5.209  1.00 10.67 ? 46  ASN A CB    1 
ATOM   308  C  CG    . ASN A 1 41  ? 2.095   -12.620 -4.484  1.00 11.47 ? 46  ASN A CG    1 
ATOM   309  O  OD1   . ASN A 1 41  ? 1.904   -13.718 -5.030  1.00 10.97 ? 46  ASN A OD1   1 
ATOM   310  N  ND2   . ASN A 1 41  ? 2.629   -12.499 -3.288  1.00 11.72 ? 46  ASN A ND2   1 
ATOM   311  N  N     . PHE A 1 42  ? -0.647  -12.930 -6.214  1.00 12.61 ? 47  PHE A N     1 
ATOM   312  C  CA    . PHE A 1 42  ? -2.060  -13.323 -6.406  1.00 15.48 ? 47  PHE A CA    1 
ATOM   313  C  C     . PHE A 1 42  ? -2.430  -14.101 -5.169  1.00 15.94 ? 47  PHE A C     1 
ATOM   314  O  O     . PHE A 1 42  ? -1.591  -14.831 -4.651  1.00 14.82 ? 47  PHE A O     1 
ATOM   315  C  CB    . PHE A 1 42  ? -2.092  -14.262 -7.604  1.00 19.45 ? 47  PHE A CB    1 
ATOM   316  C  CG    . PHE A 1 42  ? -3.372  -15.027 -7.798  1.00 22.85 ? 47  PHE A CG    1 
ATOM   317  C  CD1   . PHE A 1 42  ? -4.547  -14.378 -8.259  1.00 27.70 ? 47  PHE A CD1   1 
ATOM   318  C  CD2   . PHE A 1 42  ? -3.372  -16.393 -7.690  1.00 25.61 ? 47  PHE A CD2   1 
ATOM   319  C  CE1   . PHE A 1 42  ? -5.727  -15.108 -8.490  1.00 28.59 ? 47  PHE A CE1   1 
ATOM   320  C  CE2   . PHE A 1 42  ? -4.526  -17.134 -7.951  1.00 29.26 ? 47  PHE A CE2   1 
ATOM   321  C  CZ    . PHE A 1 42  ? -5.702  -16.504 -8.340  1.00 29.62 ? 47  PHE A CZ    1 
ATOM   322  N  N     . SER A 1 43  ? -3.644  -13.934 -4.647  1.00 16.19 ? 48  SER A N     1 
ATOM   323  C  CA    . SER A 1 43  ? -4.102  -14.981 -3.754  1.00 17.91 ? 48  SER A CA    1 
ATOM   324  C  C     . SER A 1 43  ? -5.478  -15.422 -4.144  1.00 18.09 ? 48  SER A C     1 
ATOM   325  O  O     . SER A 1 43  ? -6.324  -14.611 -4.457  1.00 15.02 ? 48  SER A O     1 
ATOM   326  C  CB    . SER A 1 43  ? -4.061  -14.590 -2.273  1.00 18.84 ? 48  SER A CB    1 
ATOM   327  O  OG    . SER A 1 43  ? -4.863  -13.406 -2.092  1.00 27.27 ? 48  SER A OG    1 
ATOM   328  N  N     . ALA A 1 44  ? -5.661  -16.745 -4.108  1.00 20.65 ? 49  ALA A N     1 
ATOM   329  C  CA    . ALA A 1 44  ? -6.882  -17.382 -4.639  1.00 24.15 ? 49  ALA A CA    1 
ATOM   330  C  C     . ALA A 1 44  ? -7.809  -17.535 -3.496  1.00 27.28 ? 49  ALA A C     1 
ATOM   331  O  O     . ALA A 1 44  ? -7.363  -17.642 -2.327  1.00 27.98 ? 49  ALA A O     1 
ATOM   332  C  CB    . ALA A 1 44  ? -6.589  -18.732 -5.289  1.00 22.04 ? 49  ALA A CB    1 
ATOM   333  N  N     . ASN A 1 45  ? -9.107  -17.465 -3.801  1.00 30.62 ? 50  ASN A N     1 
ATOM   334  C  CA    . ASN A 1 45  ? -10.169 -17.819 -2.826  1.00 35.84 ? 50  ASN A CA    1 
ATOM   335  C  C     . ASN A 1 45  ? -10.111 -17.102 -1.463  1.00 37.64 ? 50  ASN A C     1 
ATOM   336  O  O     . ASN A 1 45  ? -10.648 -17.591 -0.448  1.00 40.87 ? 50  ASN A O     1 
ATOM   337  C  CB    . ASN A 1 45  ? -10.227 -19.356 -2.636  1.00 38.12 ? 50  ASN A CB    1 
ATOM   338  C  CG    . ASN A 1 45  ? -10.727 -20.078 -3.880  1.00 41.49 ? 50  ASN A CG    1 
ATOM   339  O  OD1   . ASN A 1 45  ? -11.519 -19.522 -4.680  1.00 39.23 ? 50  ASN A OD1   1 
ATOM   340  N  ND2   . ASN A 1 45  ? -10.267 -21.312 -4.059  1.00 38.81 ? 50  ASN A ND2   1 
ATOM   341  N  N     . VAL A 1 46  ? -9.477  -15.940 -1.450  1.00 29.28 ? 51  VAL A N     1 
ATOM   342  C  CA    . VAL A 1 46  ? -9.380  -15.194 -0.228  1.00 30.74 ? 51  VAL A CA    1 
ATOM   343  C  C     . VAL A 1 46  ? -10.783 -14.962 0.331   1.00 36.81 ? 51  VAL A C     1 
ATOM   344  O  O     . VAL A 1 46  ? -11.612 -14.350 -0.348  1.00 37.29 ? 51  VAL A O     1 
ATOM   345  C  CB    . VAL A 1 46  ? -8.713  -13.830 -0.474  1.00 23.71 ? 51  VAL A CB    1 
ATOM   346  C  CG1   . VAL A 1 46  ? -8.514  -13.107 0.850   1.00 22.29 ? 51  VAL A CG1   1 
ATOM   347  C  CG2   . VAL A 1 46  ? -7.395  -14.045 -1.165  1.00 22.68 ? 51  VAL A CG2   1 
ATOM   348  N  N     . SER A 1 47  ? -11.053 -15.460 1.544   1.00 39.19 ? 52  SER A N     1 
ATOM   349  C  CA    . SER A 1 47  ? -12.371 -15.231 2.207   1.00 42.88 ? 52  SER A CA    1 
ATOM   350  C  C     . SER A 1 47  ? -12.366 -14.030 3.159   1.00 42.32 ? 52  SER A C     1 
ATOM   351  O  O     . SER A 1 47  ? -11.659 -14.011 4.183   1.00 44.92 ? 52  SER A O     1 
ATOM   352  C  CB    . SER A 1 47  ? -12.947 -16.501 2.874   1.00 42.38 ? 52  SER A CB    1 
ATOM   353  O  OG    . SER A 1 47  ? -13.500 -17.363 1.875   1.00 49.08 ? 52  SER A OG    1 
ATOM   354  N  N     . VAL A 1 48  ? -13.140 -13.019 2.786   1.00 40.26 ? 53  VAL A N     1 
ATOM   355  C  CA    . VAL A 1 48  ? -13.263 -11.795 3.577   1.00 45.49 ? 53  VAL A CA    1 
ATOM   356  C  C     . VAL A 1 48  ? -14.751 -11.508 3.797   1.00 48.34 ? 53  VAL A C     1 
ATOM   357  O  O     . VAL A 1 48  ? -15.501 -11.330 2.817   1.00 52.44 ? 53  VAL A O     1 
ATOM   358  C  CB    . VAL A 1 48  ? -12.542 -10.603 2.895   1.00 44.02 ? 53  VAL A CB    1 
ATOM   359  C  CG1   . VAL A 1 48  ? -12.843 -9.308  3.624   1.00 38.75 ? 53  VAL A CG1   1 
ATOM   360  C  CG2   . VAL A 1 48  ? -11.035 -10.866 2.828   1.00 42.05 ? 53  VAL A CG2   1 
ATOM   361  N  N     . ASP A 1 49  ? -15.153 -11.485 5.077   1.00 50.35 ? 54  ASP A N     1 
ATOM   362  C  CA    . ASP A 1 49  ? -16.579 -11.434 5.521   1.00 54.36 ? 54  ASP A CA    1 
ATOM   363  C  C     . ASP A 1 49  ? -17.490 -12.561 4.959   1.00 56.85 ? 54  ASP A C     1 
ATOM   364  O  O     . ASP A 1 49  ? -18.683 -12.327 4.718   1.00 56.54 ? 54  ASP A O     1 
ATOM   365  C  CB    . ASP A 1 49  ? -17.205 -10.038 5.262   1.00 52.92 ? 54  ASP A CB    1 
ATOM   366  C  CG    . ASP A 1 49  ? -16.596 -8.935  6.141   1.00 52.77 ? 54  ASP A CG    1 
ATOM   367  O  OD1   . ASP A 1 49  ? -15.655 -9.223  6.902   1.00 47.82 ? 54  ASP A OD1   1 
ATOM   368  O  OD2   . ASP A 1 49  ? -17.061 -7.772  6.075   1.00 54.86 ? 54  ASP A OD2   1 
ATOM   369  N  N     . GLY A 1 50  ? -16.929 -13.762 4.753   1.00 58.22 ? 55  GLY A N     1 
ATOM   370  C  CA    . GLY A 1 50  ? -17.656 -14.900 4.134   1.00 61.43 ? 55  GLY A CA    1 
ATOM   371  C  C     . GLY A 1 50  ? -17.696 -14.953 2.602   1.00 61.43 ? 55  GLY A C     1 
ATOM   372  O  O     . GLY A 1 50  ? -18.053 -15.986 2.006   1.00 63.29 ? 55  GLY A O     1 
ATOM   373  N  N     . SER A 1 51  ? -17.334 -13.836 1.974   1.00 58.90 ? 56  SER A N     1 
ATOM   374  C  CA    . SER A 1 51  ? -17.251 -13.707 0.519   1.00 52.97 ? 56  SER A CA    1 
ATOM   375  C  C     . SER A 1 51  ? -15.868 -14.188 0.049   1.00 48.33 ? 56  SER A C     1 
ATOM   376  O  O     . SER A 1 51  ? -14.849 -13.840 0.671   1.00 49.00 ? 56  SER A O     1 
ATOM   377  C  CB    . SER A 1 51  ? -17.495 -12.245 0.110   1.00 53.16 ? 56  SER A CB    1 
ATOM   378  O  OG    . SER A 1 51  ? -18.386 -12.155 -0.992  1.00 56.50 ? 56  SER A OG    1 
ATOM   379  N  N     . VAL A 1 52  ? -15.852 -15.010 -1.013  1.00 42.22 ? 57  VAL A N     1 
ATOM   380  C  CA    . VAL A 1 52  ? -14.610 -15.579 -1.617  1.00 34.77 ? 57  VAL A CA    1 
ATOM   381  C  C     . VAL A 1 52  ? -14.236 -14.851 -2.941  1.00 37.91 ? 57  VAL A C     1 
ATOM   382  O  O     . VAL A 1 52  ? -15.119 -14.660 -3.801  1.00 41.54 ? 57  VAL A O     1 
ATOM   383  C  CB    . VAL A 1 52  ? -14.742 -17.111 -1.857  1.00 33.67 ? 57  VAL A CB    1 
ATOM   384  C  CG1   . VAL A 1 52  ? -15.219 -17.825 -0.583  1.00 30.45 ? 57  VAL A CG1   1 
ATOM   385  C  CG2   . VAL A 1 52  ? -15.637 -17.429 -3.067  1.00 30.33 ? 57  VAL A CG2   1 
ATOM   386  N  N     . VAL A 1 53  ? -12.952 -14.478 -3.131  1.00 29.92 ? 58  VAL A N     1 
ATOM   387  C  CA    . VAL A 1 53  ? -12.525 -13.646 -4.275  1.00 22.01 ? 58  VAL A CA    1 
ATOM   388  C  C     . VAL A 1 53  ? -11.089 -14.029 -4.754  1.00 17.76 ? 58  VAL A C     1 
ATOM   389  O  O     . VAL A 1 53  ? -10.309 -14.487 -3.919  1.00 16.23 ? 58  VAL A O     1 
ATOM   390  C  CB    . VAL A 1 53  ? -12.559 -12.163 -3.795  1.00 21.60 ? 58  VAL A CB    1 
ATOM   391  C  CG1   . VAL A 1 53  ? -11.779 -11.311 -4.681  1.00 21.39 ? 58  VAL A CG1   1 
ATOM   392  C  CG2   . VAL A 1 53  ? -13.970 -11.635 -3.708  1.00 22.34 ? 58  VAL A CG2   1 
ATOM   393  N  N     . ASN A 1 54  ? -10.745 -13.884 -6.040  1.00 15.13 ? 59  ASN A N     1 
ATOM   394  C  CA    . ASN A 1 54  ? -9.310  -13.935 -6.484  1.00 15.53 ? 59  ASN A CA    1 
ATOM   395  C  C     . ASN A 1 54  ? -8.685  -12.532 -6.502  1.00 13.62 ? 59  ASN A C     1 
ATOM   396  O  O     . ASN A 1 54  ? -9.142  -11.649 -7.212  1.00 11.76 ? 59  ASN A O     1 
ATOM   397  C  CB    . ASN A 1 54  ? -9.199  -14.518 -7.863  1.00 16.35 ? 59  ASN A CB    1 
ATOM   398  C  CG    . ASN A 1 54  ? -9.626  -15.988 -7.867  1.00 18.56 ? 59  ASN A CG    1 
ATOM   399  O  OD1   . ASN A 1 54  ? -9.438  -16.689 -6.855  1.00 18.67 ? 59  ASN A OD1   1 
ATOM   400  N  ND2   . ASN A 1 54  ? -10.302 -16.417 -8.921  1.00 18.93 ? 59  ASN A ND2   1 
ATOM   401  N  N     . LEU A 1 55  ? -7.639  -12.327 -5.729  1.00 12.50 ? 60  LEU A N     1 
ATOM   402  C  CA    . LEU A 1 55  ? -7.080  -10.983 -5.597  1.00 10.82 ? 60  LEU A CA    1 
ATOM   403  C  C     . LEU A 1 55  ? -5.789  -10.986 -6.389  1.00 11.17 ? 60  LEU A C     1 
ATOM   404  O  O     . LEU A 1 55  ? -4.842  -11.693 -6.012  1.00 12.21 ? 60  LEU A O     1 
ATOM   405  C  CB    . LEU A 1 55  ? -6.821  -10.680 -4.104  1.00 10.47 ? 60  LEU A CB    1 
ATOM   406  C  CG    . LEU A 1 55  ? -6.062  -9.351  -3.929  1.00 9.94  ? 60  LEU A CG    1 
ATOM   407  C  CD1   . LEU A 1 55  ? -6.963  -8.181  -4.369  1.00 9.95  ? 60  LEU A CD1   1 
ATOM   408  C  CD2   . LEU A 1 55  ? -5.736  -9.241  -2.436  1.00 9.73  ? 60  LEU A CD2   1 
ATOM   409  N  N     . GLY A 1 56  ? -5.759  -10.193 -7.460  1.00 10.85 ? 61  GLY A N     1 
ATOM   410  C  CA    . GLY A 1 56  ? -4.588  -10.015 -8.322  1.00 10.65 ? 61  GLY A CA    1 
ATOM   411  C  C     . GLY A 1 56  ? -3.820  -8.774  -7.827  1.00 10.15 ? 61  GLY A C     1 
ATOM   412  O  O     . GLY A 1 56  ? -4.389  -7.696  -7.734  1.00 10.46 ? 61  GLY A O     1 
ATOM   413  N  N     . LEU A 1 57  ? -2.521  -8.930  -7.553  1.00 9.65  ? 62  LEU A N     1 
ATOM   414  C  CA    . LEU A 1 57  ? -1.660  -7.847  -7.054  1.00 9.96  ? 62  LEU A CA    1 
ATOM   415  C  C     . LEU A 1 57  ? -0.622  -7.384  -8.064  1.00 10.59 ? 62  LEU A C     1 
ATOM   416  O  O     . LEU A 1 57  ? 0.348   -8.114  -8.356  1.00 10.96 ? 62  LEU A O     1 
ATOM   417  C  CB    . LEU A 1 57  ? -0.968  -8.267  -5.754  1.00 10.21 ? 62  LEU A CB    1 
ATOM   418  C  CG    . LEU A 1 57  ? -2.047  -8.616  -4.699  1.00 10.78 ? 62  LEU A CG    1 
ATOM   419  C  CD1   . LEU A 1 57  ? -1.538  -9.402  -3.524  1.00 11.24 ? 62  LEU A CD1   1 
ATOM   420  C  CD2   . LEU A 1 57  ? -2.722  -7.328  -4.236  1.00 11.76 ? 62  LEU A CD2   1 
ATOM   421  N  N     . TRP A 1 58  ? -0.825  -6.185  -8.591  1.00 10.20 ? 63  TRP A N     1 
ATOM   422  C  CA    . TRP A 1 58  ? 0.089   -5.597  -9.531  1.00 11.11 ? 63  TRP A CA    1 
ATOM   423  C  C     . TRP A 1 58  ? 1.029   -4.731  -8.722  1.00 11.98 ? 63  TRP A C     1 
ATOM   424  O  O     . TRP A 1 58  ? 0.621   -3.757  -8.082  1.00 11.85 ? 63  TRP A O     1 
ATOM   425  C  CB    . TRP A 1 58  ? -0.645  -4.717  -10.503 1.00 11.45 ? 63  TRP A CB    1 
ATOM   426  C  CG    . TRP A 1 58  ? -1.186  -5.368  -11.752 1.00 13.15 ? 63  TRP A CG    1 
ATOM   427  C  CD1   . TRP A 1 58  ? -0.819  -5.085  -13.083 1.00 13.83 ? 63  TRP A CD1   1 
ATOM   428  C  CD2   . TRP A 1 58  ? -2.264  -6.362  -11.852 1.00 13.72 ? 63  TRP A CD2   1 
ATOM   429  N  NE1   . TRP A 1 58  ? -1.555  -5.837  -13.970 1.00 15.02 ? 63  TRP A NE1   1 
ATOM   430  C  CE2   . TRP A 1 58  ? -2.454  -6.623  -13.297 1.00 15.13 ? 63  TRP A CE2   1 
ATOM   431  C  CE3   . TRP A 1 58  ? -3.073  -7.009  -10.944 1.00 12.91 ? 63  TRP A CE3   1 
ATOM   432  C  CZ2   . TRP A 1 58  ? -3.418  -7.527  -13.773 1.00 14.52 ? 63  TRP A CZ2   1 
ATOM   433  C  CZ3   . TRP A 1 58  ? -4.057  -7.912  -11.434 1.00 12.99 ? 63  TRP A CZ3   1 
ATOM   434  C  CH2   . TRP A 1 58  ? -4.213  -8.173  -12.801 1.00 14.01 ? 63  TRP A CH2   1 
ATOM   435  N  N     . ASP A 1 59  ? 2.324   -5.036  -8.791  1.00 12.18 ? 64  ASP A N     1 
ATOM   436  C  CA    . ASP A 1 59  ? 3.348   -4.241  -8.093  1.00 11.15 ? 64  ASP A CA    1 
ATOM   437  C  C     . ASP A 1 59  ? 3.836   -3.145  -9.062  1.00 11.90 ? 64  ASP A C     1 
ATOM   438  O  O     . ASP A 1 59  ? 3.810   -3.325  -10.272 1.00 11.87 ? 64  ASP A O     1 
ATOM   439  C  CB    . ASP A 1 59  ? 4.487   -5.178  -7.642  1.00 10.58 ? 64  ASP A CB    1 
ATOM   440  C  CG    . ASP A 1 59  ? 5.430   -4.535  -6.659  1.00 10.24 ? 64  ASP A CG    1 
ATOM   441  O  OD1   . ASP A 1 59  ? 5.170   -3.382  -6.217  1.00 10.51 ? 64  ASP A OD1   1 
ATOM   442  O  OD2   . ASP A 1 59  ? 6.423   -5.208  -6.291  1.00 8.56  ? 64  ASP A OD2   1 
ATOM   443  N  N     . THR A 1 60  ? 4.190   -1.963  -8.559  1.00 11.95 ? 65  THR A N     1 
ATOM   444  C  CA    . THR A 1 60  ? 4.727   -0.940  -9.438  1.00 12.65 ? 65  THR A CA    1 
ATOM   445  C  C     . THR A 1 60  ? 5.927   -0.350  -8.763  1.00 12.92 ? 65  THR A C     1 
ATOM   446  O  O     . THR A 1 60  ? 5.974   -0.260  -7.524  1.00 12.34 ? 65  THR A O     1 
ATOM   447  C  CB    . THR A 1 60  ? 3.738   0.213   -9.751  1.00 13.87 ? 65  THR A CB    1 
ATOM   448  O  OG1   . THR A 1 60  ? 3.570   1.020   -8.587  1.00 16.06 ? 65  THR A OG1   1 
ATOM   449  C  CG2   . THR A 1 60  ? 2.353   -0.323  -10.249 1.00 13.92 ? 65  THR A CG2   1 
ATOM   450  N  N     . ALA A 1 61  ? 6.879   0.086   -9.560  1.00 13.15 ? 66  ALA A N     1 
ATOM   451  C  CA    . ALA A 1 61  ? 8.089   0.711   -8.999  1.00 15.51 ? 66  ALA A CA    1 
ATOM   452  C  C     . ALA A 1 61  ? 7.852   2.187   -8.652  1.00 16.17 ? 66  ALA A C     1 
ATOM   453  O  O     . ALA A 1 61  ? 7.101   2.900   -9.359  1.00 17.69 ? 66  ALA A O     1 
ATOM   454  C  CB    . ALA A 1 61  ? 9.190   0.614   -10.019 1.00 15.52 ? 66  ALA A CB    1 
ATOM   455  N  N     . GLY A 1 62  ? 8.509   2.678   -7.602  1.00 16.22 ? 67  GLY A N     1 
ATOM   456  C  CA    . GLY A 1 62  ? 8.318   4.077   -7.239  1.00 16.87 ? 67  GLY A CA    1 
ATOM   457  C  C     . GLY A 1 62  ? 9.254   4.968   -8.041  1.00 20.39 ? 67  GLY A C     1 
ATOM   458  O  O     . GLY A 1 62  ? 9.193   6.191   -7.924  1.00 21.54 ? 67  GLY A O     1 
ATOM   459  N  N     . LEU A 1 63  ? 10.093  4.350   -8.871  1.00 20.36 ? 68  LEU A N     1 
ATOM   460  C  CA    . LEU A 1 63  ? 11.196  5.037   -9.587  1.00 21.78 ? 68  LEU A CA    1 
ATOM   461  C  C     . LEU A 1 63  ? 10.670  6.086   -10.551 1.00 23.49 ? 68  LEU A C     1 
ATOM   462  O  O     . LEU A 1 63  ? 9.737   5.831   -11.332 1.00 21.52 ? 68  LEU A O     1 
ATOM   463  C  CB    . LEU A 1 63  ? 12.027  4.032   -10.362 1.00 25.04 ? 68  LEU A CB    1 
ATOM   464  C  CG    . LEU A 1 63  ? 12.598  2.854   -9.569  1.00 28.50 ? 68  LEU A CG    1 
ATOM   465  C  CD1   . LEU A 1 63  ? 12.999  1.658   -10.426 1.00 28.93 ? 68  LEU A CD1   1 
ATOM   466  C  CD2   . LEU A 1 63  ? 13.790  3.381   -8.769  1.00 31.09 ? 68  LEU A CD2   1 
ATOM   467  N  N     . GLU A 1 64  ? 11.294  7.255   -10.542 1.00 24.13 ? 69  GLU A N     1 
ATOM   468  C  CA    . GLU A 1 64  ? 10.900  8.311   -11.460 1.00 28.87 ? 69  GLU A CA    1 
ATOM   469  C  C     . GLU A 1 64  ? 10.950  7.899   -12.949 1.00 27.53 ? 69  GLU A C     1 
ATOM   470  O  O     . GLU A 1 64  ? 10.020  8.219   -13.732 1.00 25.77 ? 69  GLU A O     1 
ATOM   471  C  CB    . GLU A 1 64  ? 11.683  9.611   -11.155 1.00 35.45 ? 69  GLU A CB    1 
ATOM   472  C  CG    . GLU A 1 64  ? 10.959  10.506  -10.148 1.00 43.86 ? 69  GLU A CG    1 
ATOM   473  C  CD    . GLU A 1 64  ? 9.495   10.762  -10.532 1.00 56.34 ? 69  GLU A CD    1 
ATOM   474  O  OE1   . GLU A 1 64  ? 9.175   10.853  -11.753 1.00 56.85 ? 69  GLU A OE1   1 
ATOM   475  O  OE2   . GLU A 1 64  ? 8.647   10.861  -9.610  1.00 63.15 ? 69  GLU A OE2   1 
ATOM   476  N  N     . ASP A 1 65  ? 11.959  7.105   -13.318 1.00 28.63 ? 70  ASP A N     1 
ATOM   477  C  CA    . ASP A 1 65  ? 12.095  6.601   -14.696 1.00 31.23 ? 70  ASP A CA    1 
ATOM   478  C  C     . ASP A 1 65  ? 10.942  5.711   -15.154 1.00 30.73 ? 70  ASP A C     1 
ATOM   479  O  O     . ASP A 1 65  ? 10.855  5.359   -16.334 1.00 28.26 ? 70  ASP A O     1 
ATOM   480  C  CB    . ASP A 1 65  ? 13.409  5.838   -14.919 1.00 33.27 ? 70  ASP A CB    1 
ATOM   481  C  CG    . ASP A 1 65  ? 14.624  6.772   -15.070 1.00 36.99 ? 70  ASP A CG    1 
ATOM   482  O  OD1   . ASP A 1 65  ? 14.516  7.864   -15.673 1.00 34.68 ? 70  ASP A OD1   1 
ATOM   483  O  OD2   . ASP A 1 65  ? 15.729  6.390   -14.616 1.00 40.65 ? 70  ASP A OD2   1 
ATOM   484  N  N     . TYR A 1 66  ? 10.075  5.305   -14.245 1.00 27.33 ? 71  TYR A N     1 
ATOM   485  C  CA    . TYR A 1 66  ? 9.014   4.459   -14.691 1.00 26.51 ? 71  TYR A CA    1 
ATOM   486  C  C     . TYR A 1 66  ? 7.669   5.141   -14.604 1.00 23.89 ? 71  TYR A C     1 
ATOM   487  O  O     . TYR A 1 66  ? 6.624   4.507   -14.707 1.00 21.23 ? 71  TYR A O     1 
ATOM   488  C  CB    . TYR A 1 66  ? 9.158   3.064   -14.080 1.00 32.76 ? 71  TYR A CB    1 
ATOM   489  C  CG    . TYR A 1 66  ? 10.320  2.371   -14.817 1.00 41.59 ? 71  TYR A CG    1 
ATOM   490  C  CD1   . TYR A 1 66  ? 10.088  1.654   -15.989 1.00 44.97 ? 71  TYR A CD1   1 
ATOM   491  C  CD2   . TYR A 1 66  ? 11.656  2.529   -14.425 1.00 43.99 ? 71  TYR A CD2   1 
ATOM   492  C  CE1   . TYR A 1 66  ? 11.122  1.058   -16.722 1.00 48.07 ? 71  TYR A CE1   1 
ATOM   493  C  CE2   . TYR A 1 66  ? 12.711  1.929   -15.163 1.00 46.45 ? 71  TYR A CE2   1 
ATOM   494  C  CZ    . TYR A 1 66  ? 12.432  1.193   -16.320 1.00 47.70 ? 71  TYR A CZ    1 
ATOM   495  O  OH    . TYR A 1 66  ? 13.410  0.561   -17.094 1.00 49.86 ? 71  TYR A OH    1 
ATOM   496  N  N     . SER A 1 67  ? 7.706   6.466   -14.451 1.00 21.69 ? 72  SER A N     1 
ATOM   497  C  CA    . SER A 1 67  ? 6.472   7.220   -14.263 1.00 21.98 ? 72  SER A CA    1 
ATOM   498  C  C     . SER A 1 67  ? 5.484   7.157   -15.437 1.00 24.36 ? 72  SER A C     1 
ATOM   499  O  O     . SER A 1 67  ? 4.295   7.338   -15.226 1.00 21.45 ? 72  SER A O     1 
ATOM   500  C  CB    . SER A 1 67  ? 6.764   8.666   -13.873 1.00 22.39 ? 72  SER A CB    1 
ATOM   501  O  OG    . SER A 1 67  ? 7.153   9.305   -15.027 1.00 26.41 ? 72  SER A OG    1 
ATOM   502  N  N     . ARG A 1 68  ? 5.942   6.851   -16.662 1.00 25.60 ? 73  ARG A N     1 
ATOM   503  C  CA    . ARG A 1 68  ? 5.040   6.724   -17.822 1.00 25.82 ? 73  ARG A CA    1 
ATOM   504  C  C     . ARG A 1 68  ? 4.441   5.358   -17.971 1.00 28.71 ? 73  ARG A C     1 
ATOM   505  O  O     . ARG A 1 68  ? 3.538   5.099   -18.800 1.00 31.89 ? 73  ARG A O     1 
ATOM   506  C  CB    . ARG A 1 68  ? 5.839   6.960   -19.074 1.00 27.85 ? 73  ARG A CB    1 
ATOM   507  C  CG    . ARG A 1 68  ? 5.759   8.326   -19.682 1.00 28.56 ? 73  ARG A CG    1 
ATOM   508  C  CD    . ARG A 1 68  ? 6.766   8.174   -20.818 1.00 28.61 ? 73  ARG A CD    1 
ATOM   509  N  NE    . ARG A 1 68  ? 6.309   8.483   -22.148 1.00 28.17 ? 73  ARG A NE    1 
ATOM   510  C  CZ    . ARG A 1 68  ? 7.141   8.697   -23.167 1.00 27.40 ? 73  ARG A CZ    1 
ATOM   511  N  NH1   . ARG A 1 68  ? 8.449   8.651   -22.982 1.00 26.43 ? 73  ARG A NH1   1 
ATOM   512  N  NH2   . ARG A 1 68  ? 6.675   8.986   -24.356 1.00 28.79 ? 73  ARG A NH2   1 
ATOM   513  N  N     . LEU A 1 69  ? 4.997   4.421   -17.252 1.00 25.39 ? 74  LEU A N     1 
ATOM   514  C  CA    . LEU A 1 69  ? 4.478   3.108   -17.370 1.00 25.11 ? 74  LEU A CA    1 
ATOM   515  C  C     . LEU A 1 69  ? 3.365   2.979   -16.392 1.00 23.53 ? 74  LEU A C     1 
ATOM   516  O  O     . LEU A 1 69  ? 2.435   2.222   -16.633 1.00 23.60 ? 74  LEU A O     1 
ATOM   517  C  CB    . LEU A 1 69  ? 5.575   2.090   -17.116 1.00 26.96 ? 74  LEU A CB    1 
ATOM   518  C  CG    . LEU A 1 69  ? 6.723   2.479   -18.088 1.00 30.88 ? 74  LEU A CG    1 
ATOM   519  C  CD1   . LEU A 1 69  ? 7.857   1.547   -17.755 1.00 32.19 ? 74  LEU A CD1   1 
ATOM   520  C  CD2   . LEU A 1 69  ? 6.369   2.468   -19.594 1.00 29.68 ? 74  LEU A CD2   1 
ATOM   521  N  N     . ARG A 1 70  ? 3.445   3.715   -15.280 1.00 21.60 ? 75  ARG A N     1 
ATOM   522  C  CA    . ARG A 1 70  ? 2.475   3.484   -14.170 1.00 22.25 ? 75  ARG A CA    1 
ATOM   523  C  C     . ARG A 1 70  ? 1.037   3.637   -14.627 1.00 18.74 ? 75  ARG A C     1 
ATOM   524  O  O     . ARG A 1 70  ? 0.226   2.785   -14.313 1.00 20.00 ? 75  ARG A O     1 
ATOM   525  C  CB    . ARG A 1 70  ? 2.757   4.373   -12.930 1.00 22.40 ? 75  ARG A CB    1 
ATOM   526  C  CG    . ARG A 1 70  ? 4.046   4.024   -12.230 1.00 22.37 ? 75  ARG A CG    1 
ATOM   527  C  CD    . ARG A 1 70  ? 4.238   4.829   -10.941 1.00 21.89 ? 75  ARG A CD    1 
ATOM   528  N  NE    . ARG A 1 70  ? 3.917   6.277   -10.984 1.00 20.14 ? 75  ARG A NE    1 
ATOM   529  C  CZ    . ARG A 1 70  ? 4.831   7.254   -10.862 1.00 22.83 ? 75  ARG A CZ    1 
ATOM   530  N  NH1   . ARG A 1 70  ? 6.133   6.939   -10.781 1.00 21.38 ? 75  ARG A NH1   1 
ATOM   531  N  NH2   . ARG A 1 70  ? 4.461   8.556   -10.824 1.00 23.42 ? 75  ARG A NH2   1 
ATOM   532  N  N     . PRO A 1 71  ? 0.719   4.668   -15.441 1.00 17.82 ? 76  PRO A N     1 
ATOM   533  C  CA    . PRO A 1 71  ? -0.700  4.781   -15.813 1.00 16.43 ? 76  PRO A CA    1 
ATOM   534  C  C     . PRO A 1 71  ? -1.139  3.614   -16.655 1.00 14.60 ? 76  PRO A C     1 
ATOM   535  O  O     . PRO A 1 71  ? -2.313  3.321   -16.681 1.00 13.06 ? 76  PRO A O     1 
ATOM   536  C  CB    . PRO A 1 71  ? -0.749  6.078   -16.632 1.00 17.93 ? 76  PRO A CB    1 
ATOM   537  C  CG    . PRO A 1 71  ? 0.385   6.838   -16.044 1.00 19.30 ? 76  PRO A CG    1 
ATOM   538  C  CD    . PRO A 1 71  ? 1.466   5.799   -15.984 1.00 18.73 ? 76  PRO A CD    1 
ATOM   539  N  N     . LEU A 1 72  ? -0.207  2.886   -17.278 1.00 13.10 ? 77  LEU A N     1 
ATOM   540  C  CA    . LEU A 1 72  ? -0.612  1.740   -18.055 1.00 13.37 ? 77  LEU A CA    1 
ATOM   541  C  C     . LEU A 1 72  ? -1.100  0.665   -17.102 1.00 15.87 ? 77  LEU A C     1 
ATOM   542  O  O     . LEU A 1 72  ? -1.985  -0.133  -17.466 1.00 17.37 ? 77  LEU A O     1 
ATOM   543  C  CB    . LEU A 1 72  ? 0.523   1.202   -18.934 1.00 13.77 ? 77  LEU A CB    1 
ATOM   544  C  CG    . LEU A 1 72  ? 1.005   2.159   -20.024 1.00 14.85 ? 77  LEU A CG    1 
ATOM   545  C  CD1   . LEU A 1 72  ? 2.134   1.523   -20.826 1.00 16.27 ? 77  LEU A CD1   1 
ATOM   546  C  CD2   . LEU A 1 72  ? -0.126  2.683   -20.907 1.00 14.43 ? 77  LEU A CD2   1 
ATOM   547  N  N     . SER A 1 73  ? -0.508  0.595   -15.916 1.00 14.31 ? 78  SER A N     1 
ATOM   548  C  CA    . SER A 1 73  ? -0.960  -0.339  -14.890 1.00 16.08 ? 78  SER A CA    1 
ATOM   549  C  C     . SER A 1 73  ? -2.284  0.038   -14.226 1.00 15.14 ? 78  SER A C     1 
ATOM   550  O  O     . SER A 1 73  ? -3.027  -0.883  -13.810 1.00 15.85 ? 78  SER A O     1 
ATOM   551  C  CB    . SER A 1 73  ? 0.081   -0.411  -13.771 1.00 18.88 ? 78  SER A CB    1 
ATOM   552  O  OG    . SER A 1 73  ? 1.247   -1.081  -14.210 1.00 20.82 ? 78  SER A OG    1 
ATOM   553  N  N     . TYR A 1 74  ? -2.547  1.354   -14.097 1.00 14.10 ? 79  TYR A N     1 
ATOM   554  C  CA    . TYR A 1 74  ? -3.772  1.874   -13.447 1.00 14.97 ? 79  TYR A CA    1 
ATOM   555  C  C     . TYR A 1 74  ? -5.008  1.500   -14.183 1.00 15.16 ? 79  TYR A C     1 
ATOM   556  O  O     . TYR A 1 74  ? -6.045  1.342   -13.558 1.00 15.09 ? 79  TYR A O     1 
ATOM   557  C  CB    . TYR A 1 74  ? -3.778  3.393   -13.319 1.00 14.21 ? 79  TYR A CB    1 
ATOM   558  C  CG    . TYR A 1 74  ? -2.608  3.955   -12.545 1.00 15.22 ? 79  TYR A CG    1 
ATOM   559  C  CD1   . TYR A 1 74  ? -1.831  3.144   -11.713 1.00 15.87 ? 79  TYR A CD1   1 
ATOM   560  C  CD2   . TYR A 1 74  ? -2.284  5.292   -12.661 1.00 14.48 ? 79  TYR A CD2   1 
ATOM   561  C  CE1   . TYR A 1 74  ? -0.778  3.664   -11.009 1.00 14.91 ? 79  TYR A CE1   1 
ATOM   562  C  CE2   . TYR A 1 74  ? -1.249  5.816   -11.968 1.00 15.25 ? 79  TYR A CE2   1 
ATOM   563  C  CZ    . TYR A 1 74  ? -0.499  4.994   -11.157 1.00 15.86 ? 79  TYR A CZ    1 
ATOM   564  O  OH    . TYR A 1 74  ? 0.551   5.572   -10.507 1.00 14.64 ? 79  TYR A OH    1 
ATOM   565  N  N     . ARG A 1 75  ? -4.896  1.357   -15.516 1.00 14.67 ? 80  ARG A N     1 
ATOM   566  C  CA    . ARG A 1 75  ? -6.029  1.013   -16.411 1.00 13.97 ? 80  ARG A CA    1 
ATOM   567  C  C     . ARG A 1 75  ? -6.642  -0.287  -15.953 1.00 13.33 ? 80  ARG A C     1 
ATOM   568  O  O     . ARG A 1 75  ? -5.901  -1.225  -15.698 1.00 13.34 ? 80  ARG A O     1 
ATOM   569  C  CB    . ARG A 1 75  ? -5.483  0.746   -17.821 1.00 13.64 ? 80  ARG A CB    1 
ATOM   570  C  CG    . ARG A 1 75  ? -5.024  1.998   -18.517 1.00 17.20 ? 80  ARG A CG    1 
ATOM   571  C  CD    . ARG A 1 75  ? -4.514  1.639   -19.925 1.00 15.60 ? 80  ARG A CD    1 
ATOM   572  N  NE    . ARG A 1 75  ? -3.510  0.555   -19.971 1.00 14.24 ? 80  ARG A NE    1 
ATOM   573  C  CZ    . ARG A 1 75  ? -2.836  0.311   -21.105 1.00 13.83 ? 80  ARG A CZ    1 
ATOM   574  N  NH1   . ARG A 1 75  ? -3.115  1.027   -22.186 1.00 11.75 ? 80  ARG A NH1   1 
ATOM   575  N  NH2   . ARG A 1 75  ? -1.944  -0.646  -21.183 1.00 12.71 ? 80  ARG A NH2   1 
ATOM   576  N  N     . GLY A 1 76  ? -7.979  -0.336  -15.829 1.00 12.05 ? 81  GLY A N     1 
ATOM   577  C  CA    . GLY A 1 76  ? -8.664  -1.548  -15.448 1.00 10.88 ? 81  GLY A CA    1 
ATOM   578  C  C     . GLY A 1 76  ? -8.573  -1.948  -13.963 1.00 11.15 ? 81  GLY A C     1 
ATOM   579  O  O     . GLY A 1 76  ? -9.065  -2.997  -13.588 1.00 10.00 ? 81  GLY A O     1 
ATOM   580  N  N     . ALA A 1 77  ? -7.957  -1.126  -13.120 1.00 10.22 ? 82  ALA A N     1 
ATOM   581  C  CA    . ALA A 1 77  ? -7.820  -1.450  -11.672 1.00 10.20 ? 82  ALA A CA    1 
ATOM   582  C  C     . ALA A 1 77  ? -9.155  -1.335  -10.952 1.00 10.07 ? 82  ALA A C     1 
ATOM   583  O  O     . ALA A 1 77  ? -9.934  -0.400  -11.261 1.00 10.03 ? 82  ALA A O     1 
ATOM   584  C  CB    . ALA A 1 77  ? -6.846  -0.527  -10.976 1.00 10.73 ? 82  ALA A CB    1 
ATOM   585  N  N     . ASP A 1 78  ? -9.359  -2.205  -9.959  1.00 8.96  ? 83  ASP A N     1 
ATOM   586  C  CA    . ASP A 1 78  ? -10.511 -2.149  -9.033  1.00 8.39  ? 83  ASP A CA    1 
ATOM   587  C  C     . ASP A 1 78  ? -10.210 -1.401  -7.738  1.00 8.40  ? 83  ASP A C     1 
ATOM   588  O  O     . ASP A 1 78  ? -11.154 -0.902  -7.055  1.00 7.71  ? 83  ASP A O     1 
ATOM   589  C  CB    . ASP A 1 78  ? -10.967 -3.556  -8.638  1.00 9.26  ? 83  ASP A CB    1 
ATOM   590  C  CG    . ASP A 1 78  ? -11.438 -4.358  -9.818  1.00 9.80  ? 83  ASP A CG    1 
ATOM   591  O  OD1   . ASP A 1 78  ? -12.522 -4.054  -10.351 1.00 10.40 ? 83  ASP A OD1   1 
ATOM   592  O  OD2   . ASP A 1 78  ? -10.703 -5.278  -10.261 1.00 10.90 ? 83  ASP A OD2   1 
ATOM   593  N  N     . VAL A 1 79  ? -8.935  -1.349  -7.355  1.00 7.05  ? 84  VAL A N     1 
ATOM   594  C  CA    . VAL A 1 79  ? -8.579  -0.763  -6.070  1.00 6.94  ? 84  VAL A CA    1 
ATOM   595  C  C     . VAL A 1 79  ? -7.081  -0.459  -6.131  1.00 7.35  ? 84  VAL A C     1 
ATOM   596  O  O     . VAL A 1 79  ? -6.349  -1.130  -6.853  1.00 6.75  ? 84  VAL A O     1 
ATOM   597  C  CB    . VAL A 1 79  ? -8.987  -1.666  -4.853  1.00 6.88  ? 84  VAL A CB    1 
ATOM   598  C  CG1   . VAL A 1 79  ? -8.377  -3.099  -4.924  1.00 6.74  ? 84  VAL A CG1   1 
ATOM   599  C  CG2   . VAL A 1 79  ? -8.725  -0.967  -3.490  1.00 7.12  ? 84  VAL A CG2   1 
ATOM   600  N  N     . PHE A 1 80  ? -6.662  0.611   -5.425  1.00 7.39  ? 85  PHE A N     1 
ATOM   601  C  CA    . PHE A 1 80  ? -5.276  0.924   -5.296  1.00 7.32  ? 85  PHE A CA    1 
ATOM   602  C  C     . PHE A 1 80  ? -4.882  0.803   -3.824  1.00 7.81  ? 85  PHE A C     1 
ATOM   603  O  O     . PHE A 1 80  ? -5.643  1.163   -2.936  1.00 7.12  ? 85  PHE A O     1 
ATOM   604  C  CB    . PHE A 1 80  ? -5.048  2.373   -5.710  1.00 7.67  ? 85  PHE A CB    1 
ATOM   605  C  CG    . PHE A 1 80  ? -5.266  2.603   -7.157  1.00 7.92  ? 85  PHE A CG    1 
ATOM   606  C  CD1   . PHE A 1 80  ? -4.356  2.089   -8.086  1.00 8.73  ? 85  PHE A CD1   1 
ATOM   607  C  CD2   . PHE A 1 80  ? -6.360  3.286   -7.611  1.00 8.00  ? 85  PHE A CD2   1 
ATOM   608  C  CE1   . PHE A 1 80  ? -4.532  2.250   -9.420  1.00 8.29  ? 85  PHE A CE1   1 
ATOM   609  C  CE2   . PHE A 1 80  ? -6.520  3.469   -8.963  1.00 8.34  ? 85  PHE A CE2   1 
ATOM   610  C  CZ    . PHE A 1 80  ? -5.600  2.925   -9.858  1.00 8.92  ? 85  PHE A CZ    1 
ATOM   611  N  N     . ILE A 1 81  ? -3.674  0.304   -3.592  1.00 7.37  ? 86  ILE A N     1 
ATOM   612  C  CA    . ILE A 1 81  ? -3.046  0.507   -2.316  1.00 8.18  ? 86  ILE A CA    1 
ATOM   613  C  C     . ILE A 1 81  ? -2.019  1.659   -2.533  1.00 8.87  ? 86  ILE A C     1 
ATOM   614  O  O     . ILE A 1 81  ? -1.123  1.519   -3.378  1.00 10.12 ? 86  ILE A O     1 
ATOM   615  C  CB    . ILE A 1 81  ? -2.419  -0.816  -1.816  1.00 8.19  ? 86  ILE A CB    1 
ATOM   616  C  CG1   . ILE A 1 81  ? -3.531  -1.812  -1.461  1.00 8.16  ? 86  ILE A CG1   1 
ATOM   617  C  CG2   . ILE A 1 81  ? -1.488  -0.578  -0.626  1.00 7.90  ? 86  ILE A CG2   1 
ATOM   618  C  CD1   . ILE A 1 81  ? -2.977  -3.211  -1.326  1.00 9.24  ? 86  ILE A CD1   1 
ATOM   619  N  N     . LEU A 1 82  ? -2.148  2.747   -1.748  1.00 8.45  ? 87  LEU A N     1 
ATOM   620  C  CA    . LEU A 1 82  ? -1.302  3.922   -1.887  1.00 9.81  ? 87  LEU A CA    1 
ATOM   621  C  C     . LEU A 1 82  ? -0.496  3.978   -0.617  1.00 9.77  ? 87  LEU A C     1 
ATOM   622  O  O     . LEU A 1 82  ? -1.052  4.202   0.464   1.00 10.05 ? 87  LEU A O     1 
ATOM   623  C  CB    . LEU A 1 82  ? -2.119  5.190   -2.074  1.00 10.75 ? 87  LEU A CB    1 
ATOM   624  C  CG    . LEU A 1 82  ? -1.369  6.554   -2.212  1.00 11.81 ? 87  LEU A CG    1 
ATOM   625  C  CD1   . LEU A 1 82  ? -0.124  6.477   -3.006  1.00 13.98 ? 87  LEU A CD1   1 
ATOM   626  C  CD2   . LEU A 1 82  ? -2.296  7.641   -2.762  1.00 12.11 ? 87  LEU A CD2   1 
ATOM   627  N  N     . SER A 1 83  ? 0.789   3.687   -0.750  1.00 9.11  ? 88  SER A N     1 
ATOM   628  C  CA    . SER A 1 83  ? 1.690   3.469   0.375   1.00 9.52  ? 88  SER A CA    1 
ATOM   629  C  C     . SER A 1 83  ? 2.602   4.677   0.611   1.00 8.54  ? 88  SER A C     1 
ATOM   630  O  O     . SER A 1 83  ? 3.010   5.375   -0.358  1.00 8.17  ? 88  SER A O     1 
ATOM   631  C  CB    . SER A 1 83  ? 2.600   2.294   0.010   1.00 11.44 ? 88  SER A CB    1 
ATOM   632  O  OG    . SER A 1 83  ? 1.942   1.050   0.355   1.00 18.28 ? 88  SER A OG    1 
ATOM   633  N  N     . PHE A 1 84  ? 2.923   4.930   1.883   1.00 7.68  ? 89  PHE A N     1 
ATOM   634  C  CA    . PHE A 1 84  ? 4.007   5.862   2.219   1.00 7.04  ? 89  PHE A CA    1 
ATOM   635  C  C     . PHE A 1 84  ? 4.639   5.270   3.470   1.00 7.23  ? 89  PHE A C     1 
ATOM   636  O  O     . PHE A 1 84  ? 4.041   4.417   4.136   1.00 7.03  ? 89  PHE A O     1 
ATOM   637  C  CB    . PHE A 1 84  ? 3.524   7.300   2.527   1.00 7.14  ? 89  PHE A CB    1 
ATOM   638  C  CG    . PHE A 1 84  ? 2.677   7.374   3.768   1.00 7.32  ? 89  PHE A CG    1 
ATOM   639  C  CD1   . PHE A 1 84  ? 1.262   7.020   3.721   1.00 7.42  ? 89  PHE A CD1   1 
ATOM   640  C  CD2   . PHE A 1 84  ? 3.248   7.736   5.014   1.00 7.22  ? 89  PHE A CD2   1 
ATOM   641  C  CE1   . PHE A 1 84  ? 0.486   7.033   4.918   1.00 7.45  ? 89  PHE A CE1   1 
ATOM   642  C  CE2   . PHE A 1 84  ? 2.470   7.721   6.182   1.00 7.17  ? 89  PHE A CE2   1 
ATOM   643  C  CZ    . PHE A 1 84  ? 1.094   7.353   6.146   1.00 7.46  ? 89  PHE A CZ    1 
ATOM   644  N  N     . SER A 1 85  ? 5.853   5.720   3.802   1.00 7.04  ? 90  SER A N     1 
ATOM   645  C  CA    . SER A 1 85  ? 6.544   5.111   4.908   1.00 7.49  ? 90  SER A CA    1 
ATOM   646  C  C     . SER A 1 85  ? 6.269   5.961   6.131   1.00 7.37  ? 90  SER A C     1 
ATOM   647  O  O     . SER A 1 85  ? 6.419   7.178   6.085   1.00 7.61  ? 90  SER A O     1 
ATOM   648  C  CB    . SER A 1 85  ? 8.073   5.127   4.625   1.00 8.25  ? 90  SER A CB    1 
ATOM   649  O  OG    . SER A 1 85  ? 8.714   4.924   5.871   1.00 8.95  ? 90  SER A OG    1 
ATOM   650  N  N     . LEU A 1 86  ? 5.988   5.312   7.240   1.00 7.51  ? 91  LEU A N     1 
ATOM   651  C  CA    . LEU A 1 86  ? 5.658   6.011   8.513   1.00 8.45  ? 91  LEU A CA    1 
ATOM   652  C  C     . LEU A 1 86  ? 6.860   6.771   9.084   1.00 8.81  ? 91  LEU A C     1 
ATOM   653  O  O     . LEU A 1 86  ? 6.696   7.554   10.046  1.00 9.21  ? 91  LEU A O     1 
ATOM   654  C  CB    . LEU A 1 86  ? 5.097   5.063   9.569   1.00 7.29  ? 91  LEU A CB    1 
ATOM   655  C  CG    . LEU A 1 86  ? 3.733   4.464   9.130   1.00 7.50  ? 91  LEU A CG    1 
ATOM   656  C  CD1   . LEU A 1 86  ? 3.360   3.388   10.128  1.00 7.35  ? 91  LEU A CD1   1 
ATOM   657  C  CD2   . LEU A 1 86  ? 2.712   5.650   9.222   1.00 7.18  ? 91  LEU A CD2   1 
ATOM   658  N  N     . ILE A 1 87  ? 8.060   6.480   8.578   1.00 9.18  ? 92  ILE A N     1 
ATOM   659  C  CA    . ILE A 1 87  ? 9.234   7.237   9.056   1.00 9.62  ? 92  ILE A CA    1 
ATOM   660  C  C     . ILE A 1 87  ? 9.757   8.171   8.012   1.00 9.89  ? 92  ILE A C     1 
ATOM   661  O  O     . ILE A 1 87  ? 10.910  8.675   8.117   1.00 10.35 ? 92  ILE A O     1 
ATOM   662  C  CB    . ILE A 1 87  ? 10.328  6.301   9.638   1.00 9.87  ? 92  ILE A CB    1 
ATOM   663  C  CG1   . ILE A 1 87  ? 10.681  5.133   8.699   1.00 10.62 ? 92  ILE A CG1   1 
ATOM   664  C  CG2   . ILE A 1 87  ? 9.756   5.685   10.887  1.00 10.30 ? 92  ILE A CG2   1 
ATOM   665  C  CD1   . ILE A 1 87  ? 11.643  5.454   7.549   1.00 10.42 ? 92  ILE A CD1   1 
ATOM   666  N  N     . SER A 1 88  ? 8.950   8.374   6.970   1.00 10.03 ? 93  SER A N     1 
ATOM   667  C  CA    . SER A 1 88  ? 9.281   9.376   5.967   1.00 10.27 ? 93  SER A CA    1 
ATOM   668  C  C     . SER A 1 88  ? 8.141   10.379  5.716   1.00 10.44 ? 93  SER A C     1 
ATOM   669  O  O     . SER A 1 88  ? 7.263   10.164  4.890   1.00 9.08  ? 93  SER A O     1 
ATOM   670  C  CB    . SER A 1 88  ? 9.725   8.757   4.643   1.00 10.92 ? 93  SER A CB    1 
ATOM   671  O  OG    . SER A 1 88  ? 9.855   9.778   3.623   1.00 11.28 ? 93  SER A OG    1 
ATOM   672  N  N     . ARG A 1 89  ? 8.235   11.525  6.391   1.00 11.66 ? 94  ARG A N     1 
ATOM   673  C  CA    . ARG A 1 89  ? 7.369   12.657  6.072   1.00 12.36 ? 94  ARG A CA    1 
ATOM   674  C  C     . ARG A 1 89  ? 7.411   13.031  4.599   1.00 11.55 ? 94  ARG A C     1 
ATOM   675  O  O     . ARG A 1 89  ? 6.380   13.401  4.015   1.00 11.80 ? 94  ARG A O     1 
ATOM   676  C  CB    . ARG A 1 89  ? 7.645   13.890  6.959   1.00 12.94 ? 94  ARG A CB    1 
ATOM   677  C  CG    . ARG A 1 89  ? 6.604   14.971  6.685   1.00 15.61 ? 94  ARG A CG    1 
ATOM   678  C  CD    . ARG A 1 89  ? 6.546   16.014  7.771   1.00 16.17 ? 94  ARG A CD    1 
ATOM   679  N  NE    . ARG A 1 89  ? 5.973   15.439  8.980   1.00 19.08 ? 94  ARG A NE    1 
ATOM   680  C  CZ    . ARG A 1 89  ? 4.684   15.374  9.271   1.00 19.81 ? 94  ARG A CZ    1 
ATOM   681  N  NH1   . ARG A 1 89  ? 3.765   15.834  8.431   1.00 22.59 ? 94  ARG A NH1   1 
ATOM   682  N  NH2   . ARG A 1 89  ? 4.338   14.852  10.411  1.00 24.11 ? 94  ARG A NH2   1 
ATOM   683  N  N     . ALA A 1 90  ? 8.571   12.926  3.968   1.00 11.92 ? 95  ALA A N     1 
ATOM   684  C  CA    . ALA A 1 90  ? 8.647   13.226  2.523   1.00 11.14 ? 95  ALA A CA    1 
ATOM   685  C  C     . ALA A 1 90  ? 7.678   12.321  1.693   1.00 11.80 ? 95  ALA A C     1 
ATOM   686  O  O     . ALA A 1 90  ? 6.970   12.806  0.747   1.00 10.76 ? 95  ALA A O     1 
ATOM   687  C  CB    . ALA A 1 90  ? 10.056  13.055  2.022   1.00 11.81 ? 95  ALA A CB    1 
ATOM   688  N  N     . SER A 1 91  ? 7.645   11.030  2.037   1.00 10.03 ? 96  SER A N     1 
ATOM   689  C  CA    . SER A 1 91  ? 6.757   10.064  1.332   1.00 9.29  ? 96  SER A CA    1 
ATOM   690  C  C     . SER A 1 91  ? 5.283   10.364  1.581   1.00 9.85  ? 96  SER A C     1 
ATOM   691  O  O     . SER A 1 91  ? 4.448   10.209  0.686   1.00 9.48  ? 96  SER A O     1 
ATOM   692  C  CB    . SER A 1 91  ? 7.099   8.590   1.663   1.00 8.32  ? 96  SER A CB    1 
ATOM   693  O  OG    . SER A 1 91  ? 6.721   8.282   2.961   1.00 7.84  ? 96  SER A OG    1 
ATOM   694  N  N     . TYR A 1 92  ? 4.986   10.860  2.785   1.00 10.44 ? 97  TYR A N     1 
ATOM   695  C  CA    . TYR A 1 92  ? 3.678   11.297  3.190   1.00 10.63 ? 97  TYR A CA    1 
ATOM   696  C  C     . TYR A 1 92  ? 3.250   12.521  2.419   1.00 12.09 ? 97  TYR A C     1 
ATOM   697  O  O     . TYR A 1 92  ? 2.099   12.590  1.910   1.00 11.70 ? 97  TYR A O     1 
ATOM   698  C  CB    . TYR A 1 92  ? 3.731   11.586  4.697   1.00 10.82 ? 97  TYR A CB    1 
ATOM   699  C  CG    . TYR A 1 92  ? 2.533   12.197  5.368   1.00 10.70 ? 97  TYR A CG    1 
ATOM   700  C  CD1   . TYR A 1 92  ? 2.261   13.579  5.283   1.00 12.27 ? 97  TYR A CD1   1 
ATOM   701  C  CD2   . TYR A 1 92  ? 1.716   11.412  6.162   1.00 11.26 ? 97  TYR A CD2   1 
ATOM   702  C  CE1   . TYR A 1 92  ? 1.179   14.158  5.956   1.00 12.68 ? 97  TYR A CE1   1 
ATOM   703  C  CE2   . TYR A 1 92  ? 0.640   11.988  6.852   1.00 11.31 ? 97  TYR A CE2   1 
ATOM   704  C  CZ    . TYR A 1 92  ? 0.380   13.329  6.723   1.00 12.35 ? 97  TYR A CZ    1 
ATOM   705  O  OH    . TYR A 1 92  ? -0.687  13.830  7.431   1.00 14.37 ? 97  TYR A OH    1 
ATOM   706  N  N     . GLU A 1 93  ? 4.141   13.509  2.311   1.00 11.78 ? 98  GLU A N     1 
ATOM   707  C  CA    . GLU A 1 93  ? 3.803   14.639  1.479   1.00 12.64 ? 98  GLU A CA    1 
ATOM   708  C  C     . GLU A 1 93  ? 3.603   14.283  -0.011  1.00 12.79 ? 98  GLU A C     1 
ATOM   709  O  O     . GLU A 1 93  ? 2.764   14.910  -0.688  1.00 13.10 ? 98  GLU A O     1 
ATOM   710  C  CB    . GLU A 1 93  ? 4.820   15.779  1.675   1.00 14.26 ? 98  GLU A CB    1 
ATOM   711  C  CG    . GLU A 1 93  ? 4.776   16.264  3.131   1.00 16.89 ? 98  GLU A CG    1 
ATOM   712  C  CD    . GLU A 1 93  ? 5.909   17.227  3.495   1.00 22.82 ? 98  GLU A CD    1 
ATOM   713  O  OE1   . GLU A 1 93  ? 6.876   17.376  2.707   1.00 23.59 ? 98  GLU A OE1   1 
ATOM   714  O  OE2   . GLU A 1 93  ? 5.852   17.795  4.624   1.00 24.95 ? 98  GLU A OE2   1 
ATOM   715  N  N     . ASN A 1 94  ? 4.368   13.307  -0.531  1.00 11.61 ? 99  ASN A N     1 
ATOM   716  C  CA    . ASN A 1 94  ? 4.204   12.868  -1.928  1.00 11.53 ? 99  ASN A CA    1 
ATOM   717  C  C     . ASN A 1 94  ? 2.837   12.221  -2.205  1.00 11.08 ? 99  ASN A C     1 
ATOM   718  O  O     . ASN A 1 94  ? 2.315   12.263  -3.313  1.00 10.84 ? 99  ASN A O     1 
ATOM   719  C  CB    . ASN A 1 94  ? 5.394   11.988  -2.387  1.00 12.59 ? 99  ASN A CB    1 
ATOM   720  C  CG    . ASN A 1 94  ? 6.639   12.821  -2.624  1.00 15.53 ? 99  ASN A CG    1 
ATOM   721  O  OD1   . ASN A 1 94  ? 6.519   14.022  -2.944  1.00 15.45 ? 99  ASN A OD1   1 
ATOM   722  N  ND2   . ASN A 1 94  ? 7.829   12.235  -2.448  1.00 15.04 ? 99  ASN A ND2   1 
ATOM   723  N  N     . VAL A 1 95  ? 2.255   11.641  -1.186  1.00 11.46 ? 100 VAL A N     1 
ATOM   724  C  CA    . VAL A 1 95  ? 0.880   11.087  -1.297  1.00 10.71 ? 100 VAL A CA    1 
ATOM   725  C  C     . VAL A 1 95  ? -0.074  12.172  -1.753  1.00 11.89 ? 100 VAL A C     1 
ATOM   726  O  O     . VAL A 1 95  ? -0.908  11.945  -2.669  1.00 10.72 ? 100 VAL A O     1 
ATOM   727  C  CB    . VAL A 1 95  ? 0.382   10.543  0.060   1.00 10.30 ? 100 VAL A CB    1 
ATOM   728  C  CG1   . VAL A 1 95  ? -1.127  10.175  0.001   1.00 9.87  ? 100 VAL A CG1   1 
ATOM   729  C  CG2   . VAL A 1 95  ? 1.202   9.322   0.487   1.00 10.49 ? 100 VAL A CG2   1 
ATOM   730  N  N     . GLN A 1 96  ? 0.019   13.319  -1.062  1.00 12.54 ? 101 GLN A N     1 
ATOM   731  C  CA    . GLN A 1 96  ? -0.788  14.542  -1.358  1.00 14.78 ? 101 GLN A CA    1 
ATOM   732  C  C     . GLN A 1 96  ? -0.411  15.224  -2.643  1.00 14.59 ? 101 GLN A C     1 
ATOM   733  O  O     . GLN A 1 96  ? -1.279  15.681  -3.418  1.00 15.88 ? 101 GLN A O     1 
ATOM   734  C  CB    . GLN A 1 96  ? -0.556  15.587  -0.277  1.00 18.52 ? 101 GLN A CB    1 
ATOM   735  C  CG    . GLN A 1 96  ? -1.071  15.209  1.072   1.00 23.31 ? 101 GLN A CG    1 
ATOM   736  C  CD    . GLN A 1 96  ? -0.588  16.215  2.105   1.00 32.32 ? 101 GLN A CD    1 
ATOM   737  O  OE1   . GLN A 1 96  ? 0.509   16.785  1.971   1.00 36.60 ? 101 GLN A OE1   1 
ATOM   738  N  NE2   . GLN A 1 96  ? -1.414  16.464  3.127   1.00 33.24 ? 101 GLN A NE2   1 
ATOM   739  N  N     . LYS A 1 97  ? 0.887   15.333  -2.872  1.00 13.23 ? 102 LYS A N     1 
ATOM   740  C  CA    . LYS A 1 97  ? 1.376   16.112  -3.986  1.00 14.19 ? 102 LYS A CA    1 
ATOM   741  C  C     . LYS A 1 97  ? 1.441   15.377  -5.301  1.00 14.15 ? 102 LYS A C     1 
ATOM   742  O  O     . LYS A 1 97  ? 1.312   16.012  -6.362  1.00 16.21 ? 102 LYS A O     1 
ATOM   743  C  CB    . LYS A 1 97  ? 2.769   16.668  -3.650  1.00 15.08 ? 102 LYS A CB    1 
ATOM   744  C  CG    . LYS A 1 97  ? 2.689   17.883  -2.730  1.00 19.54 ? 102 LYS A CG    1 
ATOM   745  C  CD    . LYS A 1 97  ? 3.827   18.041  -1.724  1.00 23.63 ? 102 LYS A CD    1 
ATOM   746  C  CE    . LYS A 1 97  ? 5.097   18.540  -2.328  1.00 25.22 ? 102 LYS A CE    1 
ATOM   747  N  NZ    . LYS A 1 97  ? 5.839   17.297  -2.613  1.00 29.48 ? 102 LYS A NZ    1 
ATOM   748  N  N     . LYS A 1 98  ? 1.703   14.083  -5.263  1.00 13.82 ? 103 LYS A N     1 
ATOM   749  C  CA    . LYS A 1 98  ? 2.124   13.312  -6.457  1.00 14.57 ? 103 LYS A CA    1 
ATOM   750  C  C     . LYS A 1 98  ? 1.104   12.191  -6.682  1.00 13.65 ? 103 LYS A C     1 
ATOM   751  O  O     . LYS A 1 98  ? 0.393   12.187  -7.710  1.00 13.31 ? 103 LYS A O     1 
ATOM   752  C  CB    . LYS A 1 98  ? 3.538   12.682  -6.317  1.00 18.44 ? 103 LYS A CB    1 
ATOM   753  C  CG    . LYS A 1 98  ? 4.039   11.991  -7.614  1.00 22.74 ? 103 LYS A CG    1 
ATOM   754  C  CD    . LYS A 1 98  ? 5.145   10.914  -7.446  1.00 28.41 ? 103 LYS A CD    1 
ATOM   755  C  CE    . LYS A 1 98  ? 6.543   11.466  -7.137  1.00 31.95 ? 103 LYS A CE    1 
ATOM   756  N  NZ    . LYS A 1 98  ? 7.326   10.649  -6.104  1.00 35.85 ? 103 LYS A NZ    1 
ATOM   757  N  N     . TRP A 1 99  ? 0.944   11.317  -5.684  1.00 12.07 ? 104 TRP A N     1 
ATOM   758  C  CA    . TRP A 1 99  ? 0.209   10.037  -5.912  1.00 11.44 ? 104 TRP A CA    1 
ATOM   759  C  C     . TRP A 1 99  ? -1.291  10.192  -6.038  1.00 11.89 ? 104 TRP A C     1 
ATOM   760  O  O     . TRP A 1 99  ? -1.891  9.725   -7.031  1.00 11.06 ? 104 TRP A O     1 
ATOM   761  C  CB    . TRP A 1 99  ? 0.541   9.053   -4.817  1.00 11.07 ? 104 TRP A CB    1 
ATOM   762  C  CG    . TRP A 1 99  ? 2.017   8.682   -4.894  1.00 11.38 ? 104 TRP A CG    1 
ATOM   763  C  CD1   . TRP A 1 99  ? 3.040   9.005   -4.000  1.00 11.25 ? 104 TRP A CD1   1 
ATOM   764  C  CD2   . TRP A 1 99  ? 2.635   7.913   -5.942  1.00 11.69 ? 104 TRP A CD2   1 
ATOM   765  N  NE1   . TRP A 1 99  ? 4.260   8.488   -4.444  1.00 11.55 ? 104 TRP A NE1   1 
ATOM   766  C  CE2   . TRP A 1 99  ? 4.082   7.837   -5.619  1.00 11.26 ? 104 TRP A CE2   1 
ATOM   767  C  CE3   . TRP A 1 99  ? 2.160   7.297   -7.110  1.00 11.51 ? 104 TRP A CE3   1 
ATOM   768  C  CZ2   . TRP A 1 99  ? 4.978   7.172   -6.438  1.00 11.62 ? 104 TRP A CZ2   1 
ATOM   769  C  CZ3   . TRP A 1 99  ? 3.075   6.631   -7.925  1.00 12.70 ? 104 TRP A CZ3   1 
ATOM   770  C  CH2   . TRP A 1 99  ? 4.452   6.558   -7.599  1.00 12.47 ? 104 TRP A CH2   1 
ATOM   771  N  N     . MET A 1 100 ? -1.936  10.796  -5.041  1.00 12.07 ? 105 MET A N     1 
ATOM   772  C  CA    . MET A 1 100 ? -3.402  10.958  -5.169  1.00 14.09 ? 105 MET A CA    1 
ATOM   773  C  C     . MET A 1 100 ? -3.850  11.743  -6.415  1.00 13.26 ? 105 MET A C     1 
ATOM   774  O  O     . MET A 1 100 ? -4.798  11.327  -7.096  1.00 12.73 ? 105 MET A O     1 
ATOM   775  C  CB    . MET A 1 100 ? -4.056  11.509  -3.893  1.00 15.29 ? 105 MET A CB    1 
ATOM   776  C  CG    . MET A 1 100 ? -5.565  11.222  -3.886  1.00 20.09 ? 105 MET A CG    1 
ATOM   777  S  SD    . MET A 1 100 ? -5.893  9.423   -3.928  1.00 23.08 ? 105 MET A SD    1 
ATOM   778  C  CE    . MET A 1 100 ? -7.476  9.262   -3.062  1.00 23.90 ? 105 MET A CE    1 
ATOM   779  N  N     . PRO A 1 101 ? -3.199  12.879  -6.727  1.00 13.34 ? 106 PRO A N     1 
ATOM   780  C  CA    . PRO A 1 101 ? -3.566  13.566  -7.969  1.00 13.55 ? 106 PRO A CA    1 
ATOM   781  C  C     . PRO A 1 101 ? -3.497  12.648  -9.195  1.00 14.35 ? 106 PRO A C     1 
ATOM   782  O  O     . PRO A 1 101 ? -4.388  12.732  -10.043 1.00 14.43 ? 106 PRO A O     1 
ATOM   783  C  CB    . PRO A 1 101 ? -2.492  14.635  -8.088  1.00 14.61 ? 106 PRO A CB    1 
ATOM   784  C  CG    . PRO A 1 101 ? -2.279  14.997  -6.619  1.00 13.82 ? 106 PRO A CG    1 
ATOM   785  C  CD    . PRO A 1 101 ? -2.151  13.627  -6.002  1.00 13.78 ? 106 PRO A CD    1 
ATOM   786  N  N     . GLU A 1 102 ? -2.437  11.840  -9.320  1.00 14.13 ? 107 GLU A N     1 
ATOM   787  C  CA    . GLU A 1 102 ? -2.253  10.939  -10.488 1.00 16.44 ? 107 GLU A CA    1 
ATOM   788  C  C     . GLU A 1 102 ? -3.356  9.854   -10.527 1.00 14.90 ? 107 GLU A C     1 
ATOM   789  O  O     . GLU A 1 102 ? -3.921  9.565   -11.591 1.00 14.86 ? 107 GLU A O     1 
ATOM   790  C  CB    . GLU A 1 102 ? -0.835  10.331  -10.405 1.00 19.46 ? 107 GLU A CB    1 
ATOM   791  C  CG    . GLU A 1 102 ? -0.375  9.509   -11.575 1.00 24.22 ? 107 GLU A CG    1 
ATOM   792  C  CD    . GLU A 1 102 ? 1.013   8.926   -11.311 1.00 27.76 ? 107 GLU A CD    1 
ATOM   793  O  OE1   . GLU A 1 102 ? 1.909   9.700   -10.915 1.00 32.34 ? 107 GLU A OE1   1 
ATOM   794  O  OE2   . GLU A 1 102 ? 1.225   7.696   -11.457 1.00 28.43 ? 107 GLU A OE2   1 
ATOM   795  N  N     . LEU A 1 103 ? -3.684  9.256   -9.373  1.00 13.14 ? 108 LEU A N     1 
ATOM   796  C  CA    . LEU A 1 103 ? -4.760  8.278   -9.335  1.00 13.95 ? 108 LEU A CA    1 
ATOM   797  C  C     . LEU A 1 103 ? -6.096  8.935   -9.722  1.00 15.33 ? 108 LEU A C     1 
ATOM   798  O  O     . LEU A 1 103 ? -6.921  8.348   -10.443 1.00 15.77 ? 108 LEU A O     1 
ATOM   799  C  CB    . LEU A 1 103 ? -4.889  7.603   -7.966  1.00 12.92 ? 108 LEU A CB    1 
ATOM   800  C  CG    . LEU A 1 103 ? -3.639  6.826   -7.500  1.00 12.36 ? 108 LEU A CG    1 
ATOM   801  C  CD1   . LEU A 1 103 ? -3.926  6.173   -6.151  1.00 11.64 ? 108 LEU A CD1   1 
ATOM   802  C  CD2   . LEU A 1 103 ? -3.204  5.770   -8.523  1.00 12.19 ? 108 LEU A CD2   1 
ATOM   803  N  N     . ARG A 1 104 ? -6.313  10.153  -9.256  1.00 16.70 ? 109 ARG A N     1 
ATOM   804  C  CA    . ARG A 1 104 ? -7.592  10.808  -9.486  1.00 19.57 ? 109 ARG A CA    1 
ATOM   805  C  C     . ARG A 1 104 ? -7.726  11.096  -10.999 1.00 20.03 ? 109 ARG A C     1 
ATOM   806  O  O     . ARG A 1 104 ? -8.830  10.994  -11.575 1.00 18.86 ? 109 ARG A O     1 
ATOM   807  C  CB    . ARG A 1 104 ? -7.624  12.109  -8.693  1.00 23.51 ? 109 ARG A CB    1 
ATOM   808  C  CG    . ARG A 1 104 ? -8.999  12.728  -8.447  1.00 33.23 ? 109 ARG A CG    1 
ATOM   809  C  CD    . ARG A 1 104 ? -9.108  13.304  -7.016  1.00 32.59 ? 109 ARG A CD    1 
ATOM   810  N  NE    . ARG A 1 104 ? -7.930  14.084  -6.600  1.00 40.11 ? 109 ARG A NE    1 
ATOM   811  C  CZ    . ARG A 1 104 ? -7.487  14.172  -5.345  1.00 35.97 ? 109 ARG A CZ    1 
ATOM   812  N  NH1   . ARG A 1 104 ? -8.138  13.507  -4.417  1.00 34.56 ? 109 ARG A NH1   1 
ATOM   813  N  NH2   . ARG A 1 104 ? -6.402  14.923  -5.035  1.00 31.00 ? 109 ARG A NH2   1 
ATOM   814  N  N     . ARG A 1 105 ? -6.588  11.427  -11.596 1.00 16.85 ? 110 ARG A N     1 
ATOM   815  C  CA    . ARG A 1 105 ? -6.487  11.768  -12.996 1.00 20.46 ? 110 ARG A CA    1 
ATOM   816  C  C     . ARG A 1 105 ? -6.671  10.557  -13.866 1.00 19.14 ? 110 ARG A C     1 
ATOM   817  O  O     . ARG A 1 105 ? -7.398  10.633  -14.852 1.00 18.67 ? 110 ARG A O     1 
ATOM   818  C  CB    . ARG A 1 105 ? -5.132  12.347  -13.309 1.00 20.82 ? 110 ARG A CB    1 
ATOM   819  C  CG    . ARG A 1 105 ? -4.993  12.656  -14.789 1.00 28.94 ? 110 ARG A CG    1 
ATOM   820  C  CD    . ARG A 1 105 ? -3.578  13.039  -15.136 1.00 32.94 ? 110 ARG A CD    1 
ATOM   821  N  NE    . ARG A 1 105 ? -3.517  13.600  -16.469 1.00 38.08 ? 110 ARG A NE    1 
ATOM   822  C  CZ    . ARG A 1 105 ? -3.464  14.904  -16.745 1.00 36.26 ? 110 ARG A CZ    1 
ATOM   823  N  NH1   . ARG A 1 105 ? -3.424  15.823  -15.789 1.00 34.24 ? 110 ARG A NH1   1 
ATOM   824  N  NH2   . ARG A 1 105 ? -3.392  15.281  -17.999 1.00 40.62 ? 110 ARG A NH2   1 
ATOM   825  N  N     . PHE A 1 106 ? -6.051  9.433   -13.511 1.00 16.17 ? 111 PHE A N     1 
ATOM   826  C  CA    . PHE A 1 106 ? -6.109  8.299   -14.443 1.00 15.99 ? 111 PHE A CA    1 
ATOM   827  C  C     . PHE A 1 106 ? -7.199  7.320   -14.099 1.00 14.99 ? 111 PHE A C     1 
ATOM   828  O  O     . PHE A 1 106 ? -7.648  6.529   -14.965 1.00 13.97 ? 111 PHE A O     1 
ATOM   829  C  CB    . PHE A 1 106 ? -4.747  7.601   -14.513 1.00 17.26 ? 111 PHE A CB    1 
ATOM   830  C  CG    . PHE A 1 106 ? -3.695  8.415   -15.224 1.00 17.42 ? 111 PHE A CG    1 
ATOM   831  C  CD1   . PHE A 1 106 ? -3.800  8.670   -16.584 1.00 18.34 ? 111 PHE A CD1   1 
ATOM   832  C  CD2   . PHE A 1 106 ? -2.634  8.962   -14.510 1.00 18.54 ? 111 PHE A CD2   1 
ATOM   833  C  CE1   . PHE A 1 106 ? -2.841  9.415   -17.241 1.00 19.63 ? 111 PHE A CE1   1 
ATOM   834  C  CE2   . PHE A 1 106 ? -1.668  9.726   -15.154 1.00 21.83 ? 111 PHE A CE2   1 
ATOM   835  C  CZ    . PHE A 1 106 ? -1.785  9.954   -16.536 1.00 21.18 ? 111 PHE A CZ    1 
ATOM   836  N  N     . ALA A 1 107 ? -7.624  7.319   -12.834 1.00 12.70 ? 112 ALA A N     1 
ATOM   837  C  CA    . ALA A 1 107 ? -8.602  6.355   -12.389 1.00 12.44 ? 112 ALA A CA    1 
ATOM   838  C  C     . ALA A 1 107 ? -9.615  6.938   -11.374 1.00 12.27 ? 112 ALA A C     1 
ATOM   839  O  O     . ALA A 1 107 ? -9.721  6.512   -10.198 1.00 13.13 ? 112 ALA A O     1 
ATOM   840  C  CB    . ALA A 1 107 ? -7.889  5.108   -11.819 1.00 12.35 ? 112 ALA A CB    1 
ATOM   841  N  N     . PRO A 1 108 ? -10.383 7.934   -11.805 1.00 12.19 ? 113 PRO A N     1 
ATOM   842  C  CA    . PRO A 1 108 ? -11.368 8.561   -10.892 1.00 12.73 ? 113 PRO A CA    1 
ATOM   843  C  C     . PRO A 1 108 ? -12.420 7.591   -10.328 1.00 13.58 ? 113 PRO A C     1 
ATOM   844  O  O     . PRO A 1 108 ? -12.941 6.697   -11.052 1.00 13.92 ? 113 PRO A O     1 
ATOM   845  C  CB    . PRO A 1 108 ? -11.983 9.704   -11.757 1.00 12.83 ? 113 PRO A CB    1 
ATOM   846  C  CG    . PRO A 1 108 ? -11.750 9.250   -13.184 1.00 13.62 ? 113 PRO A CG    1 
ATOM   847  C  CD    . PRO A 1 108 ? -10.449 8.447   -13.188 1.00 12.04 ? 113 PRO A CD    1 
ATOM   848  N  N     . GLY A 1 109 ? -12.690 7.737   -9.036  1.00 12.91 ? 114 GLY A N     1 
ATOM   849  C  CA    . GLY A 1 109 ? -13.671 6.890   -8.339  1.00 13.62 ? 114 GLY A CA    1 
ATOM   850  C  C     . GLY A 1 109 ? -13.213 5.469   -8.001  1.00 13.81 ? 114 GLY A C     1 
ATOM   851  O  O     . GLY A 1 109 ? -14.014 4.721   -7.502  1.00 14.86 ? 114 GLY A O     1 
ATOM   852  N  N     . VAL A 1 110 ? -11.957 5.088   -8.291  1.00 11.69 ? 115 VAL A N     1 
ATOM   853  C  CA    . VAL A 1 110 ? -11.427 3.786   -7.914  1.00 9.86  ? 115 VAL A CA    1 
ATOM   854  C  C     . VAL A 1 110 ? -11.012 3.976   -6.436  1.00 9.77  ? 115 VAL A C     1 
ATOM   855  O  O     . VAL A 1 110 ? -10.230 4.933   -6.106  1.00 10.77 ? 115 VAL A O     1 
ATOM   856  C  CB    . VAL A 1 110 ? -10.219 3.384   -8.794  1.00 9.60  ? 115 VAL A CB    1 
ATOM   857  C  CG1   . VAL A 1 110 ? -9.629  2.055   -8.334  1.00 9.30  ? 115 VAL A CG1   1 
ATOM   858  C  CG2   . VAL A 1 110 ? -10.643 3.223   -10.261 1.00 10.03 ? 115 VAL A CG2   1 
ATOM   859  N  N     . PRO A 1 111 ? -11.501 3.130   -5.560  1.00 9.04  ? 116 PRO A N     1 
ATOM   860  C  CA    . PRO A 1 111 ? -11.179 3.361   -4.131  1.00 9.04  ? 116 PRO A CA    1 
ATOM   861  C  C     . PRO A 1 111 ? -9.702  3.169   -3.812  1.00 9.32  ? 116 PRO A C     1 
ATOM   862  O  O     . PRO A 1 111 ? -9.006  2.374   -4.457  1.00 9.21  ? 116 PRO A O     1 
ATOM   863  C  CB    . PRO A 1 111 ? -12.033 2.354   -3.425  1.00 9.31  ? 116 PRO A CB    1 
ATOM   864  C  CG    . PRO A 1 111 ? -12.142 1.204   -4.432  1.00 9.15  ? 116 PRO A CG    1 
ATOM   865  C  CD    . PRO A 1 111 ? -12.338 1.917   -5.746  1.00 9.18  ? 116 PRO A CD    1 
ATOM   866  N  N     . VAL A 1 112 ? -9.225  3.938   -2.852  1.00 9.23  ? 117 VAL A N     1 
ATOM   867  C  CA    . VAL A 1 112 ? -7.799  3.900   -2.464  1.00 9.15  ? 117 VAL A CA    1 
ATOM   868  C  C     . VAL A 1 112 ? -7.707  3.507   -1.034  1.00 9.16  ? 117 VAL A C     1 
ATOM   869  O  O     . VAL A 1 112 ? -8.383  4.122   -0.184  1.00 10.25 ? 117 VAL A O     1 
ATOM   870  C  CB    . VAL A 1 112 ? -7.168  5.290   -2.659  1.00 9.42  ? 117 VAL A CB    1 
ATOM   871  C  CG1   . VAL A 1 112 ? -5.740  5.311   -2.104  1.00 9.48  ? 117 VAL A CG1   1 
ATOM   872  C  CG2   . VAL A 1 112 ? -7.200  5.634   -4.148  1.00 9.12  ? 117 VAL A CG2   1 
ATOM   873  N  N     . VAL A 1 113 ? -6.921  2.461   -0.760  1.00 8.15  ? 118 VAL A N     1 
ATOM   874  C  CA    . VAL A 1 113 ? -6.578  2.133   0.605   1.00 7.97  ? 118 VAL A CA    1 
ATOM   875  C  C     . VAL A 1 113 ? -5.223  2.806   0.865   1.00 7.82  ? 118 VAL A C     1 
ATOM   876  O  O     . VAL A 1 113 ? -4.200  2.496   0.228   1.00 7.86  ? 118 VAL A O     1 
ATOM   877  C  CB    . VAL A 1 113 ? -6.497  0.622   0.822   1.00 7.80  ? 118 VAL A CB    1 
ATOM   878  C  CG1   . VAL A 1 113 ? -6.063  0.286   2.265   1.00 7.93  ? 118 VAL A CG1   1 
ATOM   879  C  CG2   . VAL A 1 113 ? -7.837  -0.044  0.474   1.00 8.07  ? 118 VAL A CG2   1 
ATOM   880  N  N     . LEU A 1 114 ? -5.223  3.777   1.759   1.00 7.38  ? 119 LEU A N     1 
ATOM   881  C  CA    . LEU A 1 114 ? -3.957  4.387   2.166   1.00 6.79  ? 119 LEU A CA    1 
ATOM   882  C  C     . LEU A 1 114 ? -3.202  3.448   3.139   1.00 6.51  ? 119 LEU A C     1 
ATOM   883  O  O     . LEU A 1 114 ? -3.783  2.911   4.069   1.00 6.72  ? 119 LEU A O     1 
ATOM   884  C  CB    . LEU A 1 114 ? -4.267  5.727   2.833   1.00 6.67  ? 119 LEU A CB    1 
ATOM   885  C  CG    . LEU A 1 114 ? -3.029  6.504   3.294   1.00 6.68  ? 119 LEU A CG    1 
ATOM   886  C  CD1   . LEU A 1 114 ? -2.144  6.965   2.140   1.00 6.16  ? 119 LEU A CD1   1 
ATOM   887  C  CD2   . LEU A 1 114 ? -3.508  7.689   4.122   1.00 7.14  ? 119 LEU A CD2   1 
ATOM   888  N  N     . VAL A 1 115 ? -1.912  3.262   2.971   1.00 6.64  ? 120 VAL A N     1 
ATOM   889  C  CA    . VAL A 1 115 ? -1.206  2.342   3.868   1.00 6.72  ? 120 VAL A CA    1 
ATOM   890  C  C     . VAL A 1 115 ? 0.069   3.019   4.341   1.00 7.07  ? 120 VAL A C     1 
ATOM   891  O  O     . VAL A 1 115 ? 0.815   3.474   3.502   1.00 6.79  ? 120 VAL A O     1 
ATOM   892  C  CB    . VAL A 1 115 ? -0.812  1.010   3.166   1.00 6.93  ? 120 VAL A CB    1 
ATOM   893  C  CG1   . VAL A 1 115 ? 0.157   0.204   4.051   1.00 7.62  ? 120 VAL A CG1   1 
ATOM   894  C  CG2   . VAL A 1 115 ? -2.045  0.181   2.880   1.00 6.88  ? 120 VAL A CG2   1 
ATOM   895  N  N     . GLY A 1 116 ? 0.279   3.060   5.674   1.00 7.00  ? 121 GLY A N     1 
ATOM   896  C  CA    . GLY A 1 116 ? 1.537   3.565   6.253   1.00 6.71  ? 121 GLY A CA    1 
ATOM   897  C  C     . GLY A 1 116 ? 2.391   2.339   6.534   1.00 7.02  ? 121 GLY A C     1 
ATOM   898  O  O     . GLY A 1 116 ? 1.984   1.489   7.283   1.00 7.57  ? 121 GLY A O     1 
ATOM   899  N  N     . THR A 1 117 ? 3.575   2.256   5.918   1.00 7.04  ? 122 THR A N     1 
ATOM   900  C  CA    . THR A 1 117 ? 4.467   1.141   6.062   1.00 7.10  ? 122 THR A CA    1 
ATOM   901  C  C     . THR A 1 117 ? 5.580   1.335   7.140   1.00 7.03  ? 122 THR A C     1 
ATOM   902  O  O     . THR A 1 117 ? 5.852   2.415   7.589   1.00 6.58  ? 122 THR A O     1 
ATOM   903  C  CB    . THR A 1 117 ? 5.192   0.823   4.731   1.00 7.38  ? 122 THR A CB    1 
ATOM   904  O  OG1   . THR A 1 117 ? 6.030   1.942   4.407   1.00 8.01  ? 122 THR A OG1   1 
ATOM   905  C  CG2   . THR A 1 117 ? 4.217   0.546   3.591   1.00 6.99  ? 122 THR A CG2   1 
ATOM   906  N  N     . LYS A 1 118 ? 6.297   0.256   7.438   1.00 6.77  ? 123 LYS A N     1 
ATOM   907  C  CA    . LYS A 1 118 ? 7.405   0.312   8.376   1.00 7.45  ? 123 LYS A CA    1 
ATOM   908  C  C     . LYS A 1 118 ? 7.014   0.738   9.767   1.00 7.82  ? 123 LYS A C     1 
ATOM   909  O  O     . LYS A 1 118 ? 7.788   1.421   10.395  1.00 7.66  ? 123 LYS A O     1 
ATOM   910  C  CB    . LYS A 1 118 ? 8.551   1.139   7.863   1.00 7.26  ? 123 LYS A CB    1 
ATOM   911  C  CG    . LYS A 1 118 ? 8.925   0.709   6.439   1.00 7.44  ? 123 LYS A CG    1 
ATOM   912  C  CD    . LYS A 1 118 ? 10.200  1.402   5.959   1.00 8.06  ? 123 LYS A CD    1 
ATOM   913  C  CE    . LYS A 1 118 ? 10.409  1.147   4.473   1.00 8.75  ? 123 LYS A CE    1 
ATOM   914  N  NZ    . LYS A 1 118 ? 11.768  1.699   4.027   1.00 9.98  ? 123 LYS A NZ    1 
ATOM   915  N  N     . LEU A 1 119 ? 5.846   0.266   10.242  1.00 7.79  ? 124 LEU A N     1 
ATOM   916  C  CA    . LEU A 1 119 ? 5.354   0.544   11.588  1.00 8.78  ? 124 LEU A CA    1 
ATOM   917  C  C     . LEU A 1 119 ? 6.403   0.130   12.642  1.00 8.86  ? 124 LEU A C     1 
ATOM   918  O  O     . LEU A 1 119 ? 6.551   0.770   13.692  1.00 8.56  ? 124 LEU A O     1 
ATOM   919  C  CB    . LEU A 1 119 ? 4.092   -0.338  11.771  1.00 10.30 ? 124 LEU A CB    1 
ATOM   920  C  CG    . LEU A 1 119 ? 3.324   -0.421  13.060  1.00 12.46 ? 124 LEU A CG    1 
ATOM   921  C  CD1   . LEU A 1 119 ? 3.056   1.051   13.442  1.00 12.01 ? 124 LEU A CD1   1 
ATOM   922  C  CD2   . LEU A 1 119 ? 2.001   -1.181  12.817  1.00 11.48 ? 124 LEU A CD2   1 
ATOM   923  N  N     . ASP A 1 120 ? 7.146   -0.955  12.371  1.00 8.42  ? 125 ASP A N     1 
ATOM   924  C  CA    . ASP A 1 120 ? 8.222   -1.345  13.336  1.00 8.90  ? 125 ASP A CA    1 
ATOM   925  C  C     . ASP A 1 120 ? 9.272   -0.224  13.600  1.00 8.76  ? 125 ASP A C     1 
ATOM   926  O  O     . ASP A 1 120 ? 9.812   -0.140  14.707  1.00 8.95  ? 125 ASP A O     1 
ATOM   927  C  CB    . ASP A 1 120 ? 8.903   -2.630  12.896  1.00 9.83  ? 125 ASP A CB    1 
ATOM   928  C  CG    . ASP A 1 120 ? 9.608   -2.459  11.517  1.00 9.85  ? 125 ASP A CG    1 
ATOM   929  O  OD1   . ASP A 1 120 ? 8.884   -2.309  10.489  1.00 10.02 ? 125 ASP A OD1   1 
ATOM   930  O  OD2   . ASP A 1 120 ? 10.867  -2.403  11.496  1.00 9.93  ? 125 ASP A OD2   1 
ATOM   931  N  N     . LEU A 1 121 ? 9.536   0.650   12.618  1.00 8.29  ? 126 LEU A N     1 
ATOM   932  C  CA    . LEU A 1 121 ? 10.562  1.662   12.784  1.00 8.69  ? 126 LEU A CA    1 
ATOM   933  C  C     . LEU A 1 121 ? 10.016  2.816   13.598  1.00 9.00  ? 126 LEU A C     1 
ATOM   934  O  O     . LEU A 1 121 ? 10.749  3.453   14.390  1.00 8.73  ? 126 LEU A O     1 
ATOM   935  C  CB    . LEU A 1 121 ? 11.064  2.181   11.447  1.00 8.78  ? 126 LEU A CB    1 
ATOM   936  C  CG    . LEU A 1 121 ? 11.874  1.119   10.670  1.00 9.16  ? 126 LEU A CG    1 
ATOM   937  C  CD1   . LEU A 1 121 ? 12.423  1.727   9.389   1.00 9.41  ? 126 LEU A CD1   1 
ATOM   938  C  CD2   . LEU A 1 121 ? 12.982  0.521   11.521  1.00 10.05 ? 126 LEU A CD2   1 
ATOM   939  N  N     . ARG A 1 122 ? 8.714   3.062   13.428  1.00 8.48  ? 127 ARG A N     1 
ATOM   940  C  CA    . ARG A 1 122 ? 8.052   4.087   14.213  1.00 9.50  ? 127 ARG A CA    1 
ATOM   941  C  C     . ARG A 1 122 ? 8.031   3.739   15.693  1.00 9.68  ? 127 ARG A C     1 
ATOM   942  O  O     . ARG A 1 122 ? 7.956   4.635   16.537  1.00 10.60 ? 127 ARG A O     1 
ATOM   943  C  CB    . ARG A 1 122 ? 6.610   4.330   13.732  1.00 9.37  ? 127 ARG A CB    1 
ATOM   944  C  CG    . ARG A 1 122 ? 5.924   5.395   14.576  1.00 10.02 ? 127 ARG A CG    1 
ATOM   945  C  CD    . ARG A 1 122 ? 4.590   5.810   14.032  1.00 9.29  ? 127 ARG A CD    1 
ATOM   946  N  NE    . ARG A 1 122 ? 3.574   4.821   14.323  1.00 9.31  ? 127 ARG A NE    1 
ATOM   947  C  CZ    . ARG A 1 122 ? 2.353   4.841   13.765  1.00 9.64  ? 127 ARG A CZ    1 
ATOM   948  N  NH1   . ARG A 1 122 ? 2.016   5.815   12.906  1.00 8.88  ? 127 ARG A NH1   1 
ATOM   949  N  NH2   . ARG A 1 122 ? 1.452   3.917   14.098  1.00 9.30  ? 127 ARG A NH2   1 
ATOM   950  N  N     . GLU A 1 123 ? 8.113   2.455   15.992  1.00 8.88  ? 128 GLU A N     1 
ATOM   951  C  CA    . GLU A 1 123 ? 8.059   1.973   17.359  1.00 9.54  ? 128 GLU A CA    1 
ATOM   952  C  C     . GLU A 1 123 ? 9.439   1.541   17.860  1.00 9.90  ? 128 GLU A C     1 
ATOM   953  O  O     . GLU A 1 123 ? 9.537   0.943   18.935  1.00 10.05 ? 128 GLU A O     1 
ATOM   954  C  CB    . GLU A 1 123 ? 7.101   0.768   17.425  1.00 10.21 ? 128 GLU A CB    1 
ATOM   955  C  CG    . GLU A 1 123 ? 5.676   1.151   16.989  1.00 11.19 ? 128 GLU A CG    1 
ATOM   956  C  CD    . GLU A 1 123 ? 4.675   -0.016  17.067  1.00 12.29 ? 128 GLU A CD    1 
ATOM   957  O  OE1   . GLU A 1 123 ? 5.045   -1.138  17.498  1.00 12.62 ? 128 GLU A OE1   1 
ATOM   958  O  OE2   . GLU A 1 123 ? 3.490   0.190   16.687  1.00 14.33 ? 128 GLU A OE2   1 
ATOM   959  N  N     . ASP A 1 124 ? 10.493  1.881   17.128  1.00 9.35  ? 129 ASP A N     1 
ATOM   960  C  CA    . ASP A 1 124 ? 11.833  1.393   17.471  1.00 10.17 ? 129 ASP A CA    1 
ATOM   961  C  C     . ASP A 1 124 ? 12.617  2.527   18.134  1.00 9.32  ? 129 ASP A C     1 
ATOM   962  O  O     . ASP A 1 124 ? 12.902  3.525   17.542  1.00 8.70  ? 129 ASP A O     1 
ATOM   963  C  CB    . ASP A 1 124 ? 12.650  0.974   16.232  1.00 10.95 ? 129 ASP A CB    1 
ATOM   964  C  CG    . ASP A 1 124 ? 14.032  0.478   16.641  1.00 13.91 ? 129 ASP A CG    1 
ATOM   965  O  OD1   . ASP A 1 124 ? 14.044  -0.592  17.282  1.00 16.06 ? 129 ASP A OD1   1 
ATOM   966  O  OD2   . ASP A 1 124 ? 15.048  1.169   16.447  1.00 14.33 ? 129 ASP A OD2   1 
ATOM   967  N  N     . ARG A 1 125 ? 12.965  2.330   19.383  1.00 9.31  ? 130 ARG A N     1 
ATOM   968  C  CA    . ARG A 1 125 ? 13.524  3.447   20.116  1.00 9.50  ? 130 ARG A CA    1 
ATOM   969  C  C     . ARG A 1 125 ? 14.817  4.000   19.473  1.00 8.94  ? 130 ARG A C     1 
ATOM   970  O  O     . ARG A 1 125 ? 15.034  5.198   19.440  1.00 8.25  ? 130 ARG A O     1 
ATOM   971  C  CB    . ARG A 1 125 ? 13.804  2.972   21.507  1.00 10.24 ? 130 ARG A CB    1 
ATOM   972  C  CG    . ARG A 1 125 ? 14.487  4.065   22.269  1.00 11.12 ? 130 ARG A CG    1 
ATOM   973  C  CD    . ARG A 1 125 ? 13.444  4.791   23.088  1.00 12.85 ? 130 ARG A CD    1 
ATOM   974  N  NE    . ARG A 1 125 ? 12.361  5.571   22.483  1.00 12.35 ? 130 ARG A NE    1 
ATOM   975  C  CZ    . ARG A 1 125 ? 12.441  6.707   21.811  1.00 12.88 ? 130 ARG A CZ    1 
ATOM   976  N  NH1   . ARG A 1 125 ? 13.602  7.117   21.327  1.00 13.35 ? 130 ARG A NH1   1 
ATOM   977  N  NH2   . ARG A 1 125 ? 11.300  7.381   21.535  1.00 10.91 ? 130 ARG A NH2   1 
ATOM   978  N  N     . ALA A 1 126 ? 15.688  3.119   18.978  1.00 9.07  ? 131 ALA A N     1 
ATOM   979  C  CA    . ALA A 1 126 ? 16.972  3.608   18.410  1.00 9.88  ? 131 ALA A CA    1 
ATOM   980  C  C     . ALA A 1 126 ? 16.691  4.405   17.173  1.00 10.40 ? 131 ALA A C     1 
ATOM   981  O  O     . ALA A 1 126 ? 17.300  5.498   16.931  1.00 10.71 ? 131 ALA A O     1 
ATOM   982  C  CB    . ALA A 1 126 ? 17.869  2.423   18.061  1.00 9.85  ? 131 ALA A CB    1 
ATOM   983  N  N     . TYR A 1 127 ? 15.767  3.867   16.349  1.00 10.01 ? 132 TYR A N     1 
ATOM   984  C  CA    . TYR A 1 127 ? 15.394  4.601   15.123  1.00 8.65  ? 132 TYR A CA    1 
ATOM   985  C  C     . TYR A 1 127 ? 14.883  6.017   15.432  1.00 8.60  ? 132 TYR A C     1 
ATOM   986  O  O     . TYR A 1 127 ? 15.340  7.025   14.858  1.00 8.22  ? 132 TYR A O     1 
ATOM   987  C  CB    . TYR A 1 127 ? 14.303  3.791   14.315  1.00 8.46  ? 132 TYR A CB    1 
ATOM   988  C  CG    . TYR A 1 127 ? 14.291  4.386   12.905  1.00 8.09  ? 132 TYR A CG    1 
ATOM   989  C  CD1   . TYR A 1 127 ? 15.174  3.890   11.919  1.00 7.99  ? 132 TYR A CD1   1 
ATOM   990  C  CD2   . TYR A 1 127 ? 13.480  5.485   12.591  1.00 7.98  ? 132 TYR A CD2   1 
ATOM   991  C  CE1   . TYR A 1 127 ? 15.259  4.479   10.672  1.00 7.85  ? 132 TYR A CE1   1 
ATOM   992  C  CE2   . TYR A 1 127 ? 13.537  6.093   11.289  1.00 7.68  ? 132 TYR A CE2   1 
ATOM   993  C  CZ    . TYR A 1 127 ? 14.402  5.565   10.357  1.00 7.94  ? 132 TYR A CZ    1 
ATOM   994  O  OH    . TYR A 1 127 ? 14.524  6.170   9.104   1.00 8.48  ? 132 TYR A OH    1 
ATOM   995  N  N     . LEU A 1 128 ? 13.922  6.097   16.358  1.00 8.96  ? 133 LEU A N     1 
ATOM   996  C  CA    . LEU A 1 128 ? 13.372  7.373   16.827  1.00 9.14  ? 133 LEU A CA    1 
ATOM   997  C  C     . LEU A 1 128 ? 14.457  8.276   17.439  1.00 10.30 ? 133 LEU A C     1 
ATOM   998  O  O     . LEU A 1 128 ? 14.499  9.482   17.133  1.00 12.12 ? 133 LEU A O     1 
ATOM   999  C  CB    . LEU A 1 128 ? 12.228  7.138   17.854  1.00 8.82  ? 133 LEU A CB    1 
ATOM   1000 C  CG    . LEU A 1 128 ? 11.037  6.314   17.347  1.00 8.68  ? 133 LEU A CG    1 
ATOM   1001 C  CD1   . LEU A 1 128 ? 10.207  5.802   18.538  1.00 9.02  ? 133 LEU A CD1   1 
ATOM   1002 C  CD2   . LEU A 1 128 ? 10.221  7.233   16.436  1.00 9.31  ? 133 LEU A CD2   1 
ATOM   1003 N  N     . ALA A 1 129 ? 15.327  7.724   18.295  1.00 10.48 ? 134 ALA A N     1 
ATOM   1004 C  CA    . ALA A 1 129 ? 16.409  8.540   18.894  1.00 11.05 ? 134 ALA A CA    1 
ATOM   1005 C  C     . ALA A 1 129 ? 17.318  9.162   17.796  1.00 11.56 ? 134 ALA A C     1 
ATOM   1006 O  O     . ALA A 1 129 ? 17.736  10.343  17.911  1.00 11.56 ? 134 ALA A O     1 
ATOM   1007 C  CB    . ALA A 1 129 ? 17.235  7.702   19.852  1.00 11.35 ? 134 ALA A CB    1 
ATOM   1008 N  N     . ASP A 1 130 ? 17.536  8.436   16.693  1.00 11.66 ? 135 ASP A N     1 
ATOM   1009 C  CA    . ASP A 1 130 ? 18.506  8.875   15.693  1.00 11.59 ? 135 ASP A CA    1 
ATOM   1010 C  C     . ASP A 1 130 ? 17.941  9.614   14.444  1.00 11.58 ? 135 ASP A C     1 
ATOM   1011 O  O     . ASP A 1 130 ? 18.693  9.881   13.486  1.00 12.35 ? 135 ASP A O     1 
ATOM   1012 C  CB    . ASP A 1 130 ? 19.393  7.683   15.305  1.00 13.07 ? 135 ASP A CB    1 
ATOM   1013 C  CG    . ASP A 1 130 ? 20.480  7.408   16.359  1.00 16.82 ? 135 ASP A CG    1 
ATOM   1014 O  OD1   . ASP A 1 130 ? 20.629  8.241   17.321  1.00 16.20 ? 135 ASP A OD1   1 
ATOM   1015 O  OD2   . ASP A 1 130 ? 21.183  6.378   16.204  1.00 18.15 ? 135 ASP A OD2   1 
ATOM   1016 N  N     . HIS A 1 131 ? 16.642  9.917   14.455  1.00 9.76  ? 136 HIS A N     1 
ATOM   1017 C  CA    . HIS A 1 131 ? 16.010  10.689  13.347  1.00 10.23 ? 136 HIS A CA    1 
ATOM   1018 C  C     . HIS A 1 131 ? 15.174  11.819  13.882  1.00 10.80 ? 136 HIS A C     1 
ATOM   1019 O  O     . HIS A 1 131 ? 14.662  11.709  14.960  1.00 10.14 ? 136 HIS A O     1 
ATOM   1020 C  CB    . HIS A 1 131 ? 15.168  9.787   12.488  1.00 9.11  ? 136 HIS A CB    1 
ATOM   1021 C  CG    . HIS A 1 131 ? 15.970  8.707   11.808  1.00 8.20  ? 136 HIS A CG    1 
ATOM   1022 N  ND1   . HIS A 1 131 ? 16.365  7.578   12.466  1.00 7.90  ? 136 HIS A ND1   1 
ATOM   1023 C  CD2   . HIS A 1 131 ? 16.468  8.610   10.514  1.00 8.04  ? 136 HIS A CD2   1 
ATOM   1024 C  CE1   . HIS A 1 131 ? 17.112  6.810   11.602  1.00 7.53  ? 136 HIS A CE1   1 
ATOM   1025 N  NE2   . HIS A 1 131 ? 17.167  7.433   10.424  1.00 7.62  ? 136 HIS A NE2   1 
ATOM   1026 N  N     . PRO A 1 132 ? 15.012  12.921  13.106  1.00 12.48 ? 137 PRO A N     1 
ATOM   1027 C  CA    . PRO A 1 132 ? 14.156  14.032  13.580  1.00 13.39 ? 137 PRO A CA    1 
ATOM   1028 C  C     . PRO A 1 132 ? 12.731  13.554  13.943  1.00 14.62 ? 137 PRO A C     1 
ATOM   1029 O  O     . PRO A 1 132 ? 12.175  12.704  13.284  1.00 13.31 ? 137 PRO A O     1 
ATOM   1030 C  CB    . PRO A 1 132 ? 14.118  15.028  12.377  1.00 13.98 ? 137 PRO A CB    1 
ATOM   1031 C  CG    . PRO A 1 132 ? 15.249  14.598  11.484  1.00 14.94 ? 137 PRO A CG    1 
ATOM   1032 C  CD    . PRO A 1 132 ? 15.588  13.148  11.772  1.00 12.18 ? 137 PRO A CD    1 
ATOM   1033 N  N     . ALA A 1 133 ? 12.153  14.077  15.012  1.00 15.49 ? 138 ALA A N     1 
ATOM   1034 C  CA    . ALA A 1 133 ? 10.788  13.769  15.359  1.00 17.54 ? 138 ALA A CA    1 
ATOM   1035 C  C     . ALA A 1 133 ? 9.878   14.152  14.194  1.00 17.25 ? 138 ALA A C     1 
ATOM   1036 O  O     . ALA A 1 133 ? 8.840   13.524  13.963  1.00 17.20 ? 138 ALA A O     1 
ATOM   1037 C  CB    . ALA A 1 133 ? 10.406  14.547  16.611  1.00 20.43 ? 138 ALA A CB    1 
ATOM   1038 N  N     . SER A 1 134 ? 10.279  15.142  13.406  1.00 16.68 ? 139 SER A N     1 
ATOM   1039 C  CA    . SER A 1 134 ? 9.326   15.638  12.384  1.00 18.49 ? 139 SER A CA    1 
ATOM   1040 C  C     . SER A 1 134 ? 9.177   14.677  11.191  1.00 18.56 ? 139 SER A C     1 
ATOM   1041 O  O     . SER A 1 134 ? 8.166   14.730  10.438  1.00 19.42 ? 139 SER A O     1 
ATOM   1042 C  CB    . SER A 1 134 ? 9.618   17.105  11.981  1.00 19.00 ? 139 SER A CB    1 
ATOM   1043 O  OG    . SER A 1 134 ? 10.842  17.178  11.269  1.00 25.45 ? 139 SER A OG    1 
ATOM   1044 N  N     . SER A 1 135 ? 10.134  13.750  11.064  1.00 15.93 ? 140 SER A N     1 
ATOM   1045 C  CA    . SER A 1 135 ? 10.084  12.733  10.030  1.00 15.51 ? 140 SER A CA    1 
ATOM   1046 C  C     . SER A 1 135 ? 9.049   11.685  10.267  1.00 13.36 ? 140 SER A C     1 
ATOM   1047 O  O     . SER A 1 135 ? 8.722   10.935  9.341   1.00 13.66 ? 140 SER A O     1 
ATOM   1048 C  CB    . SER A 1 135 ? 11.402  12.001  9.971   1.00 16.64 ? 140 SER A CB    1 
ATOM   1049 O  OG    . SER A 1 135 ? 12.350  12.894  9.462   1.00 21.19 ? 140 SER A OG    1 
ATOM   1050 N  N     . ILE A 1 136 ? 8.603   11.550  11.511  1.00 13.06 ? 141 ILE A N     1 
ATOM   1051 C  CA    . ILE A 1 136 ? 7.749   10.453  11.915  1.00 12.14 ? 141 ILE A CA    1 
ATOM   1052 C  C     . ILE A 1 136 ? 6.241   10.763  11.811  1.00 13.10 ? 141 ILE A C     1 
ATOM   1053 O  O     . ILE A 1 136 ? 5.776   11.764  12.321  1.00 13.59 ? 141 ILE A O     1 
ATOM   1054 C  CB    . ILE A 1 136 ? 8.100   9.985   13.346  1.00 11.81 ? 141 ILE A CB    1 
ATOM   1055 C  CG1   . ILE A 1 136 ? 9.610   9.852   13.480  1.00 11.52 ? 141 ILE A CG1   1 
ATOM   1056 C  CG2   . ILE A 1 136 ? 7.373   8.687   13.722  1.00 12.20 ? 141 ILE A CG2   1 
ATOM   1057 C  CD1   . ILE A 1 136 ? 10.326  8.892   12.547  1.00 11.23 ? 141 ILE A CD1   1 
ATOM   1058 N  N     . ILE A 1 137 ? 5.487   9.865   11.205  1.00 10.66 ? 142 ILE A N     1 
ATOM   1059 C  CA    . ILE A 1 137 ? 4.025   10.094  11.019  1.00 10.57 ? 142 ILE A CA    1 
ATOM   1060 C  C     . ILE A 1 137 ? 3.311   9.300   12.054  1.00 10.15 ? 142 ILE A C     1 
ATOM   1061 O  O     . ILE A 1 137 ? 3.494   8.083   12.127  1.00 10.05 ? 142 ILE A O     1 
ATOM   1062 C  CB    . ILE A 1 137 ? 3.618   9.584   9.619   1.00 10.40 ? 142 ILE A CB    1 
ATOM   1063 C  CG1   . ILE A 1 137 ? 4.468   10.305  8.554   1.00 10.54 ? 142 ILE A CG1   1 
ATOM   1064 C  CG2   . ILE A 1 137 ? 2.078   9.622   9.449   1.00 8.76  ? 142 ILE A CG2   1 
ATOM   1065 C  CD1   . ILE A 1 137 ? 4.428   11.839  8.554   1.00 10.93 ? 142 ILE A CD1   1 
ATOM   1066 N  N     . THR A 1 138 ? 2.502   9.947   12.883  1.00 10.36 ? 143 THR A N     1 
ATOM   1067 C  CA    . THR A 1 138 ? 1.771   9.226   13.948  1.00 11.81 ? 143 THR A CA    1 
ATOM   1068 C  C     . THR A 1 138 ? 0.450   8.817   13.383  1.00 11.61 ? 143 THR A C     1 
ATOM   1069 O  O     . THR A 1 138 ? 0.130   9.236   12.272  1.00 11.90 ? 143 THR A O     1 
ATOM   1070 C  CB    . THR A 1 138 ? 1.441   10.154  15.107  1.00 12.20 ? 143 THR A CB    1 
ATOM   1071 O  OG1   . THR A 1 138 ? 0.796   11.327  14.558  1.00 11.59 ? 143 THR A OG1   1 
ATOM   1072 C  CG2   . THR A 1 138 ? 2.698   10.536  15.771  1.00 13.68 ? 143 THR A CG2   1 
ATOM   1073 N  N     . THR A 1 139 ? -0.277  7.930   14.076  1.00 12.32 ? 144 THR A N     1 
ATOM   1074 C  CA    . THR A 1 139 ? -1.574  7.444   13.545  1.00 12.93 ? 144 THR A CA    1 
ATOM   1075 C  C     . THR A 1 139 ? -2.557  8.524   13.277  1.00 13.30 ? 144 THR A C     1 
ATOM   1076 O  O     . THR A 1 139 ? -3.195  8.516   12.201  1.00 13.54 ? 144 THR A O     1 
ATOM   1077 C  CB    . THR A 1 139 ? -2.204  6.463   14.490  1.00 14.87 ? 144 THR A CB    1 
ATOM   1078 O  OG1   . THR A 1 139 ? -1.294  5.426   14.671  1.00 15.70 ? 144 THR A OG1   1 
ATOM   1079 C  CG2   . THR A 1 139 ? -3.481  5.849   13.943  1.00 14.62 ? 144 THR A CG2   1 
ATOM   1080 N  N     . GLU A 1 140 ? -2.657  9.498   14.192  1.00 12.72 ? 145 GLU A N     1 
ATOM   1081 C  CA    . GLU A 1 140 ? -3.537  10.644  13.930  1.00 14.26 ? 145 GLU A CA    1 
ATOM   1082 C  C     . GLU A 1 140 ? -3.198  11.393  12.652  1.00 12.94 ? 145 GLU A C     1 
ATOM   1083 O  O     . GLU A 1 140 ? -4.101  11.842  11.933  1.00 12.43 ? 145 GLU A O     1 
ATOM   1084 C  CB    . GLU A 1 140 ? -3.682  11.561  15.147  1.00 16.21 ? 145 GLU A CB    1 
ATOM   1085 C  CG    . GLU A 1 140 ? -2.604  12.600  15.305  1.00 22.86 ? 145 GLU A CG    1 
ATOM   1086 C  CD    . GLU A 1 140 ? -1.381  12.086  16.017  1.00 25.27 ? 145 GLU A CD    1 
ATOM   1087 O  OE1   . GLU A 1 140 ? -1.292  10.847  16.252  1.00 29.31 ? 145 GLU A OE1   1 
ATOM   1088 O  OE2   . GLU A 1 140 ? -0.469  12.922  16.350  1.00 28.72 ? 145 GLU A OE2   1 
ATOM   1089 N  N     . GLN A 1 141 ? -1.909  11.499  12.316  1.00 11.68 ? 146 GLN A N     1 
ATOM   1090 C  CA    . GLN A 1 141 ? -1.503  12.229  11.111  1.00 11.39 ? 146 GLN A CA    1 
ATOM   1091 C  C     . GLN A 1 141 ? -1.800  11.391  9.858   1.00 11.21 ? 146 GLN A C     1 
ATOM   1092 O  O     . GLN A 1 141 ? -2.108  11.945  8.796   1.00 10.70 ? 146 GLN A O     1 
ATOM   1093 C  CB    . GLN A 1 141 ? -0.019  12.612  11.140  1.00 11.68 ? 146 GLN A CB    1 
ATOM   1094 C  CG    . GLN A 1 141 ? 0.282   13.704  12.175  1.00 14.66 ? 146 GLN A CG    1 
ATOM   1095 C  CD    . GLN A 1 141 ? 1.782   13.831  12.526  1.00 15.19 ? 146 GLN A CD    1 
ATOM   1096 O  OE1   . GLN A 1 141 ? 2.565   12.924  12.307  1.00 15.12 ? 146 GLN A OE1   1 
ATOM   1097 N  NE2   . GLN A 1 141 ? 2.161   14.959  13.106  1.00 18.33 ? 146 GLN A NE2   1 
ATOM   1098 N  N     . GLY A 1 142 ? -1.731  10.068  9.991   1.00 11.48 ? 147 GLY A N     1 
ATOM   1099 C  CA    . GLY A 1 142 ? -2.094  9.199   8.875   1.00 10.83 ? 147 GLY A CA    1 
ATOM   1100 C  C     . GLY A 1 142 ? -3.591  9.182   8.598   1.00 10.46 ? 147 GLY A C     1 
ATOM   1101 O  O     . GLY A 1 142 ? -4.019  9.237   7.439   1.00 9.29  ? 147 GLY A O     1 
ATOM   1102 N  N     . GLU A 1 143 ? -4.380  9.087   9.667   1.00 11.16 ? 148 GLU A N     1 
ATOM   1103 C  CA    . GLU A 1 143 ? -5.796  9.145   9.537   1.00 13.05 ? 148 GLU A CA    1 
ATOM   1104 C  C     . GLU A 1 143 ? -6.224  10.469  8.943   1.00 12.42 ? 148 GLU A C     1 
ATOM   1105 O  O     . GLU A 1 143 ? -7.140  10.528  8.114   1.00 12.70 ? 148 GLU A O     1 
ATOM   1106 C  CB    . GLU A 1 143 ? -6.437  8.872   10.891  1.00 14.16 ? 148 GLU A CB    1 
ATOM   1107 C  CG    . GLU A 1 143 ? -7.895  9.224   10.927  1.00 17.65 ? 148 GLU A CG    1 
ATOM   1108 C  CD    . GLU A 1 143 ? -8.801  8.498   9.886   1.00 21.71 ? 148 GLU A CD    1 
ATOM   1109 O  OE1   . GLU A 1 143 ? -8.434  7.414   9.321   1.00 19.02 ? 148 GLU A OE1   1 
ATOM   1110 O  OE2   . GLU A 1 143 ? -9.932  9.040   9.681   1.00 21.40 ? 148 GLU A OE2   1 
ATOM   1111 N  N     . GLU A 1 144 ? -5.572  11.550  9.359   1.00 11.58 ? 149 GLU A N     1 
ATOM   1112 C  CA    . GLU A 1 144 ? -5.891  12.867  8.757   1.00 11.53 ? 149 GLU A CA    1 
ATOM   1113 C  C     . GLU A 1 144 ? -5.578  12.835  7.277   1.00 11.21 ? 149 GLU A C     1 
ATOM   1114 O  O     . GLU A 1 144 ? -6.360  13.346  6.456   1.00 10.18 ? 149 GLU A O     1 
ATOM   1115 C  CB    . GLU A 1 144 ? -5.114  13.983  9.454   1.00 13.49 ? 149 GLU A CB    1 
ATOM   1116 C  CG    . GLU A 1 144 ? -5.390  15.407  8.947   1.00 14.70 ? 149 GLU A CG    1 
ATOM   1117 C  CD    . GLU A 1 144 ? -6.838  15.887  9.165   1.00 18.20 ? 149 GLU A CD    1 
ATOM   1118 O  OE1   . GLU A 1 144 ? -7.535  15.493  10.125  1.00 17.84 ? 149 GLU A OE1   1 
ATOM   1119 O  OE2   . GLU A 1 144 ? -7.298  16.672  8.327   1.00 19.51 ? 149 GLU A OE2   1 
ATOM   1120 N  N     . LEU A 1 145 ? -4.417  12.285  6.909   1.00 10.17 ? 150 LEU A N     1 
ATOM   1121 C  CA    . LEU A 1 145 ? -4.065  12.202  5.493   1.00 10.11 ? 150 LEU A CA    1 
ATOM   1122 C  C     . LEU A 1 145 ? -5.154  11.392  4.775   1.00 9.86  ? 150 LEU A C     1 
ATOM   1123 O  O     . LEU A 1 145 ? -5.552  11.759  3.692   1.00 10.56 ? 150 LEU A O     1 
ATOM   1124 C  CB    . LEU A 1 145 ? -2.732  11.518  5.279   1.00 10.73 ? 150 LEU A CB    1 
ATOM   1125 C  CG    . LEU A 1 145 ? -2.267  11.375  3.817   1.00 10.85 ? 150 LEU A CG    1 
ATOM   1126 C  CD1   . LEU A 1 145 ? -2.103  12.722  3.122   1.00 12.23 ? 150 LEU A CD1   1 
ATOM   1127 C  CD2   . LEU A 1 145 ? -0.963  10.599  3.879   1.00 10.91 ? 150 LEU A CD2   1 
ATOM   1128 N  N     . ARG A 1 146 ? -5.633  10.321  5.378   1.00 10.50 ? 151 ARG A N     1 
ATOM   1129 C  CA    . ARG A 1 146 ? -6.705  9.542   4.723   1.00 11.64 ? 151 ARG A CA    1 
ATOM   1130 C  C     . ARG A 1 146 ? -7.917  10.435  4.340   1.00 13.82 ? 151 ARG A C     1 
ATOM   1131 O  O     . ARG A 1 146 ? -8.325  10.497  3.153   1.00 14.54 ? 151 ARG A O     1 
ATOM   1132 C  CB    . ARG A 1 146 ? -7.114  8.377   5.582   1.00 12.28 ? 151 ARG A CB    1 
ATOM   1133 C  CG    . ARG A 1 146 ? -8.054  7.416   4.861   1.00 12.95 ? 151 ARG A CG    1 
ATOM   1134 C  CD    . ARG A 1 146 ? -8.932  6.643   5.825   1.00 13.28 ? 151 ARG A CD    1 
ATOM   1135 N  NE    . ARG A 1 146 ? -9.804  7.432   6.668   1.00 15.81 ? 151 ARG A NE    1 
ATOM   1136 C  CZ    . ARG A 1 146 ? -11.007 7.907   6.351   1.00 15.84 ? 151 ARG A CZ    1 
ATOM   1137 N  NH1   . ARG A 1 146 ? -11.497 7.775   5.131   1.00 14.75 ? 151 ARG A NH1   1 
ATOM   1138 N  NH2   . ARG A 1 146 ? -11.693 8.597   7.282   1.00 16.49 ? 151 ARG A NH2   1 
ATOM   1139 N  N     . LYS A 1 147 ? -8.445  11.183  5.308   1.00 14.83 ? 152 LYS A N     1 
ATOM   1140 C  CA    . LYS A 1 147 ? -9.542  12.085  4.996   1.00 15.87 ? 152 LYS A CA    1 
ATOM   1141 C  C     . LYS A 1 147 ? -9.208  13.138  4.008   1.00 16.79 ? 152 LYS A C     1 
ATOM   1142 O  O     . LYS A 1 147 ? -10.026 13.391  3.106   1.00 16.46 ? 152 LYS A O     1 
ATOM   1143 C  CB    . LYS A 1 147 ? -10.030 12.723  6.261   1.00 18.39 ? 152 LYS A CB    1 
ATOM   1144 C  CG    . LYS A 1 147 ? -10.551 11.695  7.206   1.00 19.20 ? 152 LYS A CG    1 
ATOM   1145 C  CD    . LYS A 1 147 ? -11.451 12.410  8.191   1.00 21.20 ? 152 LYS A CD    1 
ATOM   1146 C  CE    . LYS A 1 147 ? -10.608 12.609  9.440   1.00 25.50 ? 152 LYS A CE    1 
ATOM   1147 N  NZ    . LYS A 1 147 ? -10.626 11.388  10.314  1.00 27.05 ? 152 LYS A NZ    1 
ATOM   1148 N  N     . LEU A 1 148 ? -8.026  13.779  4.165   1.00 14.02 ? 153 LEU A N     1 
ATOM   1149 C  CA    . LEU A 1 148 ? -7.615  14.847  3.256   1.00 14.89 ? 153 LEU A CA    1 
ATOM   1150 C  C     . LEU A 1 148 ? -7.577  14.471  1.769   1.00 16.73 ? 153 LEU A C     1 
ATOM   1151 O  O     . LEU A 1 148 ? -7.929  15.291  0.901   1.00 17.65 ? 153 LEU A O     1 
ATOM   1152 C  CB    . LEU A 1 148 ? -6.240  15.456  3.622   1.00 13.96 ? 153 LEU A CB    1 
ATOM   1153 C  CG    . LEU A 1 148 ? -6.124  16.255  4.922   1.00 13.90 ? 153 LEU A CG    1 
ATOM   1154 C  CD1   . LEU A 1 148 ? -4.667  16.566  5.288   1.00 14.00 ? 153 LEU A CD1   1 
ATOM   1155 C  CD2   . LEU A 1 148 ? -6.982  17.509  4.825   1.00 13.53 ? 153 LEU A CD2   1 
ATOM   1156 N  N     . ILE A 1 149 ? -7.172  13.242  1.461   1.00 15.65 ? 154 ILE A N     1 
ATOM   1157 C  CA    . ILE A 1 149 ? -6.948  12.899  0.025   1.00 15.28 ? 154 ILE A CA    1 
ATOM   1158 C  C     . ILE A 1 149 ? -8.173  12.160  -0.468  1.00 14.38 ? 154 ILE A C     1 
ATOM   1159 O  O     . ILE A 1 149 ? -8.358  11.935  -1.695  1.00 15.81 ? 154 ILE A O     1 
ATOM   1160 C  CB    . ILE A 1 149 ? -5.704  12.007  -0.177  1.00 15.21 ? 154 ILE A CB    1 
ATOM   1161 C  CG1   . ILE A 1 149 ? -5.907  10.670  0.563   1.00 14.74 ? 154 ILE A CG1   1 
ATOM   1162 C  CG2   . ILE A 1 149 ? -4.423  12.796  0.188   1.00 14.72 ? 154 ILE A CG2   1 
ATOM   1163 C  CD1   . ILE A 1 149 ? -4.926  9.549   0.168   1.00 17.10 ? 154 ILE A CD1   1 
ATOM   1164 N  N     . GLY A 1 150 ? -8.997  11.766  0.467   1.00 15.08 ? 155 GLY A N     1 
ATOM   1165 C  CA    . GLY A 1 150 ? -10.224 11.009  0.169   1.00 15.79 ? 155 GLY A CA    1 
ATOM   1166 C  C     . GLY A 1 150 ? -10.051 9.508   -0.049  1.00 16.47 ? 155 GLY A C     1 
ATOM   1167 O  O     . GLY A 1 150 ? -10.835 8.876   -0.804  1.00 15.53 ? 155 GLY A O     1 
ATOM   1168 N  N     . ALA A 1 151 ? -9.069  8.907   0.633   1.00 14.81 ? 156 ALA A N     1 
ATOM   1169 C  CA    . ALA A 1 151 ? -8.906  7.437   0.561   1.00 14.09 ? 156 ALA A CA    1 
ATOM   1170 C  C     . ALA A 1 151 ? -10.003 6.821   1.403   1.00 14.34 ? 156 ALA A C     1 
ATOM   1171 O  O     . ALA A 1 151 ? -10.457 7.478   2.358   1.00 15.77 ? 156 ALA A O     1 
ATOM   1172 C  CB    . ALA A 1 151 ? -7.534  7.011   1.115   1.00 12.83 ? 156 ALA A CB    1 
ATOM   1173 N  N     . VAL A 1 152 ? -10.401 5.573   1.129   1.00 13.09 ? 157 VAL A N     1 
ATOM   1174 C  CA    . VAL A 1 152 ? -11.496 4.934   1.886   1.00 14.12 ? 157 VAL A CA    1 
ATOM   1175 C  C     . VAL A 1 152 ? -11.135 4.226   3.160   1.00 14.18 ? 157 VAL A C     1 
ATOM   1176 O  O     . VAL A 1 152 ? -11.995 3.956   3.990   1.00 14.72 ? 157 VAL A O     1 
ATOM   1177 C  CB    . VAL A 1 152 ? -12.395 4.043   1.003   1.00 15.67 ? 157 VAL A CB    1 
ATOM   1178 C  CG1   . VAL A 1 152 ? -13.063 4.954   0.003   1.00 19.22 ? 157 VAL A CG1   1 
ATOM   1179 C  CG2   . VAL A 1 152 ? -11.595 2.953   0.293   1.00 16.39 ? 157 VAL A CG2   1 
ATOM   1180 N  N     . ALA A 1 153 ? -9.849  3.917   3.363   1.00 12.60 ? 158 ALA A N     1 
ATOM   1181 C  CA    . ALA A 1 153 ? -9.454  3.203   4.569   1.00 11.74 ? 158 ALA A CA    1 
ATOM   1182 C  C     . ALA A 1 153 ? -8.025  3.566   4.818   1.00 10.89 ? 158 ALA A C     1 
ATOM   1183 O  O     . ALA A 1 153 ? -7.332  4.082   3.901   1.00 11.82 ? 158 ALA A O     1 
ATOM   1184 C  CB    . ALA A 1 153 ? -9.550  1.713   4.355   1.00 11.37 ? 158 ALA A CB    1 
ATOM   1185 N  N     . TYR A 1 154 ? -7.541  3.260   6.011   1.00 10.15 ? 159 TYR A N     1 
ATOM   1186 C  CA    . TYR A 1 154 ? -6.122  3.574   6.278   1.00 9.79  ? 159 TYR A CA    1 
ATOM   1187 C  C     . TYR A 1 154 ? -5.618  2.469   7.125   1.00 10.06 ? 159 TYR A C     1 
ATOM   1188 O  O     . TYR A 1 154 ? -6.256  2.187   8.169   1.00 10.11 ? 159 TYR A O     1 
ATOM   1189 C  CB    . TYR A 1 154 ? -5.968  4.918   7.004   1.00 9.12  ? 159 TYR A CB    1 
ATOM   1190 C  CG    . TYR A 1 154 ? -4.554  5.175   7.521   1.00 9.52  ? 159 TYR A CG    1 
ATOM   1191 C  CD1   . TYR A 1 154 ? -3.434  5.147   6.655   1.00 9.36  ? 159 TYR A CD1   1 
ATOM   1192 C  CD2   . TYR A 1 154 ? -4.322  5.486   8.878   1.00 9.26  ? 159 TYR A CD2   1 
ATOM   1193 C  CE1   . TYR A 1 154 ? -2.141  5.398   7.125   1.00 9.57  ? 159 TYR A CE1   1 
ATOM   1194 C  CE2   . TYR A 1 154 ? -3.019  5.784   9.323   1.00 9.16  ? 159 TYR A CE2   1 
ATOM   1195 C  CZ    . TYR A 1 154 ? -1.936  5.713   8.458   1.00 9.16  ? 159 TYR A CZ    1 
ATOM   1196 O  OH    . TYR A 1 154 ? -0.641  6.004   8.965   1.00 9.01  ? 159 TYR A OH    1 
ATOM   1197 N  N     . ILE A 1 155 ? -4.514  1.802   6.735   1.00 8.91  ? 160 ILE A N     1 
ATOM   1198 C  CA    . ILE A 1 155 ? -3.993  0.679   7.537   1.00 8.91  ? 160 ILE A CA    1 
ATOM   1199 C  C     . ILE A 1 155 ? -2.511  0.984   7.744   1.00 8.97  ? 160 ILE A C     1 
ATOM   1200 O  O     . ILE A 1 155 ? -1.849  1.440   6.823   1.00 9.75  ? 160 ILE A O     1 
ATOM   1201 C  CB    . ILE A 1 155 ? -4.095  -0.700  6.767   1.00 9.72  ? 160 ILE A CB    1 
ATOM   1202 C  CG1   . ILE A 1 155 ? -5.579  -0.990  6.327   1.00 10.35 ? 160 ILE A CG1   1 
ATOM   1203 C  CG2   . ILE A 1 155 ? -3.460  -1.873  7.562   1.00 9.17  ? 160 ILE A CG2   1 
ATOM   1204 C  CD1   . ILE A 1 155 ? -6.489  -1.235  7.505   1.00 10.18 ? 160 ILE A CD1   1 
ATOM   1205 N  N     . GLU A 1 156 ? -2.012  0.735   8.924   1.00 8.38  ? 161 GLU A N     1 
ATOM   1206 C  CA    . GLU A 1 156 ? -0.572  0.842   9.245   1.00 9.49  ? 161 GLU A CA    1 
ATOM   1207 C  C     . GLU A 1 156 ? -0.012  -0.581  9.480   1.00 9.46  ? 161 GLU A C     1 
ATOM   1208 O  O     . GLU A 1 156 ? -0.665  -1.391  10.172  1.00 10.61 ? 161 GLU A O     1 
ATOM   1209 C  CB    . GLU A 1 156 ? -0.407  1.681   10.496  1.00 9.08  ? 161 GLU A CB    1 
ATOM   1210 C  CG    . GLU A 1 156 ? -0.931  3.077   10.267  1.00 9.97  ? 161 GLU A CG    1 
ATOM   1211 C  CD    . GLU A 1 156 ? -0.730  3.990   11.442  1.00 11.41 ? 161 GLU A CD    1 
ATOM   1212 O  OE1   . GLU A 1 156 ? -1.017  3.549   12.573  1.00 12.10 ? 161 GLU A OE1   1 
ATOM   1213 O  OE2   . GLU A 1 156 ? -0.310  5.156   11.239  1.00 12.84 ? 161 GLU A OE2   1 
ATOM   1214 N  N     . CYS A 1 157 ? 1.144   -0.884  8.876   1.00 8.63  ? 162 CYS A N     1 
ATOM   1215 C  CA    . CYS A 1 157 ? 1.596   -2.256  8.822   1.00 8.87  ? 162 CYS A CA    1 
ATOM   1216 C  C     . CYS A 1 157 ? 3.093   -2.315  8.882   1.00 9.32  ? 162 CYS A C     1 
ATOM   1217 O  O     . CYS A 1 157 ? 3.765   -1.299  8.683   1.00 8.46  ? 162 CYS A O     1 
ATOM   1218 C  CB    . CYS A 1 157 ? 1.051   -2.979  7.558   1.00 9.56  ? 162 CYS A CB    1 
ATOM   1219 S  SG    . CYS A 1 157 ? 1.895   -2.435  6.044   1.00 10.58 ? 162 CYS A SG    1 
ATOM   1220 N  N     . SER A 1 158 ? 3.606   -3.506  9.218   1.00 9.37  ? 163 SER A N     1 
ATOM   1221 C  CA    . SER A 1 158 ? 5.042   -3.749  9.125   1.00 9.82  ? 163 SER A CA    1 
ATOM   1222 C  C     . SER A 1 158 ? 5.241   -5.097  8.426   1.00 9.74  ? 163 SER A C     1 
ATOM   1223 O  O     . SER A 1 158 ? 4.750   -6.104  8.954   1.00 9.65  ? 163 SER A O     1 
ATOM   1224 C  CB    . SER A 1 158 ? 5.602   -3.899  10.543  1.00 10.39 ? 163 SER A CB    1 
ATOM   1225 O  OG    . SER A 1 158 ? 6.947   -4.307  10.399  1.00 11.67 ? 163 SER A OG    1 
ATOM   1226 N  N     . SER A 1 159 ? 5.920   -5.133  7.274   1.00 9.85  ? 164 SER A N     1 
ATOM   1227 C  CA    . SER A 1 159 ? 6.338   -6.394  6.729   1.00 10.29 ? 164 SER A CA    1 
ATOM   1228 C  C     . SER A 1 159 ? 7.355   -7.082  7.630   1.00 10.16 ? 164 SER A C     1 
ATOM   1229 O  O     . SER A 1 159 ? 7.449   -8.319  7.636   1.00 10.61 ? 164 SER A O     1 
ATOM   1230 C  CB    . SER A 1 159 ? 6.997   -6.231  5.344   1.00 11.06 ? 164 SER A CB    1 
ATOM   1231 O  OG    . SER A 1 159 ? 6.005   -5.746  4.466   1.00 17.42 ? 164 SER A OG    1 
ATOM   1232 N  N     . LYS A 1 160 ? 8.124   -6.294  8.345   1.00 9.35  ? 165 LYS A N     1 
ATOM   1233 C  CA    . LYS A 1 160 ? 9.243   -6.873  9.067   1.00 10.81 ? 165 LYS A CA    1 
ATOM   1234 C  C     . LYS A 1 160 ? 8.737   -7.647  10.258  1.00 11.06 ? 165 LYS A C     1 
ATOM   1235 O  O     . LYS A 1 160 ? 9.214   -8.763  10.489  1.00 11.92 ? 165 LYS A O     1 
ATOM   1236 C  CB    . LYS A 1 160 ? 10.255  -5.830  9.491   1.00 11.02 ? 165 LYS A CB    1 
ATOM   1237 C  CG    . LYS A 1 160 ? 11.296  -6.424  10.439  1.00 11.38 ? 165 LYS A CG    1 
ATOM   1238 C  CD    . LYS A 1 160 ? 12.374  -5.383  10.785  1.00 12.10 ? 165 LYS A CD    1 
ATOM   1239 C  CE    . LYS A 1 160 ? 13.406  -5.988  11.770  1.00 12.38 ? 165 LYS A CE    1 
ATOM   1240 N  NZ    . LYS A 1 160 ? 14.296  -4.937  12.383  1.00 14.02 ? 165 LYS A NZ    1 
ATOM   1241 N  N     . THR A 1 161 ? 7.731   -7.126  10.969  1.00 12.11 ? 166 THR A N     1 
ATOM   1242 C  CA    . THR A 1 161 ? 7.213   -7.829  12.124  1.00 14.22 ? 166 THR A CA    1 
ATOM   1243 C  C     . THR A 1 161 ? 5.832   -8.480  11.862  1.00 17.00 ? 166 THR A C     1 
ATOM   1244 O  O     . THR A 1 161 ? 5.236   -9.065  12.771  1.00 18.54 ? 166 THR A O     1 
ATOM   1245 C  CB    . THR A 1 161 ? 7.166   -6.920  13.387  1.00 15.17 ? 166 THR A CB    1 
ATOM   1246 O  OG1   . THR A 1 161 ? 6.411   -5.742  13.091  1.00 15.18 ? 166 THR A OG1   1 
ATOM   1247 C  CG2   . THR A 1 161 ? 8.553   -6.454  13.797  1.00 15.45 ? 166 THR A CG2   1 
ATOM   1248 N  N     . GLN A 1 162 ? 5.350   -8.445  10.614  1.00 16.52 ? 167 GLN A N     1 
ATOM   1249 C  CA    . GLN A 1 162 ? 4.032   -8.966  10.240  1.00 18.37 ? 167 GLN A CA    1 
ATOM   1250 C  C     . GLN A 1 162 ? 2.958   -8.338  11.086  1.00 16.50 ? 167 GLN A C     1 
ATOM   1251 O  O     . GLN A 1 162 ? 2.166   -9.068  11.702  1.00 18.93 ? 167 GLN A O     1 
ATOM   1252 C  CB    . GLN A 1 162 ? 3.859   -10.504 10.453  1.00 22.87 ? 167 GLN A CB    1 
ATOM   1253 C  CG    . GLN A 1 162 ? 5.099   -11.356 10.456  1.00 29.01 ? 167 GLN A CG    1 
ATOM   1254 C  CD    . GLN A 1 162 ? 5.663   -11.358 9.104   1.00 31.81 ? 167 GLN A CD    1 
ATOM   1255 O  OE1   . GLN A 1 162 ? 4.910   -11.429 8.130   1.00 36.95 ? 167 GLN A OE1   1 
ATOM   1256 N  NE2   . GLN A 1 162 ? 6.992   -11.249 9.004   1.00 37.75 ? 167 GLN A NE2   1 
ATOM   1257 N  N     . ARG A 1 163 ? 2.907   -7.027  11.155  1.00 13.12 ? 168 ARG A N     1 
ATOM   1258 C  CA    . ARG A 1 163 ? 1.778   -6.391  11.813  1.00 12.26 ? 168 ARG A CA    1 
ATOM   1259 C  C     . ARG A 1 163 ? 0.839   -5.931  10.714  1.00 11.64 ? 168 ARG A C     1 
ATOM   1260 O  O     . ARG A 1 163 ? 1.248   -5.170  9.839   1.00 10.58 ? 168 ARG A O     1 
ATOM   1261 C  CB    . ARG A 1 163 ? 2.243   -5.155  12.613  1.00 11.70 ? 168 ARG A CB    1 
ATOM   1262 C  CG    . ARG A 1 163 ? 3.290   -5.436  13.706  1.00 12.05 ? 168 ARG A CG    1 
ATOM   1263 C  CD    . ARG A 1 163 ? 2.566   -5.634  15.067  1.00 11.39 ? 168 ARG A CD    1 
ATOM   1264 N  NE    . ARG A 1 163 ? 1.870   -4.374  15.417  1.00 10.30 ? 168 ARG A NE    1 
ATOM   1265 C  CZ    . ARG A 1 163 ? 2.486   -3.294  15.905  1.00 10.68 ? 168 ARG A CZ    1 
ATOM   1266 N  NH1   . ARG A 1 163 ? 3.816   -3.348  16.174  1.00 10.66 ? 168 ARG A NH1   1 
ATOM   1267 N  NH2   . ARG A 1 163 ? 1.805   -2.204  16.206  1.00 8.94  ? 168 ARG A NH2   1 
ATOM   1268 N  N     . ASN A 1 164 ? -0.413  -6.406  10.764  1.00 11.01 ? 169 ASN A N     1 
ATOM   1269 C  CA    . ASN A 1 164 ? -1.505  -5.854  9.955   1.00 11.29 ? 169 ASN A CA    1 
ATOM   1270 C  C     . ASN A 1 164 ? -1.337  -6.064  8.455   1.00 10.61 ? 169 ASN A C     1 
ATOM   1271 O  O     . ASN A 1 164 ? -2.015  -5.385  7.680   1.00 10.79 ? 169 ASN A O     1 
ATOM   1272 C  CB    . ASN A 1 164 ? -1.724  -4.339  10.252  1.00 11.36 ? 169 ASN A CB    1 
ATOM   1273 C  CG    . ASN A 1 164 ? -1.849  -4.093  11.743  1.00 12.90 ? 169 ASN A CG    1 
ATOM   1274 O  OD1   . ASN A 1 164 ? -2.528  -4.891  12.423  1.00 13.13 ? 169 ASN A OD1   1 
ATOM   1275 N  ND2   . ASN A 1 164 ? -1.118  -3.086  12.286  1.00 11.92 ? 169 ASN A ND2   1 
ATOM   1276 N  N     . ILE A 1 165 ? -0.420  -6.950  8.075   1.00 9.96  ? 170 ILE A N     1 
ATOM   1277 C  CA    . ILE A 1 165 ? -0.199  -7.269  6.663   1.00 10.56 ? 170 ILE A CA    1 
ATOM   1278 C  C     . ILE A 1 165 ? -1.497  -7.822  6.013   1.00 11.31 ? 170 ILE A C     1 
ATOM   1279 O  O     . ILE A 1 165 ? -1.926  -7.335  4.978   1.00 11.52 ? 170 ILE A O     1 
ATOM   1280 C  CB    . ILE A 1 165 ? 1.047   -8.152  6.462   1.00 10.80 ? 170 ILE A CB    1 
ATOM   1281 C  CG1   . ILE A 1 165 ? 2.301   -7.303  6.788   1.00 10.37 ? 170 ILE A CG1   1 
ATOM   1282 C  CG2   . ILE A 1 165 ? 1.175   -8.596  4.984   1.00 10.65 ? 170 ILE A CG2   1 
ATOM   1283 C  CD1   . ILE A 1 165 ? 2.503   -6.154  5.808   1.00 10.62 ? 170 ILE A CD1   1 
ATOM   1284 N  N     . LYS A 1 166 ? -2.143  -8.766  6.667   1.00 11.86 ? 171 LYS A N     1 
ATOM   1285 C  CA    . LYS A 1 166 ? -3.375  -9.352  6.141   1.00 13.81 ? 171 LYS A CA    1 
ATOM   1286 C  C     . LYS A 1 166 ? -4.470  -8.293  6.070   1.00 12.15 ? 171 LYS A C     1 
ATOM   1287 O  O     . LYS A 1 166 ? -5.231  -8.257  5.109   1.00 12.00 ? 171 LYS A O     1 
ATOM   1288 C  CB    . LYS A 1 166 ? -3.783  -10.582 6.949   1.00 16.19 ? 171 LYS A CB    1 
ATOM   1289 C  CG    . LYS A 1 166 ? -3.044  -11.788 6.352   1.00 21.16 ? 171 LYS A CG    1 
ATOM   1290 C  CD    . LYS A 1 166 ? -2.841  -12.970 7.255   1.00 26.26 ? 171 LYS A CD    1 
ATOM   1291 C  CE    . LYS A 1 166 ? -1.993  -14.048 6.528   1.00 32.01 ? 171 LYS A CE    1 
ATOM   1292 N  NZ    . LYS A 1 166 ? -0.832  -13.528 5.687   1.00 35.64 ? 171 LYS A NZ    1 
ATOM   1293 N  N     . ALA A 1 167 ? -4.494  -7.398  7.036   1.00 11.42 ? 172 ALA A N     1 
ATOM   1294 C  CA    . ALA A 1 167 ? -5.508  -6.364  7.072   1.00 10.77 ? 172 ALA A CA    1 
ATOM   1295 C  C     . ALA A 1 167 ? -5.426  -5.481  5.867   1.00 10.24 ? 172 ALA A C     1 
ATOM   1296 O  O     . ALA A 1 167 ? -6.463  -4.985  5.423   1.00 9.84  ? 172 ALA A O     1 
ATOM   1297 C  CB    . ALA A 1 167 ? -5.409  -5.521  8.321   1.00 11.80 ? 172 ALA A CB    1 
ATOM   1298 N  N     . VAL A 1 168 ? -4.223  -5.200  5.374   1.00 9.16  ? 173 VAL A N     1 
ATOM   1299 C  CA    . VAL A 1 168 ? -4.070  -4.333  4.203   1.00 8.68  ? 173 VAL A CA    1 
ATOM   1300 C  C     . VAL A 1 168 ? -4.908  -4.936  3.049   1.00 8.59  ? 173 VAL A C     1 
ATOM   1301 O  O     . VAL A 1 168 ? -5.758  -4.236  2.440   1.00 8.92  ? 173 VAL A O     1 
ATOM   1302 C  CB    . VAL A 1 168 ? -2.576  -4.204  3.763   1.00 8.40  ? 173 VAL A CB    1 
ATOM   1303 C  CG1   . VAL A 1 168 ? -2.472  -3.630  2.321   1.00 7.53  ? 173 VAL A CG1   1 
ATOM   1304 C  CG2   . VAL A 1 168 ? -1.775  -3.393  4.775   1.00 7.58  ? 173 VAL A CG2   1 
ATOM   1305 N  N     . PHE A 1 169 ? -4.716  -6.218  2.775   1.00 8.98  ? 174 PHE A N     1 
ATOM   1306 C  CA    . PHE A 1 169 ? -5.331  -6.824  1.567   1.00 10.30 ? 174 PHE A CA    1 
ATOM   1307 C  C     . PHE A 1 169 ? -6.772  -7.247  1.821   1.00 10.65 ? 174 PHE A C     1 
ATOM   1308 O  O     . PHE A 1 169 ? -7.572  -7.207  0.910   1.00 10.85 ? 174 PHE A O     1 
ATOM   1309 C  CB    . PHE A 1 169 ? -4.467  -7.944  1.060   1.00 10.05 ? 174 PHE A CB    1 
ATOM   1310 C  CG    . PHE A 1 169 ? -3.084  -7.468  0.727   1.00 10.83 ? 174 PHE A CG    1 
ATOM   1311 C  CD1   . PHE A 1 169 ? -2.826  -6.870  -0.502  1.00 11.24 ? 174 PHE A CD1   1 
ATOM   1312 C  CD2   . PHE A 1 169 ? -2.047  -7.513  1.680   1.00 10.96 ? 174 PHE A CD2   1 
ATOM   1313 C  CE1   . PHE A 1 169 ? -1.552  -6.399  -0.814  1.00 11.56 ? 174 PHE A CE1   1 
ATOM   1314 C  CE2   . PHE A 1 169 ? -0.765  -7.048  1.347   1.00 10.28 ? 174 PHE A CE2   1 
ATOM   1315 C  CZ    . PHE A 1 169 ? -0.542  -6.462  0.126   1.00 10.96 ? 174 PHE A CZ    1 
ATOM   1316 N  N     . ASP A 1 170 ? -7.098  -7.602  3.059   1.00 12.21 ? 175 ASP A N     1 
ATOM   1317 C  CA    . ASP A 1 170 ? -8.485  -7.829  3.411   1.00 13.89 ? 175 ASP A CA    1 
ATOM   1318 C  C     . ASP A 1 170 ? -9.312  -6.519  3.232   1.00 13.14 ? 175 ASP A C     1 
ATOM   1319 O  O     . ASP A 1 170 ? -10.491 -6.545  2.818   1.00 11.95 ? 175 ASP A O     1 
ATOM   1320 C  CB    . ASP A 1 170 ? -8.601  -8.058  4.870   1.00 16.45 ? 175 ASP A CB    1 
ATOM   1321 C  CG    . ASP A 1 170 ? -8.259  -9.390  5.276   1.00 20.19 ? 175 ASP A CG    1 
ATOM   1322 O  OD1   . ASP A 1 170 ? -8.085  -10.289 4.410   1.00 22.75 ? 175 ASP A OD1   1 
ATOM   1323 O  OD2   . ASP A 1 170 ? -8.154  -9.502  6.526   1.00 23.04 ? 175 ASP A OD2   1 
ATOM   1324 N  N     . THR A 1 171 ? -8.689  -5.401  3.583   1.00 11.00 ? 176 THR A N     1 
ATOM   1325 C  CA    . THR A 1 171 ? -9.317  -4.106  3.393   1.00 11.35 ? 176 THR A CA    1 
ATOM   1326 C  C     . THR A 1 171 ? -9.474  -3.757  1.913   1.00 11.32 ? 176 THR A C     1 
ATOM   1327 O  O     . THR A 1 171 ? -10.498 -3.223  1.491   1.00 11.74 ? 176 THR A O     1 
ATOM   1328 C  CB    . THR A 1 171 ? -8.563  -3.036  4.180   1.00 10.85 ? 176 THR A CB    1 
ATOM   1329 O  OG1   . THR A 1 171 ? -8.578  -3.448  5.556   1.00 11.37 ? 176 THR A OG1   1 
ATOM   1330 C  CG2   . THR A 1 171 ? -9.312  -1.668  4.120   1.00 11.12 ? 176 THR A CG2   1 
ATOM   1331 N  N     . ALA A 1 172 ? -8.439  -4.022  1.137   1.00 10.77 ? 177 ALA A N     1 
ATOM   1332 C  CA    . ALA A 1 172 ? -8.537  -3.850  -0.301  1.00 11.66 ? 177 ALA A CA    1 
ATOM   1333 C  C     . ALA A 1 172 ? -9.724  -4.604  -0.901  1.00 12.65 ? 177 ALA A C     1 
ATOM   1334 O  O     . ALA A 1 172 ? -10.424 -4.045  -1.738  1.00 13.09 ? 177 ALA A O     1 
ATOM   1335 C  CB    . ALA A 1 172 ? -7.254  -4.257  -0.993  1.00 10.58 ? 177 ALA A CB    1 
ATOM   1336 N  N     . ILE A 1 173 ? -9.946  -5.839  -0.455  1.00 12.34 ? 178 ILE A N     1 
ATOM   1337 C  CA    . ILE A 1 173 ? -11.099 -6.642  -0.918  1.00 12.92 ? 178 ILE A CA    1 
ATOM   1338 C  C     . ILE A 1 173 ? -12.417 -6.014  -0.438  1.00 14.95 ? 178 ILE A C     1 
ATOM   1339 O  O     . ILE A 1 173 ? -13.308 -5.754  -1.254  1.00 15.30 ? 178 ILE A O     1 
ATOM   1340 C  CB    . ILE A 1 173 ? -10.967 -8.125  -0.517  1.00 12.76 ? 178 ILE A CB    1 
ATOM   1341 C  CG1   . ILE A 1 173 ? -9.784  -8.726  -1.297  1.00 12.91 ? 178 ILE A CG1   1 
ATOM   1342 C  CG2   . ILE A 1 173 ? -12.278 -8.886  -0.802  1.00 11.68 ? 178 ILE A CG2   1 
ATOM   1343 C  CD1   . ILE A 1 173 ? -9.281  -10.028 -0.688  1.00 15.26 ? 178 ILE A CD1   1 
ATOM   1344 N  N     . LYS A 1 174 ? -12.498 -5.702  0.862   1.00 14.99 ? 179 LYS A N     1 
ATOM   1345 C  CA    . LYS A 1 174 ? -13.726 -5.172  1.487   1.00 17.65 ? 179 LYS A CA    1 
ATOM   1346 C  C     . LYS A 1 174 ? -14.210 -3.916  0.818   1.00 16.90 ? 179 LYS A C     1 
ATOM   1347 O  O     . LYS A 1 174 ? -15.391 -3.733  0.611   1.00 15.43 ? 179 LYS A O     1 
ATOM   1348 C  CB    . LYS A 1 174 ? -13.515 -4.821  2.976   1.00 20.76 ? 179 LYS A CB    1 
ATOM   1349 C  CG    . LYS A 1 174 ? -13.394 -6.010  3.886   1.00 25.77 ? 179 LYS A CG    1 
ATOM   1350 C  CD    . LYS A 1 174 ? -13.797 -5.650  5.313   1.00 32.94 ? 179 LYS A CD    1 
ATOM   1351 C  CE    . LYS A 1 174 ? -12.629 -5.090  6.119   1.00 38.47 ? 179 LYS A CE    1 
ATOM   1352 N  NZ    . LYS A 1 174 ? -11.752 -6.207  6.607   1.00 42.60 ? 179 LYS A NZ    1 
ATOM   1353 N  N     . VAL A 1 175 ? -13.268 -3.058  0.472   1.00 14.42 ? 180 VAL A N     1 
ATOM   1354 C  CA    . VAL A 1 175 ? -13.584 -1.786  -0.114  1.00 15.98 ? 180 VAL A CA    1 
ATOM   1355 C  C     . VAL A 1 175 ? -14.162 -1.937  -1.529  1.00 16.48 ? 180 VAL A C     1 
ATOM   1356 O  O     . VAL A 1 175 ? -14.931 -1.082  -2.009  1.00 16.40 ? 180 VAL A O     1 
ATOM   1357 C  CB    . VAL A 1 175 ? -12.285 -0.984  -0.068  1.00 16.20 ? 180 VAL A CB    1 
ATOM   1358 C  CG1   . VAL A 1 175 ? -12.076 -0.188  -1.299  1.00 18.57 ? 180 VAL A CG1   1 
ATOM   1359 C  CG2   . VAL A 1 175 ? -12.112 -0.277  1.280   1.00 15.14 ? 180 VAL A CG2   1 
ATOM   1360 N  N     . VAL A 1 176 ? -13.816 -3.033  -2.189  1.00 15.26 ? 181 VAL A N     1 
ATOM   1361 C  CA    . VAL A 1 176 ? -14.371 -3.328  -3.492  1.00 16.05 ? 181 VAL A CA    1 
ATOM   1362 C  C     . VAL A 1 176 ? -15.750 -4.003  -3.410  1.00 18.13 ? 181 VAL A C     1 
ATOM   1363 O  O     . VAL A 1 176 ? -16.609 -3.876  -4.322  1.00 18.58 ? 181 VAL A O     1 
ATOM   1364 C  CB    . VAL A 1 176 ? -13.339 -4.177  -4.292  1.00 15.88 ? 181 VAL A CB    1 
ATOM   1365 C  CG1   . VAL A 1 176 ? -13.929 -4.725  -5.589  1.00 14.64 ? 181 VAL A CG1   1 
ATOM   1366 C  CG2   . VAL A 1 176 ? -12.141 -3.294  -4.562  1.00 12.79 ? 181 VAL A CG2   1 
ATOM   1367 N  N     . LEU A 1 177 ? -15.925 -4.787  -2.357  1.00 20.07 ? 182 LEU A N     1 
ATOM   1368 C  CA    . LEU A 1 177 ? -17.106 -5.617  -2.169  1.00 21.48 ? 182 LEU A CA    1 
ATOM   1369 C  C     . LEU A 1 177 ? -18.167 -5.000  -1.300  1.00 24.36 ? 182 LEU A C     1 
ATOM   1370 O  O     . LEU A 1 177 ? -19.301 -5.471  -1.298  1.00 23.83 ? 182 LEU A O     1 
ATOM   1371 C  CB    . LEU A 1 177 ? -16.744 -6.943  -1.555  1.00 23.95 ? 182 LEU A CB    1 
ATOM   1372 C  CG    . LEU A 1 177 ? -15.826 -7.804  -2.403  1.00 25.14 ? 182 LEU A CG    1 
ATOM   1373 C  CD1   . LEU A 1 177 ? -15.826 -9.201  -1.789  1.00 25.12 ? 182 LEU A CD1   1 
ATOM   1374 C  CD2   . LEU A 1 177 ? -16.302 -7.823  -3.852  1.00 26.81 ? 182 LEU A CD2   1 
ATOM   1375 N  N     . GLN A 1 178 ? -17.859 -3.933  -0.579  1.00 23.61 ? 183 GLN A N     1 
ATOM   1376 C  CA    . GLN A 1 178 ? -18.882 -3.462  0.382   1.00 28.30 ? 183 GLN A CA    1 
ATOM   1377 C  C     . GLN A 1 178 ? -19.516 -2.094  0.139   1.00 30.26 ? 183 GLN A C     1 
ATOM   1378 O  O     . GLN A 1 178 ? -18.872 -1.163  -0.357  1.00 29.43 ? 183 GLN A O     1 
ATOM   1379 C  CB    . GLN A 1 178 ? -18.357 -3.541  1.783   1.00 27.61 ? 183 GLN A CB    1 
ATOM   1380 C  CG    . GLN A 1 178 ? -18.147 -4.986  2.189   1.00 28.73 ? 183 GLN A CG    1 
ATOM   1381 C  CD    . GLN A 1 178 ? -17.504 -5.086  3.556   1.00 31.28 ? 183 GLN A CD    1 
ATOM   1382 O  OE1   . GLN A 1 178 ? -17.333 -4.065  4.260   1.00 27.68 ? 183 GLN A OE1   1 
ATOM   1383 N  NE2   . GLN A 1 178 ? -17.125 -6.320  3.942   1.00 33.08 ? 183 GLN A NE2   1 
ATOM   1384 O  OXT   . GLN A 1 178 ? -20.703 -1.906  0.510   1.00 33.09 ? 183 GLN A OXT   1 
HETATM 1385 P  PG    . GNP B 2 .   ? 10.511  0.374   -5.199  1.00 10.20 ? 201 GNP A PG    1 
HETATM 1386 O  O1G   . GNP B 2 .   ? 9.583   1.536   -5.323  1.00 11.77 ? 201 GNP A O1G   1 
HETATM 1387 O  O2G   . GNP B 2 .   ? 10.079  -0.941  -5.891  1.00 9.99  ? 201 GNP A O2G   1 
HETATM 1388 O  O3G   . GNP B 2 .   ? 11.986  0.826   -5.597  1.00 11.37 ? 201 GNP A O3G   1 
HETATM 1389 N  N3B   . GNP B 2 .   ? 10.734  0.087   -3.512  1.00 8.35  ? 201 GNP A N3B   1 
HETATM 1390 P  PB    . GNP B 2 .   ? 9.523   -0.657  -2.635  1.00 7.40  ? 201 GNP A PB    1 
HETATM 1391 O  O1B   . GNP B 2 .   ? 8.449   0.300   -2.154  1.00 7.21  ? 201 GNP A O1B   1 
HETATM 1392 O  O2B   . GNP B 2 .   ? 9.000   -1.967  -3.356  1.00 7.12  ? 201 GNP A O2B   1 
HETATM 1393 O  O3A   . GNP B 2 .   ? 10.323  -1.091  -1.335  1.00 8.02  ? 201 GNP A O3A   1 
HETATM 1394 P  PA    . GNP B 2 .   ? 10.888  -2.523  -0.933  1.00 9.46  ? 201 GNP A PA    1 
HETATM 1395 O  O1A   . GNP B 2 .   ? 9.793   -3.508  -0.627  1.00 9.18  ? 201 GNP A O1A   1 
HETATM 1396 O  O2A   . GNP B 2 .   ? 11.922  -2.964  -1.949  1.00 9.45  ? 201 GNP A O2A   1 
HETATM 1397 O  "O5'" . GNP B 2 .   ? 11.622  -2.242  0.487   1.00 8.66  ? 201 GNP A "O5'" 1 
HETATM 1398 C  "C5'" . GNP B 2 .   ? 12.536  -1.095  0.495   1.00 9.21  ? 201 GNP A "C5'" 1 
HETATM 1399 C  "C4'" . GNP B 2 .   ? 13.435  -1.196  1.747   1.00 8.83  ? 201 GNP A "C4'" 1 
HETATM 1400 O  "O4'" . GNP B 2 .   ? 12.564  -1.183  2.914   1.00 8.38  ? 201 GNP A "O4'" 1 
HETATM 1401 C  "C3'" . GNP B 2 .   ? 14.226  -2.474  1.913   1.00 9.10  ? 201 GNP A "C3'" 1 
HETATM 1402 O  "O3'" . GNP B 2 .   ? 15.482  -2.081  2.506   1.00 9.45  ? 201 GNP A "O3'" 1 
HETATM 1403 C  "C2'" . GNP B 2 .   ? 13.393  -3.265  2.887   1.00 8.80  ? 201 GNP A "C2'" 1 
HETATM 1404 O  "O2'" . GNP B 2 .   ? 14.056  -4.212  3.719   1.00 8.31  ? 201 GNP A "O2'" 1 
HETATM 1405 C  "C1'" . GNP B 2 .   ? 12.822  -2.203  3.795   1.00 8.18  ? 201 GNP A "C1'" 1 
HETATM 1406 N  N9    . GNP B 2 .   ? 11.490  -2.606  4.283   1.00 8.27  ? 201 GNP A N9    1 
HETATM 1407 C  C8    . GNP B 2 .   ? 10.365  -2.937  3.597   1.00 8.07  ? 201 GNP A C8    1 
HETATM 1408 N  N7    . GNP B 2 .   ? 9.353   -3.184  4.457   1.00 7.57  ? 201 GNP A N7    1 
HETATM 1409 C  C5    . GNP B 2 .   ? 9.791   -2.916  5.704   1.00 7.77  ? 201 GNP A C5    1 
HETATM 1410 C  C6    . GNP B 2 .   ? 9.260   -2.971  7.088   1.00 7.71  ? 201 GNP A C6    1 
HETATM 1411 O  O6    . GNP B 2 .   ? 8.090   -3.297  7.362   1.00 7.66  ? 201 GNP A O6    1 
HETATM 1412 N  N1    . GNP B 2 .   ? 10.093  -2.622  8.099   1.00 7.92  ? 201 GNP A N1    1 
HETATM 1413 C  C2    . GNP B 2 .   ? 11.398  -2.289  7.896   1.00 8.19  ? 201 GNP A C2    1 
HETATM 1414 N  N2    . GNP B 2 .   ? 12.142  -1.984  9.008   1.00 7.97  ? 201 GNP A N2    1 
HETATM 1415 N  N3    . GNP B 2 .   ? 11.956  -2.225  6.639   1.00 8.01  ? 201 GNP A N3    1 
HETATM 1416 C  C4    . GNP B 2 .   ? 11.207  -2.516  5.571   1.00 8.01  ? 201 GNP A C4    1 
HETATM 1417 MG MG    . MG  C 3 .   ? 9.265   -2.608  -5.232  1.00 7.46  ? 202 MG  A MG    1 
HETATM 1418 C  C1    . GOL D 4 .   ? 16.225  0.107   13.998  1.00 34.29 ? 203 GOL A C1    1 
HETATM 1419 O  O1    . GOL D 4 .   ? 17.080  -0.616  14.887  1.00 30.19 ? 203 GOL A O1    1 
HETATM 1420 C  C2    . GOL D 4 .   ? 16.099  -0.638  12.697  1.00 35.10 ? 203 GOL A C2    1 
HETATM 1421 O  O2    . GOL D 4 .   ? 17.059  -0.062  11.802  1.00 39.10 ? 203 GOL A O2    1 
HETATM 1422 C  C3    . GOL D 4 .   ? 16.250  -2.135  12.977  1.00 35.68 ? 203 GOL A C3    1 
HETATM 1423 O  O3    . GOL D 4 .   ? 17.393  -2.745  12.337  1.00 36.21 ? 203 GOL A O3    1 
HETATM 1424 C  C1    . GOL E 4 .   ? -14.328 -6.452  -9.185  1.00 31.35 ? 204 GOL A C1    1 
HETATM 1425 O  O1    . GOL E 4 .   ? -14.226 -7.778  -9.708  1.00 32.83 ? 204 GOL A O1    1 
HETATM 1426 C  C2    . GOL E 4 .   ? -15.802 -6.259  -8.985  1.00 34.09 ? 204 GOL A C2    1 
HETATM 1427 O  O2    . GOL E 4 .   ? -16.225 -7.485  -8.391  1.00 32.40 ? 204 GOL A O2    1 
HETATM 1428 C  C3    . GOL E 4 .   ? -16.160 -5.059  -8.113  1.00 36.88 ? 204 GOL A C3    1 
HETATM 1429 O  O3    . GOL E 4 .   ? -16.192 -3.818  -8.843  1.00 40.16 ? 204 GOL A O3    1 
HETATM 1430 C  C1    . GOL F 4 .   ? -10.889 -19.921 -9.381  1.00 33.53 ? 205 GOL A C1    1 
HETATM 1431 O  O1    . GOL F 4 .   ? -12.054 -19.472 -10.131 1.00 36.35 ? 205 GOL A O1    1 
HETATM 1432 C  C2    . GOL F 4 .   ? -9.520  -19.306 -9.758  1.00 32.21 ? 205 GOL A C2    1 
HETATM 1433 O  O2    . GOL F 4 .   ? -9.166  -19.392 -11.136 1.00 33.85 ? 205 GOL A O2    1 
HETATM 1434 C  C3    . GOL F 4 .   ? -8.415  -19.991 -8.941  1.00 29.57 ? 205 GOL A C3    1 
HETATM 1435 O  O3    . GOL F 4 .   ? -8.737  -19.705 -7.572  1.00 34.05 ? 205 GOL A O3    1 
HETATM 1436 O  O     . HOH G 5 .   ? 7.205   8.944   -26.666 1.00 27.33 ? 301 HOH A O     1 
HETATM 1437 O  O     . HOH G 5 .   ? -2.325  9.037   17.414  1.00 25.42 ? 302 HOH A O     1 
HETATM 1438 O  O     . HOH G 5 .   ? 11.931  14.983  8.259   1.00 28.70 ? 303 HOH A O     1 
HETATM 1439 O  O     . HOH G 5 .   ? 14.352  -2.857  -2.354  1.00 21.16 ? 304 HOH A O     1 
HETATM 1440 O  O     . HOH G 5 .   ? 0.581   12.815  18.673  1.00 30.34 ? 305 HOH A O     1 
HETATM 1441 O  O     . HOH G 5 .   ? 3.053   2.682   16.344  1.00 11.88 ? 306 HOH A O     1 
HETATM 1442 O  O     . HOH G 5 .   ? -20.808 -6.524  -3.086  1.00 27.23 ? 307 HOH A O     1 
HETATM 1443 O  O     . HOH G 5 .   ? -13.366 9.294   -0.692  1.00 18.54 ? 308 HOH A O     1 
HETATM 1444 O  O     . HOH G 5 .   ? 17.863  -14.936 2.442   1.00 27.49 ? 309 HOH A O     1 
HETATM 1445 O  O     . HOH G 5 .   ? 10.004  -10.287 -9.370  1.00 23.35 ? 310 HOH A O     1 
HETATM 1446 O  O     . HOH G 5 .   ? 1.510   18.549  -6.894  1.00 21.36 ? 311 HOH A O     1 
HETATM 1447 O  O     . HOH G 5 .   ? -19.382 0.962   -1.769  1.00 20.12 ? 312 HOH A O     1 
HETATM 1448 O  O     . HOH G 5 .   ? 15.727  -4.106  10.354  1.00 19.09 ? 313 HOH A O     1 
HETATM 1449 O  O     . HOH G 5 .   ? 2.552   8.809   -13.916 1.00 30.54 ? 314 HOH A O     1 
HETATM 1450 O  O     . HOH G 5 .   ? 14.340  11.398  8.566   1.00 15.84 ? 315 HOH A O     1 
HETATM 1451 O  O     . HOH G 5 .   ? 8.572   -0.937  20.548  1.00 16.67 ? 316 HOH A O     1 
HETATM 1452 O  O     . HOH G 5 .   ? -6.154  -11.529 2.915   1.00 34.18 ? 317 HOH A O     1 
HETATM 1453 O  O     . HOH G 5 .   ? -13.753 -0.726  -7.662  1.00 22.86 ? 318 HOH A O     1 
HETATM 1454 O  O     . HOH G 5 .   ? 14.639  -6.667  2.809   1.00 19.27 ? 319 HOH A O     1 
HETATM 1455 O  O     . HOH G 5 .   ? -14.575 -18.881 -10.885 1.00 28.78 ? 320 HOH A O     1 
HETATM 1456 O  O     . HOH G 5 .   ? -16.593 -9.457  -10.196 1.00 38.47 ? 321 HOH A O     1 
HETATM 1457 O  O     . HOH G 5 .   ? -8.521  13.269  11.301  1.00 20.99 ? 322 HOH A O     1 
HETATM 1458 O  O     . HOH G 5 .   ? -3.509  2.533   12.269  1.00 21.20 ? 323 HOH A O     1 
HETATM 1459 O  O     . HOH G 5 .   ? 10.275  9.344   -0.463  1.00 23.48 ? 324 HOH A O     1 
HETATM 1460 O  O     . HOH G 5 .   ? 9.117   -13.679 2.347   1.00 19.31 ? 325 HOH A O     1 
HETATM 1461 O  O     . HOH G 5 .   ? -6.039  14.881  -10.302 1.00 24.00 ? 326 HOH A O     1 
HETATM 1462 O  O     . HOH G 5 .   ? 12.305  10.357  15.220  1.00 20.34 ? 327 HOH A O     1 
HETATM 1463 O  O     . HOH G 5 .   ? 9.906   9.014   -20.701 1.00 30.29 ? 328 HOH A O     1 
HETATM 1464 O  O     . HOH G 5 .   ? 4.843   -16.137 -1.776  1.00 24.23 ? 329 HOH A O     1 
HETATM 1465 O  O     . HOH G 5 .   ? 13.464  8.873   9.116   1.00 10.91 ? 330 HOH A O     1 
HETATM 1466 O  O     . HOH G 5 .   ? 13.502  0.668   5.924   1.00 25.11 ? 331 HOH A O     1 
HETATM 1467 O  O     . HOH G 5 .   ? 17.469  -3.561  1.233   1.00 18.61 ? 332 HOH A O     1 
HETATM 1468 O  O     . HOH G 5 .   ? 13.858  -1.174  -6.126  1.00 22.49 ? 333 HOH A O     1 
HETATM 1469 O  O     . HOH G 5 .   ? 13.387  9.833   20.699  1.00 19.32 ? 334 HOH A O     1 
HETATM 1470 O  O     . HOH G 5 .   ? -11.227 9.560   -7.489  1.00 16.71 ? 335 HOH A O     1 
HETATM 1471 O  O     . HOH G 5 .   ? -14.665 4.045   -10.145 1.00 30.04 ? 336 HOH A O     1 
HETATM 1472 O  O     . HOH G 5 .   ? -12.692 -0.113  -11.769 1.00 28.12 ? 337 HOH A O     1 
HETATM 1473 O  O     . HOH G 5 .   ? 11.110  4.455   4.202   1.00 12.91 ? 338 HOH A O     1 
HETATM 1474 O  O     . HOH G 5 .   ? -11.494 -22.865 -6.096  1.00 16.88 ? 339 HOH A O     1 
HETATM 1475 O  O     . HOH G 5 .   ? 5.753   -1.721  20.188  1.00 18.90 ? 340 HOH A O     1 
HETATM 1476 O  O     . HOH G 5 .   ? 15.788  0.383   19.742  1.00 18.84 ? 341 HOH A O     1 
HETATM 1477 O  O     . HOH G 5 .   ? 11.703  8.515   1.846   1.00 41.65 ? 342 HOH A O     1 
HETATM 1478 O  O     . HOH G 5 .   ? 15.614  -10.460 -6.746  1.00 29.31 ? 343 HOH A O     1 
HETATM 1479 O  O     . HOH G 5 .   ? -6.760  12.035  13.016  1.00 20.49 ? 344 HOH A O     1 
HETATM 1480 O  O     . HOH G 5 .   ? 12.339  -0.088  20.830  1.00 27.49 ? 345 HOH A O     1 
HETATM 1481 O  O     . HOH G 5 .   ? 1.049   6.687   16.347  1.00 15.62 ? 346 HOH A O     1 
HETATM 1482 O  O     . HOH G 5 .   ? 17.513  -6.759  -1.567  1.00 18.02 ? 347 HOH A O     1 
HETATM 1483 O  O     . HOH G 5 .   ? -14.084 -1.595  -10.161 1.00 24.87 ? 348 HOH A O     1 
HETATM 1484 O  O     . HOH G 5 .   ? -15.561 -21.501 -14.243 1.00 39.19 ? 349 HOH A O     1 
HETATM 1485 O  O     . HOH G 5 .   ? 15.019  -1.484  8.793   1.00 17.39 ? 350 HOH A O     1 
HETATM 1486 O  O     . HOH G 5 .   ? 9.835   8.103   -5.100  1.00 22.94 ? 351 HOH A O     1 
HETATM 1487 O  O     . HOH G 5 .   ? 14.424  -13.675 3.826   1.00 31.75 ? 352 HOH A O     1 
HETATM 1488 O  O     . HOH G 5 .   ? -1.604  -2.883  -19.260 1.00 21.82 ? 353 HOH A O     1 
HETATM 1489 O  O     . HOH G 5 .   ? -11.535 7.341   -4.944  1.00 28.27 ? 354 HOH A O     1 
HETATM 1490 O  O     . HOH G 5 .   ? 14.248  -6.189  -10.110 1.00 26.43 ? 355 HOH A O     1 
HETATM 1491 O  O     . HOH G 5 .   ? 6.670   7.219   17.318  1.00 23.27 ? 356 HOH A O     1 
HETATM 1492 O  O     . HOH G 5 .   ? 6.478   -10.091 -11.025 1.00 15.94 ? 357 HOH A O     1 
HETATM 1493 O  O     . HOH G 5 .   ? 14.349  2.700   2.847   1.00 28.15 ? 358 HOH A O     1 
HETATM 1494 O  O     . HOH G 5 .   ? 8.006   15.419  -0.354  1.00 22.01 ? 359 HOH A O     1 
HETATM 1495 O  O     . HOH G 5 .   ? 6.337   -0.296  -12.512 1.00 20.77 ? 360 HOH A O     1 
HETATM 1496 O  O     . HOH G 5 .   ? 11.040  12.688  5.948   1.00 18.34 ? 361 HOH A O     1 
HETATM 1497 O  O     . HOH G 5 .   ? -14.511 2.009   -8.893  1.00 27.57 ? 362 HOH A O     1 
HETATM 1498 O  O     . HOH G 5 .   ? -3.789  -0.500  11.182  1.00 15.79 ? 363 HOH A O     1 
HETATM 1499 O  O     . HOH G 5 .   ? 11.369  5.800   1.413   1.00 26.67 ? 364 HOH A O     1 
HETATM 1500 O  O     . HOH G 5 .   ? 17.111  -6.098  1.551   1.00 25.98 ? 365 HOH A O     1 
HETATM 1501 O  O     . HOH G 5 .   ? 18.182  13.541  13.897  1.00 27.06 ? 366 HOH A O     1 
HETATM 1502 O  O     . HOH G 5 .   ? 21.214  5.248   19.788  1.00 35.26 ? 367 HOH A O     1 
HETATM 1503 O  O     . HOH G 5 .   ? 6.653   -3.289  3.777   1.00 9.95  ? 368 HOH A O     1 
HETATM 1504 O  O     . HOH G 5 .   ? 4.604   7.509   -0.929  1.00 9.55  ? 369 HOH A O     1 
HETATM 1505 O  O     . HOH G 5 .   ? 5.292   -2.267  6.122   1.00 11.39 ? 370 HOH A O     1 
HETATM 1506 O  O     . HOH G 5 .   ? 4.538   3.268   -7.539  1.00 10.65 ? 371 HOH A O     1 
HETATM 1507 O  O     . HOH G 5 .   ? -8.565  6.540   -7.659  1.00 11.01 ? 372 HOH A O     1 
HETATM 1508 O  O     . HOH G 5 .   ? -3.807  -8.390  9.697   1.00 14.92 ? 373 HOH A O     1 
HETATM 1509 O  O     . HOH G 5 .   ? 12.776  -2.818  13.336  1.00 14.25 ? 374 HOH A O     1 
HETATM 1510 O  O     . HOH G 5 .   ? 4.353   0.104   -14.029 1.00 28.79 ? 375 HOH A O     1 
HETATM 1511 O  O     . HOH G 5 .   ? 7.386   -2.015  -5.827  1.00 8.15  ? 376 HOH A O     1 
HETATM 1512 O  O     . HOH G 5 .   ? 9.785   -2.058  16.724  1.00 15.80 ? 377 HOH A O     1 
HETATM 1513 O  O     . HOH G 5 .   ? 11.040  -3.425  -4.602  1.00 7.68  ? 378 HOH A O     1 
HETATM 1514 O  O     . HOH G 5 .   ? -10.625 6.481   -2.399  1.00 13.45 ? 379 HOH A O     1 
HETATM 1515 O  O     . HOH G 5 .   ? -9.639  2.545   7.894   1.00 28.21 ? 380 HOH A O     1 
HETATM 1516 O  O     . HOH G 5 .   ? 11.691  -2.010  18.563  1.00 31.20 ? 381 HOH A O     1 
HETATM 1517 O  O     . HOH G 5 .   ? 7.576   -2.760  16.709  1.00 24.00 ? 382 HOH A O     1 
HETATM 1518 O  O     . HOH G 5 .   ? -0.859  -4.597  -5.629  1.00 24.26 ? 383 HOH A O     1 
HETATM 1519 O  O     . HOH G 5 .   ? 12.184  -12.809 7.627   1.00 27.92 ? 384 HOH A O     1 
HETATM 1520 O  O     . HOH G 5 .   ? 1.107   15.741  9.671   1.00 25.46 ? 385 HOH A O     1 
HETATM 1521 O  O     . HOH G 5 .   ? 7.083   4.975   -11.274 1.00 25.42 ? 386 HOH A O     1 
HETATM 1522 O  O     . HOH G 5 .   ? 9.941   -12.878 9.188   1.00 19.42 ? 387 HOH A O     1 
HETATM 1523 O  O     . HOH G 5 .   ? -8.004  8.843   -6.576  1.00 31.04 ? 388 HOH A O     1 
HETATM 1524 O  O     . HOH G 5 .   ? -16.905 -13.785 -5.746  1.00 23.55 ? 389 HOH A O     1 
HETATM 1525 O  O     . HOH G 5 .   ? -4.324  4.838   -17.182 1.00 22.13 ? 390 HOH A O     1 
# 
loop_
_pdbx_poly_seq_scheme.asym_id 
_pdbx_poly_seq_scheme.entity_id 
_pdbx_poly_seq_scheme.seq_id 
_pdbx_poly_seq_scheme.mon_id 
_pdbx_poly_seq_scheme.ndb_seq_num 
_pdbx_poly_seq_scheme.pdb_seq_num 
_pdbx_poly_seq_scheme.auth_seq_num 
_pdbx_poly_seq_scheme.pdb_mon_id 
_pdbx_poly_seq_scheme.auth_mon_id 
_pdbx_poly_seq_scheme.pdb_strand_id 
_pdbx_poly_seq_scheme.pdb_ins_code 
_pdbx_poly_seq_scheme.hetero 
A 1 1   GLY 1   6   6   GLY GLY A . n 
A 1 2   SER 2   7   7   SER SER A . n 
A 1 3   THR 3   8   8   THR THR A . n 
A 1 4   ARG 4   9   9   ARG ARG A . n 
A 1 5   PHE 5   10  10  PHE PHE A . n 
A 1 6   ILE 6   11  11  ILE ILE A . n 
A 1 7   LYS 7   12  12  LYS LYS A . n 
A 1 8   CYS 8   13  13  CYS CYS A . n 
A 1 9   VAL 9   14  14  VAL VAL A . n 
A 1 10  THR 10  15  15  THR THR A . n 
A 1 11  VAL 11  16  16  VAL VAL A . n 
A 1 12  GLY 12  17  17  GLY GLY A . n 
A 1 13  ASP 13  18  18  ASP ASP A . n 
A 1 14  GLY 14  19  19  GLY GLY A . n 
A 1 15  ALA 15  20  20  ALA ALA A . n 
A 1 16  VAL 16  21  21  VAL VAL A . n 
A 1 17  GLY 17  22  22  GLY GLY A . n 
A 1 18  LYS 18  23  23  LYS LYS A . n 
A 1 19  THR 19  24  24  THR THR A . n 
A 1 20  CYS 20  25  25  CYS CYS A . n 
A 1 21  MET 21  26  26  MET MET A . n 
A 1 22  LEU 22  27  27  LEU LEU A . n 
A 1 23  ILE 23  28  28  ILE ILE A . n 
A 1 24  CYS 24  29  29  CYS CYS A . n 
A 1 25  TYR 25  30  30  TYR TYR A . n 
A 1 26  THR 26  31  31  THR THR A . n 
A 1 27  SER 27  32  32  SER SER A . n 
A 1 28  ASN 28  33  33  ASN ASN A . n 
A 1 29  LYS 29  34  34  LYS LYS A . n 
A 1 30  PHE 30  35  35  PHE PHE A . n 
A 1 31  PRO 31  36  36  PRO PRO A . n 
A 1 32  THR 32  37  37  THR THR A . n 
A 1 33  ASP 33  38  38  ASP ASP A . n 
A 1 34  TYR 34  39  39  TYR TYR A . n 
A 1 35  ILE 35  40  40  ILE ILE A . n 
A 1 36  PRO 36  41  41  PRO PRO A . n 
A 1 37  THR 37  42  42  THR THR A . n 
A 1 38  VAL 38  43  43  VAL VAL A . n 
A 1 39  PHE 39  44  44  PHE PHE A . n 
A 1 40  ASP 40  45  45  ASP ASP A . n 
A 1 41  ASN 41  46  46  ASN ASN A . n 
A 1 42  PHE 42  47  47  PHE PHE A . n 
A 1 43  SER 43  48  48  SER SER A . n 
A 1 44  ALA 44  49  49  ALA ALA A . n 
A 1 45  ASN 45  50  50  ASN ASN A . n 
A 1 46  VAL 46  51  51  VAL VAL A . n 
A 1 47  SER 47  52  52  SER SER A . n 
A 1 48  VAL 48  53  53  VAL VAL A . n 
A 1 49  ASP 49  54  54  ASP ASP A . n 
A 1 50  GLY 50  55  55  GLY GLY A . n 
A 1 51  SER 51  56  56  SER SER A . n 
A 1 52  VAL 52  57  57  VAL VAL A . n 
A 1 53  VAL 53  58  58  VAL VAL A . n 
A 1 54  ASN 54  59  59  ASN ASN A . n 
A 1 55  LEU 55  60  60  LEU LEU A . n 
A 1 56  GLY 56  61  61  GLY GLY A . n 
A 1 57  LEU 57  62  62  LEU LEU A . n 
A 1 58  TRP 58  63  63  TRP TRP A . n 
A 1 59  ASP 59  64  64  ASP ASP A . n 
A 1 60  THR 60  65  65  THR THR A . n 
A 1 61  ALA 61  66  66  ALA ALA A . n 
A 1 62  GLY 62  67  67  GLY GLY A . n 
A 1 63  LEU 63  68  68  LEU LEU A . n 
A 1 64  GLU 64  69  69  GLU GLU A . n 
A 1 65  ASP 65  70  70  ASP ASP A . n 
A 1 66  TYR 66  71  71  TYR TYR A . n 
A 1 67  SER 67  72  72  SER SER A . n 
A 1 68  ARG 68  73  73  ARG ARG A . n 
A 1 69  LEU 69  74  74  LEU LEU A . n 
A 1 70  ARG 70  75  75  ARG ARG A . n 
A 1 71  PRO 71  76  76  PRO PRO A . n 
A 1 72  LEU 72  77  77  LEU LEU A . n 
A 1 73  SER 73  78  78  SER SER A . n 
A 1 74  TYR 74  79  79  TYR TYR A . n 
A 1 75  ARG 75  80  80  ARG ARG A . n 
A 1 76  GLY 76  81  81  GLY GLY A . n 
A 1 77  ALA 77  82  82  ALA ALA A . n 
A 1 78  ASP 78  83  83  ASP ASP A . n 
A 1 79  VAL 79  84  84  VAL VAL A . n 
A 1 80  PHE 80  85  85  PHE PHE A . n 
A 1 81  ILE 81  86  86  ILE ILE A . n 
A 1 82  LEU 82  87  87  LEU LEU A . n 
A 1 83  SER 83  88  88  SER SER A . n 
A 1 84  PHE 84  89  89  PHE PHE A . n 
A 1 85  SER 85  90  90  SER SER A . n 
A 1 86  LEU 86  91  91  LEU LEU A . n 
A 1 87  ILE 87  92  92  ILE ILE A . n 
A 1 88  SER 88  93  93  SER SER A . n 
A 1 89  ARG 89  94  94  ARG ARG A . n 
A 1 90  ALA 90  95  95  ALA ALA A . n 
A 1 91  SER 91  96  96  SER SER A . n 
A 1 92  TYR 92  97  97  TYR TYR A . n 
A 1 93  GLU 93  98  98  GLU GLU A . n 
A 1 94  ASN 94  99  99  ASN ASN A . n 
A 1 95  VAL 95  100 100 VAL VAL A . n 
A 1 96  GLN 96  101 101 GLN GLN A . n 
A 1 97  LYS 97  102 102 LYS LYS A . n 
A 1 98  LYS 98  103 103 LYS LYS A . n 
A 1 99  TRP 99  104 104 TRP TRP A . n 
A 1 100 MET 100 105 105 MET MET A . n 
A 1 101 PRO 101 106 106 PRO PRO A . n 
A 1 102 GLU 102 107 107 GLU GLU A . n 
A 1 103 LEU 103 108 108 LEU LEU A . n 
A 1 104 ARG 104 109 109 ARG ARG A . n 
A 1 105 ARG 105 110 110 ARG ARG A . n 
A 1 106 PHE 106 111 111 PHE PHE A . n 
A 1 107 ALA 107 112 112 ALA ALA A . n 
A 1 108 PRO 108 113 113 PRO PRO A . n 
A 1 109 GLY 109 114 114 GLY GLY A . n 
A 1 110 VAL 110 115 115 VAL VAL A . n 
A 1 111 PRO 111 116 116 PRO PRO A . n 
A 1 112 VAL 112 117 117 VAL VAL A . n 
A 1 113 VAL 113 118 118 VAL VAL A . n 
A 1 114 LEU 114 119 119 LEU LEU A . n 
A 1 115 VAL 115 120 120 VAL VAL A . n 
A 1 116 GLY 116 121 121 GLY GLY A . n 
A 1 117 THR 117 122 122 THR THR A . n 
A 1 118 LYS 118 123 123 LYS LYS A . n 
A 1 119 LEU 119 124 124 LEU LEU A . n 
A 1 120 ASP 120 125 125 ASP ASP A . n 
A 1 121 LEU 121 126 126 LEU LEU A . n 
A 1 122 ARG 122 127 127 ARG ARG A . n 
A 1 123 GLU 123 128 128 GLU GLU A . n 
A 1 124 ASP 124 129 129 ASP ASP A . n 
A 1 125 ARG 125 130 130 ARG ARG A . n 
A 1 126 ALA 126 131 131 ALA ALA A . n 
A 1 127 TYR 127 132 132 TYR TYR A . n 
A 1 128 LEU 128 133 133 LEU LEU A . n 
A 1 129 ALA 129 134 134 ALA ALA A . n 
A 1 130 ASP 130 135 135 ASP ASP A . n 
A 1 131 HIS 131 136 136 HIS HIS A . n 
A 1 132 PRO 132 137 137 PRO PRO A . n 
A 1 133 ALA 133 138 138 ALA ALA A . n 
A 1 134 SER 134 139 139 SER SER A . n 
A 1 135 SER 135 140 140 SER SER A . n 
A 1 136 ILE 136 141 141 ILE ILE A . n 
A 1 137 ILE 137 142 142 ILE ILE A . n 
A 1 138 THR 138 143 143 THR THR A . n 
A 1 139 THR 139 144 144 THR THR A . n 
A 1 140 GLU 140 145 145 GLU GLU A . n 
A 1 141 GLN 141 146 146 GLN GLN A . n 
A 1 142 GLY 142 147 147 GLY GLY A . n 
A 1 143 GLU 143 148 148 GLU GLU A . n 
A 1 144 GLU 144 149 149 GLU GLU A . n 
A 1 145 LEU 145 150 150 LEU LEU A . n 
A 1 146 ARG 146 151 151 ARG ARG A . n 
A 1 147 LYS 147 152 152 LYS LYS A . n 
A 1 148 LEU 148 153 153 LEU LEU A . n 
A 1 149 ILE 149 154 154 ILE ILE A . n 
A 1 150 GLY 150 155 155 GLY GLY A . n 
A 1 151 ALA 151 156 156 ALA ALA A . n 
A 1 152 VAL 152 157 157 VAL VAL A . n 
A 1 153 ALA 153 158 158 ALA ALA A . n 
A 1 154 TYR 154 159 159 TYR TYR A . n 
A 1 155 ILE 155 160 160 ILE ILE A . n 
A 1 156 GLU 156 161 161 GLU GLU A . n 
A 1 157 CYS 157 162 162 CYS CYS A . n 
A 1 158 SER 158 163 163 SER SER A . n 
A 1 159 SER 159 164 164 SER SER A . n 
A 1 160 LYS 160 165 165 LYS LYS A . n 
A 1 161 THR 161 166 166 THR THR A . n 
A 1 162 GLN 162 167 167 GLN GLN A . n 
A 1 163 ARG 163 168 168 ARG ARG A . n 
A 1 164 ASN 164 169 169 ASN ASN A . n 
A 1 165 ILE 165 170 170 ILE ILE A . n 
A 1 166 LYS 166 171 171 LYS LYS A . n 
A 1 167 ALA 167 172 172 ALA ALA A . n 
A 1 168 VAL 168 173 173 VAL VAL A . n 
A 1 169 PHE 169 174 174 PHE PHE A . n 
A 1 170 ASP 170 175 175 ASP ASP A . n 
A 1 171 THR 171 176 176 THR THR A . n 
A 1 172 ALA 172 177 177 ALA ALA A . n 
A 1 173 ILE 173 178 178 ILE ILE A . n 
A 1 174 LYS 174 179 179 LYS LYS A . n 
A 1 175 VAL 175 180 180 VAL VAL A . n 
A 1 176 VAL 176 181 181 VAL VAL A . n 
A 1 177 LEU 177 182 182 LEU LEU A . n 
A 1 178 GLN 178 183 183 GLN GLN A . n 
# 
loop_
_pdbx_nonpoly_scheme.asym_id 
_pdbx_nonpoly_scheme.entity_id 
_pdbx_nonpoly_scheme.mon_id 
_pdbx_nonpoly_scheme.ndb_seq_num 
_pdbx_nonpoly_scheme.pdb_seq_num 
_pdbx_nonpoly_scheme.auth_seq_num 
_pdbx_nonpoly_scheme.pdb_mon_id 
_pdbx_nonpoly_scheme.auth_mon_id 
_pdbx_nonpoly_scheme.pdb_strand_id 
_pdbx_nonpoly_scheme.pdb_ins_code 
B 2 GNP 1  201 200 GNP GNP A . 
C 3 MG  1  202 201 MG  MG  A . 
D 4 GOL 1  203 1   GOL GOL A . 
E 4 GOL 1  204 1   GOL GOL A . 
F 4 GOL 1  205 1   GOL GOL A . 
G 5 HOH 1  301 39  HOH HOH A . 
G 5 HOH 2  302 85  HOH HOH A . 
G 5 HOH 3  303 55  HOH HOH A . 
G 5 HOH 4  304 77  HOH HOH A . 
G 5 HOH 5  305 74  HOH HOH A . 
G 5 HOH 6  306 7   HOH HOH A . 
G 5 HOH 7  307 62  HOH HOH A . 
G 5 HOH 8  308 54  HOH HOH A . 
G 5 HOH 9  309 68  HOH HOH A . 
G 5 HOH 10 310 83  HOH HOH A . 
G 5 HOH 11 311 56  HOH HOH A . 
G 5 HOH 12 312 60  HOH HOH A . 
G 5 HOH 13 313 41  HOH HOH A . 
G 5 HOH 14 314 65  HOH HOH A . 
G 5 HOH 15 315 21  HOH HOH A . 
G 5 HOH 16 316 36  HOH HOH A . 
G 5 HOH 17 317 69  HOH HOH A . 
G 5 HOH 18 318 20  HOH HOH A . 
G 5 HOH 19 319 51  HOH HOH A . 
G 5 HOH 20 320 87  HOH HOH A . 
G 5 HOH 21 321 79  HOH HOH A . 
G 5 HOH 22 322 76  HOH HOH A . 
G 5 HOH 23 323 52  HOH HOH A . 
G 5 HOH 24 324 63  HOH HOH A . 
G 5 HOH 25 325 27  HOH HOH A . 
G 5 HOH 26 326 64  HOH HOH A . 
G 5 HOH 27 327 5   HOH HOH A . 
G 5 HOH 28 328 66  HOH HOH A . 
G 5 HOH 29 329 38  HOH HOH A . 
G 5 HOH 30 330 15  HOH HOH A . 
G 5 HOH 31 331 72  HOH HOH A . 
G 5 HOH 32 332 58  HOH HOH A . 
G 5 HOH 33 333 42  HOH HOH A . 
G 5 HOH 34 334 47  HOH HOH A . 
G 5 HOH 35 335 24  HOH HOH A . 
G 5 HOH 36 336 81  HOH HOH A . 
G 5 HOH 37 337 37  HOH HOH A . 
G 5 HOH 38 338 8   HOH HOH A . 
G 5 HOH 39 339 18  HOH HOH A . 
G 5 HOH 40 340 49  HOH HOH A . 
G 5 HOH 41 341 57  HOH HOH A . 
G 5 HOH 42 342 86  HOH HOH A . 
G 5 HOH 43 343 90  HOH HOH A . 
G 5 HOH 44 344 9   HOH HOH A . 
G 5 HOH 45 345 73  HOH HOH A . 
G 5 HOH 46 346 14  HOH HOH A . 
G 5 HOH 47 347 35  HOH HOH A . 
G 5 HOH 48 348 61  HOH HOH A . 
G 5 HOH 49 349 88  HOH HOH A . 
G 5 HOH 50 350 6   HOH HOH A . 
G 5 HOH 51 351 13  HOH HOH A . 
G 5 HOH 52 352 19  HOH HOH A . 
G 5 HOH 53 353 1   HOH HOH A . 
G 5 HOH 54 354 45  HOH HOH A . 
G 5 HOH 55 355 22  HOH HOH A . 
G 5 HOH 56 356 50  HOH HOH A . 
G 5 HOH 57 357 48  HOH HOH A . 
G 5 HOH 58 358 70  HOH HOH A . 
G 5 HOH 59 359 40  HOH HOH A . 
G 5 HOH 60 360 26  HOH HOH A . 
G 5 HOH 61 361 34  HOH HOH A . 
G 5 HOH 62 362 12  HOH HOH A . 
G 5 HOH 63 363 2   HOH HOH A . 
G 5 HOH 64 364 3   HOH HOH A . 
G 5 HOH 65 365 89  HOH HOH A . 
G 5 HOH 66 366 10  HOH HOH A . 
G 5 HOH 67 367 53  HOH HOH A . 
G 5 HOH 68 368 4   HOH HOH A . 
G 5 HOH 69 369 11  HOH HOH A . 
G 5 HOH 70 370 16  HOH HOH A . 
G 5 HOH 71 371 17  HOH HOH A . 
G 5 HOH 72 372 23  HOH HOH A . 
G 5 HOH 73 373 25  HOH HOH A . 
G 5 HOH 74 374 28  HOH HOH A . 
G 5 HOH 75 375 29  HOH HOH A . 
G 5 HOH 76 376 30  HOH HOH A . 
G 5 HOH 77 377 31  HOH HOH A . 
G 5 HOH 78 378 32  HOH HOH A . 
G 5 HOH 79 379 33  HOH HOH A . 
G 5 HOH 80 380 43  HOH HOH A . 
G 5 HOH 81 381 44  HOH HOH A . 
G 5 HOH 82 382 46  HOH HOH A . 
G 5 HOH 83 383 59  HOH HOH A . 
G 5 HOH 84 384 67  HOH HOH A . 
G 5 HOH 85 385 71  HOH HOH A . 
G 5 HOH 86 386 75  HOH HOH A . 
G 5 HOH 87 387 78  HOH HOH A . 
G 5 HOH 88 388 80  HOH HOH A . 
G 5 HOH 89 389 82  HOH HOH A . 
G 5 HOH 90 390 84  HOH HOH A . 
# 
_pdbx_struct_assembly.id                   1 
_pdbx_struct_assembly.details              author_and_software_defined_assembly 
_pdbx_struct_assembly.method_details       PISA 
_pdbx_struct_assembly.oligomeric_details   monomeric 
_pdbx_struct_assembly.oligomeric_count     1 
# 
_pdbx_struct_assembly_gen.assembly_id       1 
_pdbx_struct_assembly_gen.oper_expression   1 
_pdbx_struct_assembly_gen.asym_id_list      A,B,C,D,E,F,G 
# 
loop_
_pdbx_struct_assembly_prop.biol_id 
_pdbx_struct_assembly_prop.type 
_pdbx_struct_assembly_prop.value 
_pdbx_struct_assembly_prop.details 
1 'ABSA (A^2)' 930  ? 
1 MORE         -15  ? 
1 'SSA (A^2)'  8560 ? 
# 
_pdbx_struct_oper_list.id                   1 
_pdbx_struct_oper_list.type                 'identity operation' 
_pdbx_struct_oper_list.name                 1_555 
_pdbx_struct_oper_list.symmetry_operation   x,y,z 
_pdbx_struct_oper_list.matrix[1][1]         1.0000000000 
_pdbx_struct_oper_list.matrix[1][2]         0.0000000000 
_pdbx_struct_oper_list.matrix[1][3]         0.0000000000 
_pdbx_struct_oper_list.vector[1]            0.0000000000 
_pdbx_struct_oper_list.matrix[2][1]         0.0000000000 
_pdbx_struct_oper_list.matrix[2][2]         1.0000000000 
_pdbx_struct_oper_list.matrix[2][3]         0.0000000000 
_pdbx_struct_oper_list.vector[2]            0.0000000000 
_pdbx_struct_oper_list.matrix[3][1]         0.0000000000 
_pdbx_struct_oper_list.matrix[3][2]         0.0000000000 
_pdbx_struct_oper_list.matrix[3][3]         1.0000000000 
_pdbx_struct_oper_list.vector[3]            0.0000000000 
# 
loop_
_pdbx_struct_conn_angle.id 
_pdbx_struct_conn_angle.ptnr1_label_atom_id 
_pdbx_struct_conn_angle.ptnr1_label_alt_id 
_pdbx_struct_conn_angle.ptnr1_label_asym_id 
_pdbx_struct_conn_angle.ptnr1_label_comp_id 
_pdbx_struct_conn_angle.ptnr1_label_seq_id 
_pdbx_struct_conn_angle.ptnr1_auth_atom_id 
_pdbx_struct_conn_angle.ptnr1_auth_asym_id 
_pdbx_struct_conn_angle.ptnr1_auth_comp_id 
_pdbx_struct_conn_angle.ptnr1_auth_seq_id 
_pdbx_struct_conn_angle.ptnr1_PDB_ins_code 
_pdbx_struct_conn_angle.ptnr1_symmetry 
_pdbx_struct_conn_angle.ptnr2_label_atom_id 
_pdbx_struct_conn_angle.ptnr2_label_alt_id 
_pdbx_struct_conn_angle.ptnr2_label_asym_id 
_pdbx_struct_conn_angle.ptnr2_label_comp_id 
_pdbx_struct_conn_angle.ptnr2_label_seq_id 
_pdbx_struct_conn_angle.ptnr2_auth_atom_id 
_pdbx_struct_conn_angle.ptnr2_auth_asym_id 
_pdbx_struct_conn_angle.ptnr2_auth_comp_id 
_pdbx_struct_conn_angle.ptnr2_auth_seq_id 
_pdbx_struct_conn_angle.ptnr2_PDB_ins_code 
_pdbx_struct_conn_angle.ptnr2_symmetry 
_pdbx_struct_conn_angle.ptnr3_label_atom_id 
_pdbx_struct_conn_angle.ptnr3_label_alt_id 
_pdbx_struct_conn_angle.ptnr3_label_asym_id 
_pdbx_struct_conn_angle.ptnr3_label_comp_id 
_pdbx_struct_conn_angle.ptnr3_label_seq_id 
_pdbx_struct_conn_angle.ptnr3_auth_atom_id 
_pdbx_struct_conn_angle.ptnr3_auth_asym_id 
_pdbx_struct_conn_angle.ptnr3_auth_comp_id 
_pdbx_struct_conn_angle.ptnr3_auth_seq_id 
_pdbx_struct_conn_angle.ptnr3_PDB_ins_code 
_pdbx_struct_conn_angle.ptnr3_symmetry 
_pdbx_struct_conn_angle.value 
_pdbx_struct_conn_angle.value_esd 
1  OG1 ? A THR 19 ? A THR 24  ? 1_555 MG ? C MG . ? A MG 202 ? 1_555 O   ? A THR 37 ? A THR 42  ? 1_555 85.5  ? 
2  OG1 ? A THR 19 ? A THR 24  ? 1_555 MG ? C MG . ? A MG 202 ? 1_555 O2G ? B GNP .  ? A GNP 201 ? 1_555 172.5 ? 
3  O   ? A THR 37 ? A THR 42  ? 1_555 MG ? C MG . ? A MG 202 ? 1_555 O2G ? B GNP .  ? A GNP 201 ? 1_555 89.7  ? 
4  OG1 ? A THR 19 ? A THR 24  ? 1_555 MG ? C MG . ? A MG 202 ? 1_555 O2B ? B GNP .  ? A GNP 201 ? 1_555 89.9  ? 
5  O   ? A THR 37 ? A THR 42  ? 1_555 MG ? C MG . ? A MG 202 ? 1_555 O2B ? B GNP .  ? A GNP 201 ? 1_555 170.9 ? 
6  O2G ? B GNP .  ? A GNP 201 ? 1_555 MG ? C MG . ? A MG 202 ? 1_555 O2B ? B GNP .  ? A GNP 201 ? 1_555 95.6  ? 
7  OG1 ? A THR 19 ? A THR 24  ? 1_555 MG ? C MG . ? A MG 202 ? 1_555 O   ? G HOH .  ? A HOH 376 ? 1_555 82.6  ? 
8  O   ? A THR 37 ? A THR 42  ? 1_555 MG ? C MG . ? A MG 202 ? 1_555 O   ? G HOH .  ? A HOH 376 ? 1_555 93.9  ? 
9  O2G ? B GNP .  ? A GNP 201 ? 1_555 MG ? C MG . ? A MG 202 ? 1_555 O   ? G HOH .  ? A HOH 376 ? 1_555 92.1  ? 
10 O2B ? B GNP .  ? A GNP 201 ? 1_555 MG ? C MG . ? A MG 202 ? 1_555 O   ? G HOH .  ? A HOH 376 ? 1_555 93.3  ? 
11 OG1 ? A THR 19 ? A THR 24  ? 1_555 MG ? C MG . ? A MG 202 ? 1_555 O   ? G HOH .  ? A HOH 378 ? 1_555 90.5  ? 
12 O   ? A THR 37 ? A THR 42  ? 1_555 MG ? C MG . ? A MG 202 ? 1_555 O   ? G HOH .  ? A HOH 378 ? 1_555 84.8  ? 
13 O2G ? B GNP .  ? A GNP 201 ? 1_555 MG ? C MG . ? A MG 202 ? 1_555 O   ? G HOH .  ? A HOH 378 ? 1_555 94.7  ? 
14 O2B ? B GNP .  ? A GNP 201 ? 1_555 MG ? C MG . ? A MG 202 ? 1_555 O   ? G HOH .  ? A HOH 378 ? 1_555 87.4  ? 
15 O   ? G HOH .  ? A HOH 376 ? 1_555 MG ? C MG . ? A MG 202 ? 1_555 O   ? G HOH .  ? A HOH 378 ? 1_555 173.0 ? 
# 
loop_
_pdbx_audit_revision_history.ordinal 
_pdbx_audit_revision_history.data_content_type 
_pdbx_audit_revision_history.major_revision 
_pdbx_audit_revision_history.minor_revision 
_pdbx_audit_revision_history.revision_date 
1 'Structure model' 1 0 2014-08-20 
2 'Structure model' 1 1 2014-10-22 
3 'Structure model' 1 2 2020-01-29 
4 'Structure model' 1 3 2023-11-08 
# 
_pdbx_audit_revision_details.ordinal             1 
_pdbx_audit_revision_details.revision_ordinal    1 
_pdbx_audit_revision_details.data_content_type   'Structure model' 
_pdbx_audit_revision_details.provider            repository 
_pdbx_audit_revision_details.type                'Initial release' 
_pdbx_audit_revision_details.description         ? 
_pdbx_audit_revision_details.details             ? 
# 
loop_
_pdbx_audit_revision_group.ordinal 
_pdbx_audit_revision_group.revision_ordinal 
_pdbx_audit_revision_group.data_content_type 
_pdbx_audit_revision_group.group 
1  2 'Structure model' 'Database references'    
2  3 'Structure model' 'Data collection'        
3  3 'Structure model' 'Database references'    
4  3 'Structure model' 'Derived calculations'   
5  3 'Structure model' Other                    
6  3 'Structure model' 'Source and taxonomy'    
7  3 'Structure model' 'Structure summary'      
8  4 'Structure model' 'Data collection'        
9  4 'Structure model' 'Database references'    
10 4 'Structure model' 'Derived calculations'   
11 4 'Structure model' 'Refinement description' 
# 
loop_
_pdbx_audit_revision_category.ordinal 
_pdbx_audit_revision_category.revision_ordinal 
_pdbx_audit_revision_category.data_content_type 
_pdbx_audit_revision_category.category 
1  3 'Structure model' citation                      
2  3 'Structure model' diffrn_source                 
3  3 'Structure model' entity_src_gen                
4  3 'Structure model' pdbx_database_status          
5  3 'Structure model' pdbx_struct_assembly          
6  3 'Structure model' pdbx_struct_assembly_prop     
7  3 'Structure model' pdbx_struct_oper_list         
8  3 'Structure model' struct_keywords               
9  4 'Structure model' chem_comp_atom                
10 4 'Structure model' chem_comp_bond                
11 4 'Structure model' database_2                    
12 4 'Structure model' pdbx_initial_refinement_model 
13 4 'Structure model' pdbx_struct_conn_angle        
14 4 'Structure model' refine_hist                   
15 4 'Structure model' struct_conn                   
# 
loop_
_pdbx_audit_revision_item.ordinal 
_pdbx_audit_revision_item.revision_ordinal 
_pdbx_audit_revision_item.data_content_type 
_pdbx_audit_revision_item.item 
1  3 'Structure model' '_citation.journal_id_CSD'                    
2  3 'Structure model' '_diffrn_source.pdbx_synchrotron_site'        
3  3 'Structure model' '_entity_src_gen.pdbx_alt_source_flag'        
4  3 'Structure model' '_pdbx_database_status.pdb_format_compatible' 
5  3 'Structure model' '_pdbx_struct_assembly.oligomeric_details'    
6  3 'Structure model' '_pdbx_struct_assembly_prop.type'             
7  3 'Structure model' '_pdbx_struct_assembly_prop.value'            
8  3 'Structure model' '_pdbx_struct_oper_list.symmetry_operation'   
9  3 'Structure model' '_struct_keywords.text'                       
10 4 'Structure model' '_database_2.pdbx_DOI'                        
11 4 'Structure model' '_database_2.pdbx_database_accession'         
12 4 'Structure model' '_pdbx_struct_conn_angle.ptnr1_auth_seq_id'   
13 4 'Structure model' '_pdbx_struct_conn_angle.ptnr3_auth_seq_id'   
14 4 'Structure model' '_pdbx_struct_conn_angle.value'               
15 4 'Structure model' '_refine_hist.number_atoms_solvent'           
16 4 'Structure model' '_refine_hist.pdbx_number_atoms_ligand'       
17 4 'Structure model' '_refine_hist.pdbx_number_atoms_nucleic_acid' 
18 4 'Structure model' '_refine_hist.pdbx_number_atoms_protein'      
19 4 'Structure model' '_struct_conn.pdbx_dist_value'                
20 4 'Structure model' '_struct_conn.ptnr2_auth_seq_id'              
# 
_software.citation_id            ? 
_software.classification         refinement 
_software.compiler_name          ? 
_software.compiler_version       ? 
_software.contact_author         ? 
_software.contact_author_email   ? 
_software.date                   ? 
_software.description            ? 
_software.dependencies           ? 
_software.hardware               ? 
_software.language               ? 
_software.location               ? 
_software.mods                   ? 
_software.name                   REFMAC 
_software.os                     ? 
_software.os_version             ? 
_software.type                   ? 
_software.version                5.6.0117 
_software.pdbx_ordinal           1 
# 
_pdbx_validate_rmsd_bond.id                        1 
_pdbx_validate_rmsd_bond.PDB_model_num             1 
_pdbx_validate_rmsd_bond.auth_atom_id_1            CE2 
_pdbx_validate_rmsd_bond.auth_asym_id_1            A 
_pdbx_validate_rmsd_bond.auth_comp_id_1            TRP 
_pdbx_validate_rmsd_bond.auth_seq_id_1             104 
_pdbx_validate_rmsd_bond.PDB_ins_code_1            ? 
_pdbx_validate_rmsd_bond.label_alt_id_1            ? 
_pdbx_validate_rmsd_bond.auth_atom_id_2            CD2 
_pdbx_validate_rmsd_bond.auth_asym_id_2            A 
_pdbx_validate_rmsd_bond.auth_comp_id_2            TRP 
_pdbx_validate_rmsd_bond.auth_seq_id_2             104 
_pdbx_validate_rmsd_bond.PDB_ins_code_2            ? 
_pdbx_validate_rmsd_bond.label_alt_id_2            ? 
_pdbx_validate_rmsd_bond.bond_value                1.484 
_pdbx_validate_rmsd_bond.bond_target_value         1.409 
_pdbx_validate_rmsd_bond.bond_deviation            0.075 
_pdbx_validate_rmsd_bond.bond_standard_deviation   0.012 
_pdbx_validate_rmsd_bond.linker_flag               N 
# 
_pdbx_validate_rmsd_angle.id                         1 
_pdbx_validate_rmsd_angle.PDB_model_num              1 
_pdbx_validate_rmsd_angle.auth_atom_id_1             CB 
_pdbx_validate_rmsd_angle.auth_asym_id_1             A 
_pdbx_validate_rmsd_angle.auth_comp_id_1             ASP 
_pdbx_validate_rmsd_angle.auth_seq_id_1              175 
_pdbx_validate_rmsd_angle.PDB_ins_code_1             ? 
_pdbx_validate_rmsd_angle.label_alt_id_1             ? 
_pdbx_validate_rmsd_angle.auth_atom_id_2             CG 
_pdbx_validate_rmsd_angle.auth_asym_id_2             A 
_pdbx_validate_rmsd_angle.auth_comp_id_2             ASP 
_pdbx_validate_rmsd_angle.auth_seq_id_2              175 
_pdbx_validate_rmsd_angle.PDB_ins_code_2             ? 
_pdbx_validate_rmsd_angle.label_alt_id_2             ? 
_pdbx_validate_rmsd_angle.auth_atom_id_3             OD2 
_pdbx_validate_rmsd_angle.auth_asym_id_3             A 
_pdbx_validate_rmsd_angle.auth_comp_id_3             ASP 
_pdbx_validate_rmsd_angle.auth_seq_id_3              175 
_pdbx_validate_rmsd_angle.PDB_ins_code_3             ? 
_pdbx_validate_rmsd_angle.label_alt_id_3             ? 
_pdbx_validate_rmsd_angle.angle_value                112.58 
_pdbx_validate_rmsd_angle.angle_target_value         118.30 
_pdbx_validate_rmsd_angle.angle_deviation            -5.72 
_pdbx_validate_rmsd_angle.angle_standard_deviation   0.90 
_pdbx_validate_rmsd_angle.linker_flag                N 
# 
_pdbx_validate_torsion.id              1 
_pdbx_validate_torsion.PDB_model_num   1 
_pdbx_validate_torsion.auth_comp_id    LYS 
_pdbx_validate_torsion.auth_asym_id    A 
_pdbx_validate_torsion.auth_seq_id     103 
_pdbx_validate_torsion.PDB_ins_code    ? 
_pdbx_validate_torsion.label_alt_id    ? 
_pdbx_validate_torsion.phi             -121.07 
_pdbx_validate_torsion.psi             -59.28 
# 
loop_
_chem_comp_atom.comp_id 
_chem_comp_atom.atom_id 
_chem_comp_atom.type_symbol 
_chem_comp_atom.pdbx_aromatic_flag 
_chem_comp_atom.pdbx_stereo_config 
_chem_comp_atom.pdbx_ordinal 
ALA N      N  N N 1   
ALA CA     C  N S 2   
ALA C      C  N N 3   
ALA O      O  N N 4   
ALA CB     C  N N 5   
ALA OXT    O  N N 6   
ALA H      H  N N 7   
ALA H2     H  N N 8   
ALA HA     H  N N 9   
ALA HB1    H  N N 10  
ALA HB2    H  N N 11  
ALA HB3    H  N N 12  
ALA HXT    H  N N 13  
ARG N      N  N N 14  
ARG CA     C  N S 15  
ARG C      C  N N 16  
ARG O      O  N N 17  
ARG CB     C  N N 18  
ARG CG     C  N N 19  
ARG CD     C  N N 20  
ARG NE     N  N N 21  
ARG CZ     C  N N 22  
ARG NH1    N  N N 23  
ARG NH2    N  N N 24  
ARG OXT    O  N N 25  
ARG H      H  N N 26  
ARG H2     H  N N 27  
ARG HA     H  N N 28  
ARG HB2    H  N N 29  
ARG HB3    H  N N 30  
ARG HG2    H  N N 31  
ARG HG3    H  N N 32  
ARG HD2    H  N N 33  
ARG HD3    H  N N 34  
ARG HE     H  N N 35  
ARG HH11   H  N N 36  
ARG HH12   H  N N 37  
ARG HH21   H  N N 38  
ARG HH22   H  N N 39  
ARG HXT    H  N N 40  
ASN N      N  N N 41  
ASN CA     C  N S 42  
ASN C      C  N N 43  
ASN O      O  N N 44  
ASN CB     C  N N 45  
ASN CG     C  N N 46  
ASN OD1    O  N N 47  
ASN ND2    N  N N 48  
ASN OXT    O  N N 49  
ASN H      H  N N 50  
ASN H2     H  N N 51  
ASN HA     H  N N 52  
ASN HB2    H  N N 53  
ASN HB3    H  N N 54  
ASN HD21   H  N N 55  
ASN HD22   H  N N 56  
ASN HXT    H  N N 57  
ASP N      N  N N 58  
ASP CA     C  N S 59  
ASP C      C  N N 60  
ASP O      O  N N 61  
ASP CB     C  N N 62  
ASP CG     C  N N 63  
ASP OD1    O  N N 64  
ASP OD2    O  N N 65  
ASP OXT    O  N N 66  
ASP H      H  N N 67  
ASP H2     H  N N 68  
ASP HA     H  N N 69  
ASP HB2    H  N N 70  
ASP HB3    H  N N 71  
ASP HD2    H  N N 72  
ASP HXT    H  N N 73  
CYS N      N  N N 74  
CYS CA     C  N R 75  
CYS C      C  N N 76  
CYS O      O  N N 77  
CYS CB     C  N N 78  
CYS SG     S  N N 79  
CYS OXT    O  N N 80  
CYS H      H  N N 81  
CYS H2     H  N N 82  
CYS HA     H  N N 83  
CYS HB2    H  N N 84  
CYS HB3    H  N N 85  
CYS HG     H  N N 86  
CYS HXT    H  N N 87  
GLN N      N  N N 88  
GLN CA     C  N S 89  
GLN C      C  N N 90  
GLN O      O  N N 91  
GLN CB     C  N N 92  
GLN CG     C  N N 93  
GLN CD     C  N N 94  
GLN OE1    O  N N 95  
GLN NE2    N  N N 96  
GLN OXT    O  N N 97  
GLN H      H  N N 98  
GLN H2     H  N N 99  
GLN HA     H  N N 100 
GLN HB2    H  N N 101 
GLN HB3    H  N N 102 
GLN HG2    H  N N 103 
GLN HG3    H  N N 104 
GLN HE21   H  N N 105 
GLN HE22   H  N N 106 
GLN HXT    H  N N 107 
GLU N      N  N N 108 
GLU CA     C  N S 109 
GLU C      C  N N 110 
GLU O      O  N N 111 
GLU CB     C  N N 112 
GLU CG     C  N N 113 
GLU CD     C  N N 114 
GLU OE1    O  N N 115 
GLU OE2    O  N N 116 
GLU OXT    O  N N 117 
GLU H      H  N N 118 
GLU H2     H  N N 119 
GLU HA     H  N N 120 
GLU HB2    H  N N 121 
GLU HB3    H  N N 122 
GLU HG2    H  N N 123 
GLU HG3    H  N N 124 
GLU HE2    H  N N 125 
GLU HXT    H  N N 126 
GLY N      N  N N 127 
GLY CA     C  N N 128 
GLY C      C  N N 129 
GLY O      O  N N 130 
GLY OXT    O  N N 131 
GLY H      H  N N 132 
GLY H2     H  N N 133 
GLY HA2    H  N N 134 
GLY HA3    H  N N 135 
GLY HXT    H  N N 136 
GNP PG     P  N N 137 
GNP O1G    O  N N 138 
GNP O2G    O  N N 139 
GNP O3G    O  N N 140 
GNP N3B    N  N N 141 
GNP PB     P  N R 142 
GNP O1B    O  N N 143 
GNP O2B    O  N N 144 
GNP O3A    O  N N 145 
GNP PA     P  N S 146 
GNP O1A    O  N N 147 
GNP O2A    O  N N 148 
GNP "O5'"  O  N N 149 
GNP "C5'"  C  N N 150 
GNP "C4'"  C  N R 151 
GNP "O4'"  O  N N 152 
GNP "C3'"  C  N S 153 
GNP "O3'"  O  N N 154 
GNP "C2'"  C  N R 155 
GNP "O2'"  O  N N 156 
GNP "C1'"  C  N R 157 
GNP N9     N  Y N 158 
GNP C8     C  Y N 159 
GNP N7     N  Y N 160 
GNP C5     C  Y N 161 
GNP C6     C  Y N 162 
GNP O6     O  N N 163 
GNP N1     N  Y N 164 
GNP C2     C  Y N 165 
GNP N2     N  N N 166 
GNP N3     N  Y N 167 
GNP C4     C  Y N 168 
GNP HOG2   H  N N 169 
GNP HOG3   H  N N 170 
GNP HNB3   H  N N 171 
GNP HOB2   H  N N 172 
GNP HOA2   H  N N 173 
GNP "H5'2" H  N N 174 
GNP "H5'1" H  N N 175 
GNP "H4'"  H  N N 176 
GNP "H3'"  H  N N 177 
GNP "HO3'" H  N N 178 
GNP "H2'"  H  N N 179 
GNP "HO2'" H  N N 180 
GNP "H1'"  H  N N 181 
GNP H8     H  N N 182 
GNP HN1    H  N N 183 
GNP HN21   H  N N 184 
GNP HN22   H  N N 185 
GOL C1     C  N N 186 
GOL O1     O  N N 187 
GOL C2     C  N N 188 
GOL O2     O  N N 189 
GOL C3     C  N N 190 
GOL O3     O  N N 191 
GOL H11    H  N N 192 
GOL H12    H  N N 193 
GOL HO1    H  N N 194 
GOL H2     H  N N 195 
GOL HO2    H  N N 196 
GOL H31    H  N N 197 
GOL H32    H  N N 198 
GOL HO3    H  N N 199 
HIS N      N  N N 200 
HIS CA     C  N S 201 
HIS C      C  N N 202 
HIS O      O  N N 203 
HIS CB     C  N N 204 
HIS CG     C  Y N 205 
HIS ND1    N  Y N 206 
HIS CD2    C  Y N 207 
HIS CE1    C  Y N 208 
HIS NE2    N  Y N 209 
HIS OXT    O  N N 210 
HIS H      H  N N 211 
HIS H2     H  N N 212 
HIS HA     H  N N 213 
HIS HB2    H  N N 214 
HIS HB3    H  N N 215 
HIS HD1    H  N N 216 
HIS HD2    H  N N 217 
HIS HE1    H  N N 218 
HIS HE2    H  N N 219 
HIS HXT    H  N N 220 
HOH O      O  N N 221 
HOH H1     H  N N 222 
HOH H2     H  N N 223 
ILE N      N  N N 224 
ILE CA     C  N S 225 
ILE C      C  N N 226 
ILE O      O  N N 227 
ILE CB     C  N S 228 
ILE CG1    C  N N 229 
ILE CG2    C  N N 230 
ILE CD1    C  N N 231 
ILE OXT    O  N N 232 
ILE H      H  N N 233 
ILE H2     H  N N 234 
ILE HA     H  N N 235 
ILE HB     H  N N 236 
ILE HG12   H  N N 237 
ILE HG13   H  N N 238 
ILE HG21   H  N N 239 
ILE HG22   H  N N 240 
ILE HG23   H  N N 241 
ILE HD11   H  N N 242 
ILE HD12   H  N N 243 
ILE HD13   H  N N 244 
ILE HXT    H  N N 245 
LEU N      N  N N 246 
LEU CA     C  N S 247 
LEU C      C  N N 248 
LEU O      O  N N 249 
LEU CB     C  N N 250 
LEU CG     C  N N 251 
LEU CD1    C  N N 252 
LEU CD2    C  N N 253 
LEU OXT    O  N N 254 
LEU H      H  N N 255 
LEU H2     H  N N 256 
LEU HA     H  N N 257 
LEU HB2    H  N N 258 
LEU HB3    H  N N 259 
LEU HG     H  N N 260 
LEU HD11   H  N N 261 
LEU HD12   H  N N 262 
LEU HD13   H  N N 263 
LEU HD21   H  N N 264 
LEU HD22   H  N N 265 
LEU HD23   H  N N 266 
LEU HXT    H  N N 267 
LYS N      N  N N 268 
LYS CA     C  N S 269 
LYS C      C  N N 270 
LYS O      O  N N 271 
LYS CB     C  N N 272 
LYS CG     C  N N 273 
LYS CD     C  N N 274 
LYS CE     C  N N 275 
LYS NZ     N  N N 276 
LYS OXT    O  N N 277 
LYS H      H  N N 278 
LYS H2     H  N N 279 
LYS HA     H  N N 280 
LYS HB2    H  N N 281 
LYS HB3    H  N N 282 
LYS HG2    H  N N 283 
LYS HG3    H  N N 284 
LYS HD2    H  N N 285 
LYS HD3    H  N N 286 
LYS HE2    H  N N 287 
LYS HE3    H  N N 288 
LYS HZ1    H  N N 289 
LYS HZ2    H  N N 290 
LYS HZ3    H  N N 291 
LYS HXT    H  N N 292 
MET N      N  N N 293 
MET CA     C  N S 294 
MET C      C  N N 295 
MET O      O  N N 296 
MET CB     C  N N 297 
MET CG     C  N N 298 
MET SD     S  N N 299 
MET CE     C  N N 300 
MET OXT    O  N N 301 
MET H      H  N N 302 
MET H2     H  N N 303 
MET HA     H  N N 304 
MET HB2    H  N N 305 
MET HB3    H  N N 306 
MET HG2    H  N N 307 
MET HG3    H  N N 308 
MET HE1    H  N N 309 
MET HE2    H  N N 310 
MET HE3    H  N N 311 
MET HXT    H  N N 312 
MG  MG     MG N N 313 
PHE N      N  N N 314 
PHE CA     C  N S 315 
PHE C      C  N N 316 
PHE O      O  N N 317 
PHE CB     C  N N 318 
PHE CG     C  Y N 319 
PHE CD1    C  Y N 320 
PHE CD2    C  Y N 321 
PHE CE1    C  Y N 322 
PHE CE2    C  Y N 323 
PHE CZ     C  Y N 324 
PHE OXT    O  N N 325 
PHE H      H  N N 326 
PHE H2     H  N N 327 
PHE HA     H  N N 328 
PHE HB2    H  N N 329 
PHE HB3    H  N N 330 
PHE HD1    H  N N 331 
PHE HD2    H  N N 332 
PHE HE1    H  N N 333 
PHE HE2    H  N N 334 
PHE HZ     H  N N 335 
PHE HXT    H  N N 336 
PRO N      N  N N 337 
PRO CA     C  N S 338 
PRO C      C  N N 339 
PRO O      O  N N 340 
PRO CB     C  N N 341 
PRO CG     C  N N 342 
PRO CD     C  N N 343 
PRO OXT    O  N N 344 
PRO H      H  N N 345 
PRO HA     H  N N 346 
PRO HB2    H  N N 347 
PRO HB3    H  N N 348 
PRO HG2    H  N N 349 
PRO HG3    H  N N 350 
PRO HD2    H  N N 351 
PRO HD3    H  N N 352 
PRO HXT    H  N N 353 
SER N      N  N N 354 
SER CA     C  N S 355 
SER C      C  N N 356 
SER O      O  N N 357 
SER CB     C  N N 358 
SER OG     O  N N 359 
SER OXT    O  N N 360 
SER H      H  N N 361 
SER H2     H  N N 362 
SER HA     H  N N 363 
SER HB2    H  N N 364 
SER HB3    H  N N 365 
SER HG     H  N N 366 
SER HXT    H  N N 367 
THR N      N  N N 368 
THR CA     C  N S 369 
THR C      C  N N 370 
THR O      O  N N 371 
THR CB     C  N R 372 
THR OG1    O  N N 373 
THR CG2    C  N N 374 
THR OXT    O  N N 375 
THR H      H  N N 376 
THR H2     H  N N 377 
THR HA     H  N N 378 
THR HB     H  N N 379 
THR HG1    H  N N 380 
THR HG21   H  N N 381 
THR HG22   H  N N 382 
THR HG23   H  N N 383 
THR HXT    H  N N 384 
TRP N      N  N N 385 
TRP CA     C  N S 386 
TRP C      C  N N 387 
TRP O      O  N N 388 
TRP CB     C  N N 389 
TRP CG     C  Y N 390 
TRP CD1    C  Y N 391 
TRP CD2    C  Y N 392 
TRP NE1    N  Y N 393 
TRP CE2    C  Y N 394 
TRP CE3    C  Y N 395 
TRP CZ2    C  Y N 396 
TRP CZ3    C  Y N 397 
TRP CH2    C  Y N 398 
TRP OXT    O  N N 399 
TRP H      H  N N 400 
TRP H2     H  N N 401 
TRP HA     H  N N 402 
TRP HB2    H  N N 403 
TRP HB3    H  N N 404 
TRP HD1    H  N N 405 
TRP HE1    H  N N 406 
TRP HE3    H  N N 407 
TRP HZ2    H  N N 408 
TRP HZ3    H  N N 409 
TRP HH2    H  N N 410 
TRP HXT    H  N N 411 
TYR N      N  N N 412 
TYR CA     C  N S 413 
TYR C      C  N N 414 
TYR O      O  N N 415 
TYR CB     C  N N 416 
TYR CG     C  Y N 417 
TYR CD1    C  Y N 418 
TYR CD2    C  Y N 419 
TYR CE1    C  Y N 420 
TYR CE2    C  Y N 421 
TYR CZ     C  Y N 422 
TYR OH     O  N N 423 
TYR OXT    O  N N 424 
TYR H      H  N N 425 
TYR H2     H  N N 426 
TYR HA     H  N N 427 
TYR HB2    H  N N 428 
TYR HB3    H  N N 429 
TYR HD1    H  N N 430 
TYR HD2    H  N N 431 
TYR HE1    H  N N 432 
TYR HE2    H  N N 433 
TYR HH     H  N N 434 
TYR HXT    H  N N 435 
VAL N      N  N N 436 
VAL CA     C  N S 437 
VAL C      C  N N 438 
VAL O      O  N N 439 
VAL CB     C  N N 440 
VAL CG1    C  N N 441 
VAL CG2    C  N N 442 
VAL OXT    O  N N 443 
VAL H      H  N N 444 
VAL H2     H  N N 445 
VAL HA     H  N N 446 
VAL HB     H  N N 447 
VAL HG11   H  N N 448 
VAL HG12   H  N N 449 
VAL HG13   H  N N 450 
VAL HG21   H  N N 451 
VAL HG22   H  N N 452 
VAL HG23   H  N N 453 
VAL HXT    H  N N 454 
# 
loop_
_chem_comp_bond.comp_id 
_chem_comp_bond.atom_id_1 
_chem_comp_bond.atom_id_2 
_chem_comp_bond.value_order 
_chem_comp_bond.pdbx_aromatic_flag 
_chem_comp_bond.pdbx_stereo_config 
_chem_comp_bond.pdbx_ordinal 
ALA N     CA     sing N N 1   
ALA N     H      sing N N 2   
ALA N     H2     sing N N 3   
ALA CA    C      sing N N 4   
ALA CA    CB     sing N N 5   
ALA CA    HA     sing N N 6   
ALA C     O      doub N N 7   
ALA C     OXT    sing N N 8   
ALA CB    HB1    sing N N 9   
ALA CB    HB2    sing N N 10  
ALA CB    HB3    sing N N 11  
ALA OXT   HXT    sing N N 12  
ARG N     CA     sing N N 13  
ARG N     H      sing N N 14  
ARG N     H2     sing N N 15  
ARG CA    C      sing N N 16  
ARG CA    CB     sing N N 17  
ARG CA    HA     sing N N 18  
ARG C     O      doub N N 19  
ARG C     OXT    sing N N 20  
ARG CB    CG     sing N N 21  
ARG CB    HB2    sing N N 22  
ARG CB    HB3    sing N N 23  
ARG CG    CD     sing N N 24  
ARG CG    HG2    sing N N 25  
ARG CG    HG3    sing N N 26  
ARG CD    NE     sing N N 27  
ARG CD    HD2    sing N N 28  
ARG CD    HD3    sing N N 29  
ARG NE    CZ     sing N N 30  
ARG NE    HE     sing N N 31  
ARG CZ    NH1    sing N N 32  
ARG CZ    NH2    doub N N 33  
ARG NH1   HH11   sing N N 34  
ARG NH1   HH12   sing N N 35  
ARG NH2   HH21   sing N N 36  
ARG NH2   HH22   sing N N 37  
ARG OXT   HXT    sing N N 38  
ASN N     CA     sing N N 39  
ASN N     H      sing N N 40  
ASN N     H2     sing N N 41  
ASN CA    C      sing N N 42  
ASN CA    CB     sing N N 43  
ASN CA    HA     sing N N 44  
ASN C     O      doub N N 45  
ASN C     OXT    sing N N 46  
ASN CB    CG     sing N N 47  
ASN CB    HB2    sing N N 48  
ASN CB    HB3    sing N N 49  
ASN CG    OD1    doub N N 50  
ASN CG    ND2    sing N N 51  
ASN ND2   HD21   sing N N 52  
ASN ND2   HD22   sing N N 53  
ASN OXT   HXT    sing N N 54  
ASP N     CA     sing N N 55  
ASP N     H      sing N N 56  
ASP N     H2     sing N N 57  
ASP CA    C      sing N N 58  
ASP CA    CB     sing N N 59  
ASP CA    HA     sing N N 60  
ASP C     O      doub N N 61  
ASP C     OXT    sing N N 62  
ASP CB    CG     sing N N 63  
ASP CB    HB2    sing N N 64  
ASP CB    HB3    sing N N 65  
ASP CG    OD1    doub N N 66  
ASP CG    OD2    sing N N 67  
ASP OD2   HD2    sing N N 68  
ASP OXT   HXT    sing N N 69  
CYS N     CA     sing N N 70  
CYS N     H      sing N N 71  
CYS N     H2     sing N N 72  
CYS CA    C      sing N N 73  
CYS CA    CB     sing N N 74  
CYS CA    HA     sing N N 75  
CYS C     O      doub N N 76  
CYS C     OXT    sing N N 77  
CYS CB    SG     sing N N 78  
CYS CB    HB2    sing N N 79  
CYS CB    HB3    sing N N 80  
CYS SG    HG     sing N N 81  
CYS OXT   HXT    sing N N 82  
GLN N     CA     sing N N 83  
GLN N     H      sing N N 84  
GLN N     H2     sing N N 85  
GLN CA    C      sing N N 86  
GLN CA    CB     sing N N 87  
GLN CA    HA     sing N N 88  
GLN C     O      doub N N 89  
GLN C     OXT    sing N N 90  
GLN CB    CG     sing N N 91  
GLN CB    HB2    sing N N 92  
GLN CB    HB3    sing N N 93  
GLN CG    CD     sing N N 94  
GLN CG    HG2    sing N N 95  
GLN CG    HG3    sing N N 96  
GLN CD    OE1    doub N N 97  
GLN CD    NE2    sing N N 98  
GLN NE2   HE21   sing N N 99  
GLN NE2   HE22   sing N N 100 
GLN OXT   HXT    sing N N 101 
GLU N     CA     sing N N 102 
GLU N     H      sing N N 103 
GLU N     H2     sing N N 104 
GLU CA    C      sing N N 105 
GLU CA    CB     sing N N 106 
GLU CA    HA     sing N N 107 
GLU C     O      doub N N 108 
GLU C     OXT    sing N N 109 
GLU CB    CG     sing N N 110 
GLU CB    HB2    sing N N 111 
GLU CB    HB3    sing N N 112 
GLU CG    CD     sing N N 113 
GLU CG    HG2    sing N N 114 
GLU CG    HG3    sing N N 115 
GLU CD    OE1    doub N N 116 
GLU CD    OE2    sing N N 117 
GLU OE2   HE2    sing N N 118 
GLU OXT   HXT    sing N N 119 
GLY N     CA     sing N N 120 
GLY N     H      sing N N 121 
GLY N     H2     sing N N 122 
GLY CA    C      sing N N 123 
GLY CA    HA2    sing N N 124 
GLY CA    HA3    sing N N 125 
GLY C     O      doub N N 126 
GLY C     OXT    sing N N 127 
GLY OXT   HXT    sing N N 128 
GNP PG    O1G    doub N N 129 
GNP PG    O2G    sing N N 130 
GNP PG    O3G    sing N N 131 
GNP PG    N3B    sing N N 132 
GNP O2G   HOG2   sing N N 133 
GNP O3G   HOG3   sing N N 134 
GNP N3B   PB     sing N N 135 
GNP N3B   HNB3   sing N N 136 
GNP PB    O1B    doub N N 137 
GNP PB    O2B    sing N N 138 
GNP PB    O3A    sing N N 139 
GNP O2B   HOB2   sing N N 140 
GNP O3A   PA     sing N N 141 
GNP PA    O1A    doub N N 142 
GNP PA    O2A    sing N N 143 
GNP PA    "O5'"  sing N N 144 
GNP O2A   HOA2   sing N N 145 
GNP "O5'" "C5'"  sing N N 146 
GNP "C5'" "C4'"  sing N N 147 
GNP "C5'" "H5'2" sing N N 148 
GNP "C5'" "H5'1" sing N N 149 
GNP "C4'" "O4'"  sing N N 150 
GNP "C4'" "C3'"  sing N N 151 
GNP "C4'" "H4'"  sing N N 152 
GNP "O4'" "C1'"  sing N N 153 
GNP "C3'" "O3'"  sing N N 154 
GNP "C3'" "C2'"  sing N N 155 
GNP "C3'" "H3'"  sing N N 156 
GNP "O3'" "HO3'" sing N N 157 
GNP "C2'" "O2'"  sing N N 158 
GNP "C2'" "C1'"  sing N N 159 
GNP "C2'" "H2'"  sing N N 160 
GNP "O2'" "HO2'" sing N N 161 
GNP "C1'" N9     sing N N 162 
GNP "C1'" "H1'"  sing N N 163 
GNP N9    C8     sing Y N 164 
GNP N9    C4     sing Y N 165 
GNP C8    N7     doub Y N 166 
GNP C8    H8     sing N N 167 
GNP N7    C5     sing Y N 168 
GNP C5    C6     sing Y N 169 
GNP C5    C4     doub Y N 170 
GNP C6    O6     doub N N 171 
GNP C6    N1     sing Y N 172 
GNP N1    C2     sing Y N 173 
GNP N1    HN1    sing N N 174 
GNP C2    N2     sing N N 175 
GNP C2    N3     doub Y N 176 
GNP N2    HN21   sing N N 177 
GNP N2    HN22   sing N N 178 
GNP N3    C4     sing Y N 179 
GOL C1    O1     sing N N 180 
GOL C1    C2     sing N N 181 
GOL C1    H11    sing N N 182 
GOL C1    H12    sing N N 183 
GOL O1    HO1    sing N N 184 
GOL C2    O2     sing N N 185 
GOL C2    C3     sing N N 186 
GOL C2    H2     sing N N 187 
GOL O2    HO2    sing N N 188 
GOL C3    O3     sing N N 189 
GOL C3    H31    sing N N 190 
GOL C3    H32    sing N N 191 
GOL O3    HO3    sing N N 192 
HIS N     CA     sing N N 193 
HIS N     H      sing N N 194 
HIS N     H2     sing N N 195 
HIS CA    C      sing N N 196 
HIS CA    CB     sing N N 197 
HIS CA    HA     sing N N 198 
HIS C     O      doub N N 199 
HIS C     OXT    sing N N 200 
HIS CB    CG     sing N N 201 
HIS CB    HB2    sing N N 202 
HIS CB    HB3    sing N N 203 
HIS CG    ND1    sing Y N 204 
HIS CG    CD2    doub Y N 205 
HIS ND1   CE1    doub Y N 206 
HIS ND1   HD1    sing N N 207 
HIS CD2   NE2    sing Y N 208 
HIS CD2   HD2    sing N N 209 
HIS CE1   NE2    sing Y N 210 
HIS CE1   HE1    sing N N 211 
HIS NE2   HE2    sing N N 212 
HIS OXT   HXT    sing N N 213 
HOH O     H1     sing N N 214 
HOH O     H2     sing N N 215 
ILE N     CA     sing N N 216 
ILE N     H      sing N N 217 
ILE N     H2     sing N N 218 
ILE CA    C      sing N N 219 
ILE CA    CB     sing N N 220 
ILE CA    HA     sing N N 221 
ILE C     O      doub N N 222 
ILE C     OXT    sing N N 223 
ILE CB    CG1    sing N N 224 
ILE CB    CG2    sing N N 225 
ILE CB    HB     sing N N 226 
ILE CG1   CD1    sing N N 227 
ILE CG1   HG12   sing N N 228 
ILE CG1   HG13   sing N N 229 
ILE CG2   HG21   sing N N 230 
ILE CG2   HG22   sing N N 231 
ILE CG2   HG23   sing N N 232 
ILE CD1   HD11   sing N N 233 
ILE CD1   HD12   sing N N 234 
ILE CD1   HD13   sing N N 235 
ILE OXT   HXT    sing N N 236 
LEU N     CA     sing N N 237 
LEU N     H      sing N N 238 
LEU N     H2     sing N N 239 
LEU CA    C      sing N N 240 
LEU CA    CB     sing N N 241 
LEU CA    HA     sing N N 242 
LEU C     O      doub N N 243 
LEU C     OXT    sing N N 244 
LEU CB    CG     sing N N 245 
LEU CB    HB2    sing N N 246 
LEU CB    HB3    sing N N 247 
LEU CG    CD1    sing N N 248 
LEU CG    CD2    sing N N 249 
LEU CG    HG     sing N N 250 
LEU CD1   HD11   sing N N 251 
LEU CD1   HD12   sing N N 252 
LEU CD1   HD13   sing N N 253 
LEU CD2   HD21   sing N N 254 
LEU CD2   HD22   sing N N 255 
LEU CD2   HD23   sing N N 256 
LEU OXT   HXT    sing N N 257 
LYS N     CA     sing N N 258 
LYS N     H      sing N N 259 
LYS N     H2     sing N N 260 
LYS CA    C      sing N N 261 
LYS CA    CB     sing N N 262 
LYS CA    HA     sing N N 263 
LYS C     O      doub N N 264 
LYS C     OXT    sing N N 265 
LYS CB    CG     sing N N 266 
LYS CB    HB2    sing N N 267 
LYS CB    HB3    sing N N 268 
LYS CG    CD     sing N N 269 
LYS CG    HG2    sing N N 270 
LYS CG    HG3    sing N N 271 
LYS CD    CE     sing N N 272 
LYS CD    HD2    sing N N 273 
LYS CD    HD3    sing N N 274 
LYS CE    NZ     sing N N 275 
LYS CE    HE2    sing N N 276 
LYS CE    HE3    sing N N 277 
LYS NZ    HZ1    sing N N 278 
LYS NZ    HZ2    sing N N 279 
LYS NZ    HZ3    sing N N 280 
LYS OXT   HXT    sing N N 281 
MET N     CA     sing N N 282 
MET N     H      sing N N 283 
MET N     H2     sing N N 284 
MET CA    C      sing N N 285 
MET CA    CB     sing N N 286 
MET CA    HA     sing N N 287 
MET C     O      doub N N 288 
MET C     OXT    sing N N 289 
MET CB    CG     sing N N 290 
MET CB    HB2    sing N N 291 
MET CB    HB3    sing N N 292 
MET CG    SD     sing N N 293 
MET CG    HG2    sing N N 294 
MET CG    HG3    sing N N 295 
MET SD    CE     sing N N 296 
MET CE    HE1    sing N N 297 
MET CE    HE2    sing N N 298 
MET CE    HE3    sing N N 299 
MET OXT   HXT    sing N N 300 
PHE N     CA     sing N N 301 
PHE N     H      sing N N 302 
PHE N     H2     sing N N 303 
PHE CA    C      sing N N 304 
PHE CA    CB     sing N N 305 
PHE CA    HA     sing N N 306 
PHE C     O      doub N N 307 
PHE C     OXT    sing N N 308 
PHE CB    CG     sing N N 309 
PHE CB    HB2    sing N N 310 
PHE CB    HB3    sing N N 311 
PHE CG    CD1    doub Y N 312 
PHE CG    CD2    sing Y N 313 
PHE CD1   CE1    sing Y N 314 
PHE CD1   HD1    sing N N 315 
PHE CD2   CE2    doub Y N 316 
PHE CD2   HD2    sing N N 317 
PHE CE1   CZ     doub Y N 318 
PHE CE1   HE1    sing N N 319 
PHE CE2   CZ     sing Y N 320 
PHE CE2   HE2    sing N N 321 
PHE CZ    HZ     sing N N 322 
PHE OXT   HXT    sing N N 323 
PRO N     CA     sing N N 324 
PRO N     CD     sing N N 325 
PRO N     H      sing N N 326 
PRO CA    C      sing N N 327 
PRO CA    CB     sing N N 328 
PRO CA    HA     sing N N 329 
PRO C     O      doub N N 330 
PRO C     OXT    sing N N 331 
PRO CB    CG     sing N N 332 
PRO CB    HB2    sing N N 333 
PRO CB    HB3    sing N N 334 
PRO CG    CD     sing N N 335 
PRO CG    HG2    sing N N 336 
PRO CG    HG3    sing N N 337 
PRO CD    HD2    sing N N 338 
PRO CD    HD3    sing N N 339 
PRO OXT   HXT    sing N N 340 
SER N     CA     sing N N 341 
SER N     H      sing N N 342 
SER N     H2     sing N N 343 
SER CA    C      sing N N 344 
SER CA    CB     sing N N 345 
SER CA    HA     sing N N 346 
SER C     O      doub N N 347 
SER C     OXT    sing N N 348 
SER CB    OG     sing N N 349 
SER CB    HB2    sing N N 350 
SER CB    HB3    sing N N 351 
SER OG    HG     sing N N 352 
SER OXT   HXT    sing N N 353 
THR N     CA     sing N N 354 
THR N     H      sing N N 355 
THR N     H2     sing N N 356 
THR CA    C      sing N N 357 
THR CA    CB     sing N N 358 
THR CA    HA     sing N N 359 
THR C     O      doub N N 360 
THR C     OXT    sing N N 361 
THR CB    OG1    sing N N 362 
THR CB    CG2    sing N N 363 
THR CB    HB     sing N N 364 
THR OG1   HG1    sing N N 365 
THR CG2   HG21   sing N N 366 
THR CG2   HG22   sing N N 367 
THR CG2   HG23   sing N N 368 
THR OXT   HXT    sing N N 369 
TRP N     CA     sing N N 370 
TRP N     H      sing N N 371 
TRP N     H2     sing N N 372 
TRP CA    C      sing N N 373 
TRP CA    CB     sing N N 374 
TRP CA    HA     sing N N 375 
TRP C     O      doub N N 376 
TRP C     OXT    sing N N 377 
TRP CB    CG     sing N N 378 
TRP CB    HB2    sing N N 379 
TRP CB    HB3    sing N N 380 
TRP CG    CD1    doub Y N 381 
TRP CG    CD2    sing Y N 382 
TRP CD1   NE1    sing Y N 383 
TRP CD1   HD1    sing N N 384 
TRP CD2   CE2    doub Y N 385 
TRP CD2   CE3    sing Y N 386 
TRP NE1   CE2    sing Y N 387 
TRP NE1   HE1    sing N N 388 
TRP CE2   CZ2    sing Y N 389 
TRP CE3   CZ3    doub Y N 390 
TRP CE3   HE3    sing N N 391 
TRP CZ2   CH2    doub Y N 392 
TRP CZ2   HZ2    sing N N 393 
TRP CZ3   CH2    sing Y N 394 
TRP CZ3   HZ3    sing N N 395 
TRP CH2   HH2    sing N N 396 
TRP OXT   HXT    sing N N 397 
TYR N     CA     sing N N 398 
TYR N     H      sing N N 399 
TYR N     H2     sing N N 400 
TYR CA    C      sing N N 401 
TYR CA    CB     sing N N 402 
TYR CA    HA     sing N N 403 
TYR C     O      doub N N 404 
TYR C     OXT    sing N N 405 
TYR CB    CG     sing N N 406 
TYR CB    HB2    sing N N 407 
TYR CB    HB3    sing N N 408 
TYR CG    CD1    doub Y N 409 
TYR CG    CD2    sing Y N 410 
TYR CD1   CE1    sing Y N 411 
TYR CD1   HD1    sing N N 412 
TYR CD2   CE2    doub Y N 413 
TYR CD2   HD2    sing N N 414 
TYR CE1   CZ     doub Y N 415 
TYR CE1   HE1    sing N N 416 
TYR CE2   CZ     sing Y N 417 
TYR CE2   HE2    sing N N 418 
TYR CZ    OH     sing N N 419 
TYR OH    HH     sing N N 420 
TYR OXT   HXT    sing N N 421 
VAL N     CA     sing N N 422 
VAL N     H      sing N N 423 
VAL N     H2     sing N N 424 
VAL CA    C      sing N N 425 
VAL CA    CB     sing N N 426 
VAL CA    HA     sing N N 427 
VAL C     O      doub N N 428 
VAL C     OXT    sing N N 429 
VAL CB    CG1    sing N N 430 
VAL CB    CG2    sing N N 431 
VAL CB    HB     sing N N 432 
VAL CG1   HG11   sing N N 433 
VAL CG1   HG12   sing N N 434 
VAL CG1   HG13   sing N N 435 
VAL CG2   HG21   sing N N 436 
VAL CG2   HG22   sing N N 437 
VAL CG2   HG23   sing N N 438 
VAL OXT   HXT    sing N N 439 
# 
loop_
_pdbx_entity_nonpoly.entity_id 
_pdbx_entity_nonpoly.name 
_pdbx_entity_nonpoly.comp_id 
2 'PHOSPHOAMINOPHOSPHONIC ACID-GUANYLATE ESTER' GNP 
3 'MAGNESIUM ION'                               MG  
4 GLYCEROL                                      GOL 
5 water                                         HOH 
# 
_pdbx_initial_refinement_model.id               1 
_pdbx_initial_refinement_model.entity_id_list   ? 
_pdbx_initial_refinement_model.type             'experimental model' 
_pdbx_initial_refinement_model.source_name      PDB 
_pdbx_initial_refinement_model.accession_code   2J0V 
_pdbx_initial_refinement_model.details          ? 
# 
